data_5N6W
#
_entry.id   5N6W
#
_entity_poly.entity_id   1
_entity_poly.type   'polypeptide(L)'
_entity_poly.pdbx_seq_one_letter_code
;STEDEGEDPWYQKACKCDCQGGPNALWSAGATSLDCIPECPYHKPLGFESGEVTPDQITCSNPEQYVGWYSSWTANKARL
NSQGFGCAWLSKFQDSSQWLQIDLKEIKVISGILTQGHCDIDEWMTKYSVQYRTDERLNWIYYKDQTGNNRVFYGNSDRT
STVQNLLRPPIISRFIRLIPLGWHVRIAIRMELLECVSKCA
;
_entity_poly.pdbx_strand_id   A,B,C,D,E,F,G,H,I,J,K,L,M,N,O,P
#
# COMPACT_ATOMS: atom_id res chain seq x y z
N CYS A 40 -23.67 -16.06 20.37
CA CYS A 40 -22.49 -15.77 19.58
C CYS A 40 -22.84 -15.76 18.08
N PRO A 41 -21.97 -15.17 17.25
CA PRO A 41 -22.26 -15.12 15.81
C PRO A 41 -22.54 -16.49 15.21
N TYR A 42 -23.73 -17.02 15.47
CA TYR A 42 -24.14 -18.32 14.95
C TYR A 42 -25.64 -18.29 14.72
N HIS A 43 -26.16 -19.38 14.15
CA HIS A 43 -27.59 -19.53 13.86
C HIS A 43 -28.16 -20.56 14.84
N LYS A 44 -28.45 -20.09 16.06
CA LYS A 44 -29.01 -20.94 17.12
C LYS A 44 -30.01 -20.11 17.92
N PRO A 45 -31.12 -19.72 17.29
CA PRO A 45 -32.12 -18.92 18.01
C PRO A 45 -32.88 -19.76 19.03
N LEU A 46 -33.72 -19.08 19.79
CA LEU A 46 -34.54 -19.75 20.79
C LEU A 46 -35.67 -20.53 20.12
N GLY A 47 -36.53 -21.10 20.94
CA GLY A 47 -37.64 -21.91 20.44
C GLY A 47 -38.99 -21.41 20.91
N PHE A 48 -39.47 -20.32 20.32
CA PHE A 48 -40.80 -19.81 20.67
C PHE A 48 -41.91 -20.53 19.91
N GLU A 49 -41.64 -20.95 18.68
CA GLU A 49 -42.65 -21.65 17.90
C GLU A 49 -43.00 -23.02 18.48
N SER A 50 -42.09 -23.62 19.26
CA SER A 50 -42.35 -24.92 19.84
C SER A 50 -43.57 -24.87 20.78
N GLY A 51 -43.64 -23.84 21.61
CA GLY A 51 -44.75 -23.71 22.54
C GLY A 51 -44.65 -24.57 23.78
N GLU A 52 -43.62 -25.41 23.90
CA GLU A 52 -43.49 -26.26 25.08
C GLU A 52 -43.21 -25.43 26.33
N VAL A 53 -42.62 -24.24 26.17
CA VAL A 53 -42.34 -23.39 27.32
C VAL A 53 -43.64 -23.00 28.00
N THR A 54 -43.62 -23.01 29.34
CA THR A 54 -44.81 -22.66 30.10
C THR A 54 -45.05 -21.15 30.03
N PRO A 55 -46.30 -20.71 30.20
CA PRO A 55 -46.58 -19.26 30.16
C PRO A 55 -46.08 -18.50 31.36
N ASP A 56 -45.58 -19.19 32.40
CA ASP A 56 -45.10 -18.48 33.59
C ASP A 56 -43.88 -17.62 33.26
N GLN A 57 -43.07 -18.03 32.28
CA GLN A 57 -41.89 -17.25 31.92
C GLN A 57 -42.29 -15.95 31.23
N ILE A 58 -43.21 -16.03 30.28
CA ILE A 58 -43.67 -14.85 29.54
C ILE A 58 -44.65 -14.08 30.42
N THR A 59 -44.11 -13.21 31.28
CA THR A 59 -44.93 -12.40 32.18
C THR A 59 -45.29 -11.09 31.51
N CYS A 60 -46.53 -10.65 31.73
CA CYS A 60 -47.02 -9.40 31.16
C CYS A 60 -48.03 -8.79 32.13
N SER A 61 -48.64 -7.69 31.69
CA SER A 61 -49.63 -6.98 32.49
C SER A 61 -50.74 -6.46 31.58
N ASN A 62 -51.44 -7.38 30.93
CA ASN A 62 -52.54 -7.04 30.01
C ASN A 62 -53.64 -8.09 30.15
N PRO A 63 -54.40 -8.04 31.24
CA PRO A 63 -55.49 -9.02 31.42
C PRO A 63 -56.48 -8.96 30.27
N GLU A 64 -56.60 -10.08 29.56
CA GLU A 64 -57.51 -10.15 28.42
C GLU A 64 -58.94 -10.45 28.88
N GLN A 65 -59.10 -11.33 29.87
CA GLN A 65 -60.42 -11.69 30.40
C GLN A 65 -60.35 -11.79 31.92
N TYR A 66 -59.69 -10.82 32.55
CA TYR A 66 -59.52 -10.78 34.00
C TYR A 66 -59.27 -12.17 34.58
N VAL A 67 -58.46 -12.97 33.89
CA VAL A 67 -58.16 -14.32 34.38
C VAL A 67 -57.08 -14.28 35.45
N GLY A 68 -56.03 -13.50 35.24
CA GLY A 68 -54.96 -13.39 36.21
C GLY A 68 -54.14 -12.12 36.04
N TRP A 69 -52.93 -12.11 36.60
CA TRP A 69 -52.06 -10.94 36.51
C TRP A 69 -50.68 -11.34 35.99
N TYR A 70 -50.32 -12.61 36.13
CA TYR A 70 -49.03 -13.09 35.66
C TYR A 70 -48.93 -12.93 34.14
N SER A 71 -49.60 -13.81 33.40
CA SER A 71 -49.59 -13.79 31.94
C SER A 71 -51.01 -13.66 31.42
N SER A 72 -51.12 -13.48 30.11
CA SER A 72 -52.41 -13.34 29.45
C SER A 72 -52.33 -13.75 27.99
N TRP A 73 -51.48 -13.04 27.23
CA TRP A 73 -51.32 -13.36 25.81
C TRP A 73 -50.34 -14.52 25.61
N THR A 74 -49.31 -14.60 26.45
CA THR A 74 -48.28 -15.63 26.36
C THR A 74 -47.91 -15.95 24.91
N ALA A 75 -47.45 -17.18 24.66
CA ALA A 75 -47.07 -17.62 23.32
C ALA A 75 -48.22 -18.26 22.56
N ASN A 76 -49.46 -17.85 22.84
CA ASN A 76 -50.61 -18.43 22.15
C ASN A 76 -50.82 -17.79 20.78
N LYS A 77 -50.66 -16.47 20.69
CA LYS A 77 -50.83 -15.74 19.43
C LYS A 77 -49.64 -14.81 19.20
N ALA A 78 -48.43 -15.28 19.53
CA ALA A 78 -47.22 -14.48 19.35
C ALA A 78 -46.04 -15.45 19.27
N ARG A 79 -45.78 -15.95 18.06
CA ARG A 79 -44.70 -16.89 17.82
C ARG A 79 -44.05 -16.54 16.48
N LEU A 80 -42.98 -17.26 16.15
CA LEU A 80 -42.26 -17.05 14.90
C LEU A 80 -43.10 -17.60 13.76
N ASN A 81 -43.84 -16.71 13.08
CA ASN A 81 -44.70 -17.11 11.96
C ASN A 81 -45.69 -18.18 12.39
N SER A 82 -46.86 -17.74 12.87
CA SER A 82 -47.90 -18.65 13.32
C SER A 82 -49.22 -18.21 12.70
N GLN A 83 -49.75 -18.99 11.78
CA GLN A 83 -51.00 -18.65 11.12
C GLN A 83 -52.16 -18.76 12.10
N GLY A 84 -53.06 -17.78 12.06
CA GLY A 84 -54.21 -17.76 12.94
C GLY A 84 -54.78 -16.36 13.06
N PHE A 85 -55.59 -16.17 14.09
CA PHE A 85 -56.22 -14.88 14.34
C PHE A 85 -55.17 -13.83 14.67
N GLY A 86 -54.51 -13.97 15.81
CA GLY A 86 -53.49 -13.04 16.23
C GLY A 86 -52.13 -13.37 15.66
N CYS A 87 -51.69 -12.62 14.65
CA CYS A 87 -50.39 -12.87 14.03
C CYS A 87 -49.23 -12.45 14.91
N ALA A 88 -49.46 -11.53 15.84
CA ALA A 88 -48.42 -11.06 16.74
C ALA A 88 -49.06 -10.65 18.06
N TRP A 89 -48.25 -10.08 18.96
CA TRP A 89 -48.72 -9.63 20.26
C TRP A 89 -49.20 -8.19 20.15
N LEU A 90 -50.49 -7.98 20.39
CA LEU A 90 -51.09 -6.66 20.32
C LEU A 90 -51.02 -5.97 21.68
N SER A 91 -51.37 -4.68 21.69
CA SER A 91 -51.35 -3.89 22.90
C SER A 91 -52.56 -2.96 22.90
N LYS A 92 -53.33 -2.99 24.00
CA LYS A 92 -54.52 -2.15 24.10
C LYS A 92 -54.15 -0.75 24.60
N PHE A 93 -53.78 -0.63 25.87
CA PHE A 93 -53.42 0.66 26.42
C PHE A 93 -52.09 1.14 25.86
N GLN A 94 -51.99 2.45 25.63
CA GLN A 94 -50.77 3.05 25.08
C GLN A 94 -49.75 3.25 26.21
N ASP A 95 -49.18 2.13 26.65
CA ASP A 95 -48.19 2.14 27.71
C ASP A 95 -46.83 2.48 27.14
N SER A 96 -46.23 3.57 27.63
CA SER A 96 -44.92 3.99 27.15
C SER A 96 -43.81 3.10 27.71
N SER A 97 -43.80 2.90 29.03
CA SER A 97 -42.79 2.07 29.68
C SER A 97 -43.24 0.62 29.65
N GLN A 98 -43.29 0.08 28.44
CA GLN A 98 -43.70 -1.31 28.24
C GLN A 98 -42.54 -2.24 28.52
N TRP A 99 -42.87 -3.41 29.08
CA TRP A 99 -41.87 -4.42 29.40
C TRP A 99 -42.43 -5.80 29.12
N LEU A 100 -41.54 -6.78 28.97
CA LEU A 100 -41.93 -8.15 28.69
C LEU A 100 -40.83 -9.07 29.18
N GLN A 101 -41.07 -9.75 30.30
CA GLN A 101 -40.07 -10.64 30.86
C GLN A 101 -39.83 -11.82 29.93
N ILE A 102 -38.56 -12.21 29.80
CA ILE A 102 -38.15 -13.33 28.95
C ILE A 102 -37.17 -14.16 29.77
N ASP A 103 -37.69 -15.15 30.49
CA ASP A 103 -36.86 -16.01 31.33
C ASP A 103 -36.31 -17.15 30.48
N LEU A 104 -34.98 -17.19 30.34
CA LEU A 104 -34.31 -18.23 29.57
C LEU A 104 -34.05 -19.45 30.45
N LYS A 105 -33.43 -20.47 29.85
CA LYS A 105 -33.13 -21.68 30.60
C LYS A 105 -32.01 -21.44 31.61
N GLU A 106 -30.99 -20.71 31.22
CA GLU A 106 -29.86 -20.41 32.10
C GLU A 106 -29.12 -19.20 31.53
N ILE A 107 -28.07 -18.79 32.21
CA ILE A 107 -27.28 -17.64 31.78
C ILE A 107 -26.50 -18.03 30.52
N LYS A 108 -26.65 -17.23 29.47
CA LYS A 108 -25.97 -17.47 28.21
C LYS A 108 -25.54 -16.13 27.62
N VAL A 109 -24.68 -16.20 26.61
CA VAL A 109 -24.17 -15.02 25.93
C VAL A 109 -25.09 -14.72 24.76
N ILE A 110 -25.93 -13.70 24.90
CA ILE A 110 -26.86 -13.31 23.86
C ILE A 110 -26.20 -12.26 22.97
N SER A 111 -26.39 -12.41 21.66
CA SER A 111 -25.81 -11.47 20.70
C SER A 111 -26.67 -11.48 19.44
N GLY A 112 -27.24 -10.33 19.12
CA GLY A 112 -28.09 -10.20 17.95
C GLY A 112 -29.56 -10.46 18.26
N ILE A 113 -30.40 -9.99 17.35
CA ILE A 113 -31.85 -10.15 17.50
C ILE A 113 -32.49 -9.84 16.15
N LEU A 114 -33.46 -10.66 15.77
CA LEU A 114 -34.17 -10.48 14.51
C LEU A 114 -35.22 -9.38 14.64
N THR A 115 -35.74 -8.95 13.49
CA THR A 115 -36.77 -7.90 13.44
C THR A 115 -37.79 -8.26 12.38
N GLN A 116 -39.06 -8.18 12.74
CA GLN A 116 -40.15 -8.49 11.82
C GLN A 116 -41.25 -7.45 12.04
N GLY A 117 -42.39 -7.67 11.37
CA GLY A 117 -43.52 -6.77 11.46
C GLY A 117 -44.80 -7.54 11.75
N HIS A 118 -45.91 -7.02 11.23
CA HIS A 118 -47.22 -7.62 11.42
C HIS A 118 -47.98 -7.61 10.10
N CYS A 119 -48.61 -8.72 9.77
CA CYS A 119 -49.36 -8.84 8.52
C CYS A 119 -50.68 -8.08 8.62
N ASP A 120 -51.43 -8.09 7.53
CA ASP A 120 -52.72 -7.41 7.47
C ASP A 120 -52.56 -5.93 7.81
N ILE A 121 -52.49 -5.61 9.10
CA ILE A 121 -52.32 -4.24 9.55
C ILE A 121 -50.83 -4.03 9.84
N ASP A 122 -50.16 -3.28 8.98
CA ASP A 122 -48.74 -3.03 9.14
C ASP A 122 -48.47 -2.24 10.42
N GLU A 123 -47.57 -2.77 11.25
CA GLU A 123 -47.19 -2.11 12.50
C GLU A 123 -45.70 -2.31 12.73
N TRP A 124 -45.05 -1.27 13.26
CA TRP A 124 -43.62 -1.32 13.50
C TRP A 124 -43.26 -0.28 14.56
N MET A 125 -42.12 -0.49 15.20
CA MET A 125 -41.63 0.43 16.21
C MET A 125 -40.72 1.48 15.58
N THR A 126 -40.17 2.36 16.42
CA THR A 126 -39.29 3.42 15.94
C THR A 126 -38.09 3.58 16.87
N LYS A 127 -38.33 3.50 18.18
CA LYS A 127 -37.28 3.65 19.17
C LYS A 127 -37.50 2.66 20.30
N TYR A 128 -36.40 2.12 20.81
CA TYR A 128 -36.45 1.16 21.90
C TYR A 128 -35.06 1.07 22.53
N SER A 129 -34.95 0.23 23.55
CA SER A 129 -33.68 0.04 24.25
C SER A 129 -33.66 -1.34 24.88
N VAL A 130 -32.56 -2.06 24.69
CA VAL A 130 -32.41 -3.40 25.25
C VAL A 130 -31.95 -3.28 26.70
N GLN A 131 -32.37 -4.24 27.52
CA GLN A 131 -32.03 -4.28 28.94
C GLN A 131 -31.53 -5.67 29.30
N TYR A 132 -30.83 -5.75 30.43
CA TYR A 132 -30.29 -7.01 30.92
C TYR A 132 -30.02 -6.88 32.41
N ARG A 133 -30.27 -7.97 33.13
CA ARG A 133 -30.10 -8.01 34.58
C ARG A 133 -29.58 -9.38 34.97
N THR A 134 -29.36 -9.57 36.28
CA THR A 134 -28.85 -10.83 36.79
C THR A 134 -29.57 -11.22 38.08
N ASP A 135 -29.46 -10.37 39.11
CA ASP A 135 -30.08 -10.67 40.40
C ASP A 135 -31.59 -10.49 40.39
N GLU A 136 -32.18 -10.07 39.26
CA GLU A 136 -33.64 -9.91 39.16
C GLU A 136 -34.15 -8.86 40.13
N ARG A 137 -33.33 -7.87 40.46
CA ARG A 137 -33.70 -6.81 41.40
C ARG A 137 -33.17 -5.47 40.92
N LEU A 138 -33.22 -5.23 39.62
CA LEU A 138 -32.75 -3.98 39.04
C LEU A 138 -33.09 -3.99 37.56
N ASN A 139 -32.78 -2.88 36.88
CA ASN A 139 -33.02 -2.75 35.45
C ASN A 139 -31.94 -1.87 34.86
N TRP A 140 -31.17 -2.42 33.93
CA TRP A 140 -30.07 -1.71 33.28
C TRP A 140 -30.38 -1.51 31.81
N ILE A 141 -29.81 -0.45 31.25
CA ILE A 141 -29.99 -0.11 29.84
C ILE A 141 -28.77 -0.56 29.07
N TYR A 142 -28.98 -0.93 27.80
CA TYR A 142 -27.91 -1.41 26.94
C TYR A 142 -27.21 -0.23 26.29
N TYR A 143 -25.91 -0.09 26.55
CA TYR A 143 -25.10 0.97 25.98
C TYR A 143 -23.88 0.35 25.31
N LYS A 144 -23.58 0.81 24.10
CA LYS A 144 -22.44 0.31 23.35
C LYS A 144 -21.23 1.23 23.55
N ASP A 145 -20.08 0.78 23.02
CA ASP A 145 -18.85 1.55 23.14
C ASP A 145 -18.69 2.59 22.03
N GLN A 146 -19.22 2.32 20.84
CA GLN A 146 -19.13 3.24 19.71
C GLN A 146 -20.34 4.16 19.60
N THR A 147 -20.86 4.65 20.73
CA THR A 147 -22.02 5.54 20.76
C THR A 147 -21.69 6.70 21.69
N GLY A 148 -21.09 7.75 21.14
CA GLY A 148 -20.73 8.91 21.92
C GLY A 148 -21.78 10.00 21.86
N ASN A 149 -23.05 9.60 21.81
CA ASN A 149 -24.16 10.55 21.74
C ASN A 149 -25.41 9.84 22.24
N ASN A 150 -26.56 10.47 22.05
CA ASN A 150 -27.84 9.92 22.48
C ASN A 150 -28.47 9.06 21.37
N ARG A 151 -27.67 8.16 20.81
CA ARG A 151 -28.15 7.28 19.75
C ARG A 151 -29.09 6.23 20.31
N VAL A 152 -30.08 5.84 19.50
CA VAL A 152 -31.07 4.85 19.88
C VAL A 152 -31.25 3.87 18.72
N PHE A 153 -31.52 2.62 19.06
CA PHE A 153 -31.71 1.60 18.04
C PHE A 153 -32.93 1.92 17.18
N TYR A 154 -32.89 1.44 15.94
CA TYR A 154 -33.97 1.69 14.99
C TYR A 154 -35.00 0.57 15.04
N GLY A 155 -34.69 -0.56 14.41
CA GLY A 155 -35.61 -1.69 14.37
C GLY A 155 -35.93 -2.12 12.96
N ASN A 156 -37.05 -1.66 12.43
CA ASN A 156 -37.49 -2.00 11.08
C ASN A 156 -38.67 -1.09 10.73
N SER A 157 -39.23 -1.32 9.54
CA SER A 157 -40.38 -0.56 9.08
C SER A 157 -41.12 -1.29 7.97
N ASP A 158 -41.09 -2.63 8.02
CA ASP A 158 -41.75 -3.44 7.01
C ASP A 158 -41.76 -4.89 7.49
N ARG A 159 -42.86 -5.59 7.25
CA ARG A 159 -42.97 -6.98 7.68
C ARG A 159 -42.00 -7.87 6.90
N THR A 160 -41.68 -7.50 5.66
CA THR A 160 -40.77 -8.30 4.86
C THR A 160 -39.30 -8.00 5.17
N SER A 161 -39.01 -6.79 5.64
CA SER A 161 -37.63 -6.41 5.96
C SER A 161 -37.12 -7.24 7.14
N THR A 162 -35.80 -7.42 7.17
CA THR A 162 -35.15 -8.18 8.24
C THR A 162 -33.88 -7.44 8.67
N VAL A 163 -34.05 -6.18 9.08
CA VAL A 163 -32.92 -5.36 9.52
C VAL A 163 -32.43 -5.88 10.86
N GLN A 164 -31.33 -6.62 10.85
CA GLN A 164 -30.76 -7.18 12.07
C GLN A 164 -29.83 -6.16 12.73
N ASN A 165 -29.44 -6.47 13.97
CA ASN A 165 -28.54 -5.63 14.76
C ASN A 165 -27.48 -6.55 15.38
N LEU A 166 -26.39 -6.75 14.66
CA LEU A 166 -25.31 -7.61 15.12
C LEU A 166 -24.64 -6.98 16.34
N LEU A 167 -24.85 -7.58 17.52
CA LEU A 167 -24.26 -7.08 18.76
C LEU A 167 -22.99 -7.89 19.02
N ARG A 168 -21.87 -7.38 18.50
CA ARG A 168 -20.58 -8.04 18.66
C ARG A 168 -20.17 -8.11 20.13
N PRO A 169 -20.32 -7.03 20.89
CA PRO A 169 -19.93 -7.06 22.31
C PRO A 169 -20.68 -8.16 23.05
N PRO A 170 -19.96 -9.17 23.56
CA PRO A 170 -20.66 -10.22 24.31
C PRO A 170 -21.38 -9.66 25.52
N ILE A 171 -22.58 -10.21 25.77
CA ILE A 171 -23.41 -9.78 26.88
C ILE A 171 -23.73 -11.02 27.71
N ILE A 172 -23.09 -11.13 28.88
CA ILE A 172 -23.30 -12.26 29.77
C ILE A 172 -24.49 -11.91 30.67
N SER A 173 -25.67 -12.39 30.29
CA SER A 173 -26.89 -12.11 31.05
C SER A 173 -27.88 -13.25 30.77
N ARG A 174 -29.12 -13.05 31.20
CA ARG A 174 -30.17 -14.06 31.01
C ARG A 174 -31.48 -13.39 30.63
N PHE A 175 -32.02 -12.56 31.52
CA PHE A 175 -33.27 -11.87 31.25
C PHE A 175 -33.03 -10.65 30.38
N ILE A 176 -33.89 -10.47 29.38
CA ILE A 176 -33.79 -9.35 28.45
C ILE A 176 -35.19 -8.76 28.26
N ARG A 177 -35.26 -7.43 28.19
CA ARG A 177 -36.52 -6.74 28.00
C ARG A 177 -36.30 -5.58 27.02
N LEU A 178 -37.41 -5.03 26.54
CA LEU A 178 -37.38 -3.92 25.59
C LEU A 178 -38.27 -2.79 26.11
N ILE A 179 -37.81 -1.56 25.93
CA ILE A 179 -38.54 -0.38 26.37
C ILE A 179 -38.91 0.45 25.14
N PRO A 180 -39.91 0.04 24.36
CA PRO A 180 -40.29 0.81 23.16
C PRO A 180 -40.90 2.15 23.54
N LEU A 181 -40.27 3.23 23.10
CA LEU A 181 -40.75 4.58 23.39
C LEU A 181 -41.77 5.07 22.37
N GLY A 182 -41.85 4.45 21.19
CA GLY A 182 -42.79 4.86 20.18
C GLY A 182 -43.23 3.68 19.33
N TRP A 183 -44.23 3.94 18.50
CA TRP A 183 -44.78 2.91 17.61
C TRP A 183 -45.67 3.60 16.59
N HIS A 184 -46.15 2.81 15.63
CA HIS A 184 -47.00 3.35 14.56
C HIS A 184 -48.45 3.45 15.03
N VAL A 185 -49.02 2.34 15.49
CA VAL A 185 -50.39 2.33 15.98
C VAL A 185 -50.45 1.49 17.25
N ARG A 186 -49.88 0.29 17.20
CA ARG A 186 -49.84 -0.59 18.36
C ARG A 186 -48.55 -1.40 18.32
N ILE A 187 -48.04 -1.73 19.50
CA ILE A 187 -46.81 -2.50 19.60
C ILE A 187 -47.08 -3.93 19.14
N ALA A 188 -46.38 -4.36 18.10
CA ALA A 188 -46.55 -5.71 17.57
C ALA A 188 -45.31 -6.06 16.77
N ILE A 189 -44.53 -7.02 17.28
CA ILE A 189 -43.30 -7.46 16.62
C ILE A 189 -42.98 -8.88 17.08
N ARG A 190 -42.64 -9.74 16.14
CA ARG A 190 -42.30 -11.13 16.42
C ARG A 190 -40.81 -11.19 16.74
N MET A 191 -40.47 -10.90 17.98
CA MET A 191 -39.08 -10.91 18.40
C MET A 191 -38.50 -12.32 18.31
N GLU A 192 -37.17 -12.40 18.38
CA GLU A 192 -36.47 -13.67 18.31
C GLU A 192 -35.03 -13.52 18.77
N LEU A 193 -34.79 -13.69 20.06
CA LEU A 193 -33.44 -13.55 20.61
C LEU A 193 -32.51 -14.61 20.02
N LEU A 194 -31.22 -14.36 20.15
CA LEU A 194 -30.18 -15.26 19.66
C LEU A 194 -29.23 -15.60 20.80
N GLU A 195 -29.10 -16.89 21.09
CA GLU A 195 -28.23 -17.37 22.15
C GLU A 195 -26.97 -17.99 21.55
N CYS A 196 -25.94 -18.08 22.38
CA CYS A 196 -24.67 -18.67 21.95
C CYS A 196 -24.69 -20.18 22.09
N CYS B 40 -12.52 -4.48 32.50
CA CYS B 40 -12.00 -4.72 31.17
C CYS B 40 -13.07 -4.42 30.11
N PRO B 41 -12.66 -4.24 28.86
CA PRO B 41 -13.64 -3.95 27.79
C PRO B 41 -14.76 -4.97 27.73
N TYR B 42 -15.69 -4.89 28.67
CA TYR B 42 -16.84 -5.80 28.71
C TYR B 42 -18.02 -5.04 29.30
N HIS B 43 -19.17 -5.70 29.33
CA HIS B 43 -20.41 -5.13 29.86
C HIS B 43 -20.72 -5.83 31.18
N LYS B 44 -20.04 -5.39 32.25
CA LYS B 44 -20.23 -5.95 33.59
C LYS B 44 -20.14 -4.81 34.60
N PRO B 45 -21.10 -3.90 34.58
CA PRO B 45 -21.07 -2.78 35.53
C PRO B 45 -21.41 -3.24 36.94
N LEU B 46 -21.29 -2.30 37.88
CA LEU B 46 -21.60 -2.57 39.27
C LEU B 46 -23.12 -2.67 39.46
N GLY B 47 -23.53 -2.83 40.71
CA GLY B 47 -24.94 -2.95 41.03
C GLY B 47 -25.42 -1.93 42.03
N PHE B 48 -25.63 -0.69 41.56
CA PHE B 48 -26.15 0.37 42.44
C PHE B 48 -27.67 0.31 42.54
N GLU B 49 -28.35 -0.07 41.47
CA GLU B 49 -29.81 -0.14 41.49
C GLU B 49 -30.32 -1.23 42.44
N SER B 50 -29.50 -2.24 42.73
CA SER B 50 -29.95 -3.31 43.62
C SER B 50 -30.27 -2.77 45.01
N GLY B 51 -29.42 -1.88 45.53
CA GLY B 51 -29.62 -1.31 46.85
C GLY B 51 -29.22 -2.19 48.00
N GLU B 52 -28.81 -3.44 47.74
CA GLU B 52 -28.40 -4.33 48.82
C GLU B 52 -27.14 -3.84 49.53
N VAL B 53 -26.30 -3.05 48.86
CA VAL B 53 -25.09 -2.55 49.49
C VAL B 53 -25.46 -1.67 50.69
N THR B 54 -24.69 -1.81 51.76
CA THR B 54 -24.95 -1.03 52.96
C THR B 54 -24.51 0.42 52.76
N PRO B 55 -25.11 1.36 53.49
CA PRO B 55 -24.71 2.77 53.34
C PRO B 55 -23.34 3.10 53.89
N ASP B 56 -22.71 2.17 54.60
CA ASP B 56 -21.39 2.44 55.16
C ASP B 56 -20.35 2.67 54.08
N GLN B 57 -20.51 2.02 52.92
CA GLN B 57 -19.55 2.19 51.83
C GLN B 57 -19.67 3.57 51.20
N ILE B 58 -20.90 4.00 50.90
CA ILE B 58 -21.12 5.31 50.29
C ILE B 58 -20.99 6.38 51.37
N THR B 59 -19.75 6.82 51.61
CA THR B 59 -19.49 7.85 52.62
C THR B 59 -19.54 9.23 51.98
N CYS B 60 -20.10 10.19 52.71
CA CYS B 60 -20.22 11.55 52.24
C CYS B 60 -20.12 12.50 53.43
N SER B 61 -20.33 13.79 53.18
CA SER B 61 -20.27 14.81 54.21
C SER B 61 -21.33 15.87 53.92
N ASN B 62 -22.60 15.46 53.93
CA ASN B 62 -23.73 16.34 53.67
C ASN B 62 -24.89 15.94 54.57
N PRO B 63 -24.81 16.26 55.86
CA PRO B 63 -25.91 15.91 56.78
C PRO B 63 -27.22 16.53 56.33
N GLU B 64 -28.19 15.66 56.03
CA GLU B 64 -29.50 16.12 55.59
C GLU B 64 -30.39 16.51 56.77
N GLN B 65 -30.34 15.73 57.85
CA GLN B 65 -31.13 16.00 59.04
C GLN B 65 -30.29 15.76 60.29
N TYR B 66 -29.04 16.23 60.28
CA TYR B 66 -28.10 16.07 61.38
C TYR B 66 -28.21 14.69 62.02
N VAL B 67 -28.36 13.65 61.20
CA VAL B 67 -28.47 12.29 61.71
C VAL B 67 -27.09 11.73 62.03
N GLY B 68 -26.13 11.92 61.14
CA GLY B 68 -24.79 11.43 61.35
C GLY B 68 -23.75 12.16 60.52
N TRP B 69 -22.57 11.57 60.37
CA TRP B 69 -21.50 12.18 59.60
C TRP B 69 -20.97 11.22 58.53
N TYR B 70 -21.20 9.92 58.72
CA TYR B 70 -20.76 8.92 57.75
C TYR B 70 -21.46 9.14 56.41
N SER B 71 -22.73 8.75 56.32
CA SER B 71 -23.52 8.88 55.11
C SER B 71 -24.76 9.71 55.39
N SER B 72 -25.49 10.02 54.32
CA SER B 72 -26.70 10.82 54.42
C SER B 72 -27.62 10.55 53.23
N TRP B 73 -27.13 10.83 52.02
CA TRP B 73 -27.93 10.59 50.82
C TRP B 73 -27.86 9.14 50.38
N THR B 74 -26.69 8.51 50.52
CA THR B 74 -26.45 7.13 50.12
C THR B 74 -27.14 6.81 48.80
N ALA B 75 -27.48 5.53 48.59
CA ALA B 75 -28.15 5.09 47.38
C ALA B 75 -29.68 5.13 47.50
N ASN B 76 -30.22 6.03 48.31
CA ASN B 76 -31.66 6.12 48.47
C ASN B 76 -32.31 6.88 47.31
N LYS B 77 -31.67 7.97 46.86
CA LYS B 77 -32.19 8.78 45.76
C LYS B 77 -31.10 9.04 44.73
N ALA B 78 -30.21 8.07 44.50
CA ALA B 78 -29.13 8.23 43.53
C ALA B 78 -28.75 6.83 43.05
N ARG B 79 -29.47 6.34 42.05
CA ARG B 79 -29.23 5.02 41.48
C ARG B 79 -29.38 5.12 39.96
N LEU B 80 -29.08 4.01 39.28
CA LEU B 80 -29.17 3.95 37.82
C LEU B 80 -30.64 3.95 37.43
N ASN B 81 -31.15 5.13 37.07
CA ASN B 81 -32.55 5.27 36.67
C ASN B 81 -33.48 4.78 37.76
N SER B 82 -33.86 5.67 38.68
CA SER B 82 -34.75 5.33 39.78
C SER B 82 -35.82 6.41 39.87
N GLN B 83 -37.07 6.04 39.54
CA GLN B 83 -38.16 7.00 39.59
C GLN B 83 -38.48 7.37 41.03
N GLY B 84 -38.72 8.66 41.26
CA GLY B 84 -39.04 9.14 42.59
C GLY B 84 -38.77 10.64 42.69
N PHE B 85 -38.69 11.10 43.94
CA PHE B 85 -38.44 12.51 44.20
C PHE B 85 -37.05 12.91 43.71
N GLY B 86 -36.01 12.38 44.34
CA GLY B 86 -34.65 12.68 43.95
C GLY B 86 -34.15 11.79 42.84
N CYS B 87 -34.06 12.32 41.62
CA CYS B 87 -33.59 11.54 40.48
C CYS B 87 -32.10 11.29 40.53
N ALA B 88 -31.33 12.12 41.24
CA ALA B 88 -29.89 11.96 41.33
C ALA B 88 -29.44 12.52 42.68
N TRP B 89 -28.13 12.56 42.88
CA TRP B 89 -27.54 13.06 44.11
C TRP B 89 -27.32 14.57 43.99
N LEU B 90 -28.01 15.34 44.82
CA LEU B 90 -27.89 16.79 44.80
C LEU B 90 -26.79 17.25 45.75
N SER B 91 -26.48 18.54 45.67
CA SER B 91 -25.45 19.14 46.52
C SER B 91 -25.90 20.51 46.96
N LYS B 92 -25.84 20.77 48.27
CA LYS B 92 -26.26 22.07 48.79
C LYS B 92 -25.12 23.08 48.73
N PHE B 93 -24.11 22.90 49.56
CA PHE B 93 -22.97 23.82 49.57
C PHE B 93 -22.14 23.64 48.31
N GLN B 94 -21.62 24.76 47.80
CA GLN B 94 -20.80 24.76 46.59
C GLN B 94 -19.37 24.36 46.96
N ASP B 95 -19.21 23.07 47.25
CA ASP B 95 -17.91 22.52 47.62
C ASP B 95 -17.10 22.22 46.36
N SER B 96 -15.94 22.85 46.23
CA SER B 96 -15.10 22.63 45.07
C SER B 96 -14.38 21.29 45.14
N SER B 97 -13.73 21.00 46.27
CA SER B 97 -13.01 19.74 46.45
C SER B 97 -13.98 18.67 46.95
N GLN B 98 -14.93 18.33 46.09
CA GLN B 98 -15.93 17.33 46.43
C GLN B 98 -15.37 15.93 46.24
N TRP B 99 -15.80 15.01 47.11
CA TRP B 99 -15.35 13.63 47.06
C TRP B 99 -16.52 12.71 47.41
N LEU B 100 -16.38 11.45 47.03
CA LEU B 100 -17.42 10.46 47.28
C LEU B 100 -16.76 9.09 47.30
N GLN B 101 -16.61 8.51 48.50
CA GLN B 101 -15.99 7.21 48.62
C GLN B 101 -16.84 6.13 47.96
N ILE B 102 -16.18 5.20 47.28
CA ILE B 102 -16.85 4.10 46.58
C ILE B 102 -16.06 2.83 46.93
N ASP B 103 -16.46 2.16 48.00
CA ASP B 103 -15.80 0.94 48.43
C ASP B 103 -16.36 -0.25 47.68
N LEU B 104 -15.52 -0.91 46.88
CA LEU B 104 -15.92 -2.07 46.11
C LEU B 104 -15.78 -3.33 46.96
N LYS B 105 -16.12 -4.47 46.35
CA LYS B 105 -16.02 -5.74 47.05
C LYS B 105 -14.56 -6.14 47.27
N GLU B 106 -13.73 -5.96 46.25
CA GLU B 106 -12.31 -6.30 46.34
C GLU B 106 -11.58 -5.55 45.24
N ILE B 107 -10.26 -5.74 45.17
CA ILE B 107 -9.45 -5.08 44.16
C ILE B 107 -9.75 -5.68 42.80
N LYS B 108 -10.11 -4.82 41.84
CA LYS B 108 -10.42 -5.26 40.49
C LYS B 108 -9.87 -4.24 39.50
N VAL B 109 -9.84 -4.63 38.22
CA VAL B 109 -9.33 -3.78 37.16
C VAL B 109 -10.52 -2.99 36.60
N ILE B 110 -10.58 -1.71 36.94
CA ILE B 110 -11.64 -0.84 36.49
C ILE B 110 -11.22 -0.16 35.19
N SER B 111 -12.14 -0.10 34.23
CA SER B 111 -11.86 0.53 32.94
C SER B 111 -13.16 1.03 32.36
N GLY B 112 -13.25 2.34 32.15
CA GLY B 112 -14.44 2.95 31.59
C GLY B 112 -15.41 3.40 32.67
N ILE B 113 -16.33 4.28 32.25
CA ILE B 113 -17.34 4.82 33.16
C ILE B 113 -18.40 5.51 32.32
N LEU B 114 -19.66 5.28 32.67
CA LEU B 114 -20.77 5.87 31.96
C LEU B 114 -20.97 7.33 32.39
N THR B 115 -21.78 8.05 31.63
CA THR B 115 -22.08 9.46 31.90
C THR B 115 -23.55 9.71 31.63
N GLN B 116 -24.22 10.36 32.57
CA GLN B 116 -25.64 10.69 32.44
C GLN B 116 -25.86 12.10 32.97
N GLY B 117 -27.12 12.50 33.07
CA GLY B 117 -27.49 13.82 33.54
C GLY B 117 -28.56 13.73 34.61
N HIS B 118 -29.41 14.76 34.65
CA HIS B 118 -30.49 14.84 35.60
C HIS B 118 -31.75 15.31 34.89
N CYS B 119 -32.88 14.66 35.19
CA CYS B 119 -34.15 15.01 34.57
C CYS B 119 -34.70 16.30 35.18
N ASP B 120 -35.84 16.73 34.67
CA ASP B 120 -36.49 17.95 35.16
C ASP B 120 -35.54 19.14 35.05
N ILE B 121 -34.64 19.28 36.01
CA ILE B 121 -33.67 20.37 36.03
C ILE B 121 -32.36 19.82 35.44
N ASP B 122 -32.03 20.23 34.23
CA ASP B 122 -30.83 19.76 33.57
C ASP B 122 -29.59 20.21 34.32
N GLU B 123 -28.72 19.27 34.66
CA GLU B 123 -27.48 19.56 35.36
C GLU B 123 -26.38 18.66 34.81
N TRP B 124 -25.17 19.22 34.70
CA TRP B 124 -24.04 18.47 34.16
C TRP B 124 -22.75 19.13 34.64
N MET B 125 -21.67 18.35 34.62
CA MET B 125 -20.37 18.84 35.01
C MET B 125 -19.61 19.38 33.80
N THR B 126 -18.38 19.82 34.03
CA THR B 126 -17.56 20.37 32.96
C THR B 126 -16.12 19.87 33.07
N LYS B 127 -15.60 19.81 34.30
CA LYS B 127 -14.24 19.36 34.54
C LYS B 127 -14.20 18.49 35.79
N TYR B 128 -13.37 17.46 35.76
CA TYR B 128 -13.23 16.56 36.90
C TYR B 128 -11.93 15.77 36.71
N SER B 129 -11.65 14.89 37.66
CA SER B 129 -10.45 14.07 37.62
C SER B 129 -10.68 12.80 38.42
N VAL B 130 -10.32 11.66 37.83
CA VAL B 130 -10.49 10.37 38.50
C VAL B 130 -9.31 10.14 39.44
N GLN B 131 -9.58 9.43 40.54
CA GLN B 131 -8.57 9.12 41.53
C GLN B 131 -8.62 7.63 41.86
N TYR B 132 -7.53 7.14 42.45
CA TYR B 132 -7.42 5.74 42.83
C TYR B 132 -6.36 5.60 43.90
N ARG B 133 -6.61 4.71 44.85
CA ARG B 133 -5.70 4.47 45.97
C ARG B 133 -5.71 2.99 46.31
N THR B 134 -4.92 2.62 47.31
CA THR B 134 -4.82 1.22 47.73
C THR B 134 -4.78 1.13 49.26
N ASP B 135 -3.77 1.73 49.88
CA ASP B 135 -3.63 1.66 51.33
C ASP B 135 -4.63 2.53 52.08
N GLU B 136 -5.49 3.28 51.36
CA GLU B 136 -6.50 4.12 51.99
C GLU B 136 -5.87 5.21 52.87
N ARG B 137 -4.67 5.65 52.50
CA ARG B 137 -3.95 6.68 53.25
C ARG B 137 -3.25 7.64 52.30
N LEU B 138 -3.91 7.98 51.20
CA LEU B 138 -3.35 8.90 50.22
C LEU B 138 -4.42 9.18 49.17
N ASN B 139 -4.09 10.06 48.22
CA ASN B 139 -5.00 10.40 47.14
C ASN B 139 -4.17 10.71 45.90
N TRP B 140 -4.38 9.93 44.84
CA TRP B 140 -3.65 10.09 43.59
C TRP B 140 -4.59 10.53 42.48
N ILE B 141 -4.04 11.24 41.50
CA ILE B 141 -4.80 11.73 40.37
C ILE B 141 -4.56 10.82 39.17
N TYR B 142 -5.57 10.70 38.32
CA TYR B 142 -5.50 9.83 37.15
C TYR B 142 -4.85 10.59 36.00
N TYR B 143 -3.72 10.07 35.51
CA TYR B 143 -2.99 10.66 34.40
C TYR B 143 -2.78 9.59 33.33
N LYS B 144 -3.03 9.95 32.08
CA LYS B 144 -2.85 9.04 30.97
C LYS B 144 -1.49 9.25 30.32
N ASP B 145 -1.16 8.36 29.38
CA ASP B 145 0.11 8.44 28.67
C ASP B 145 0.07 9.36 27.46
N GLN B 146 -1.08 9.48 26.81
CA GLN B 146 -1.24 10.33 25.63
C GLN B 146 -1.77 11.72 25.99
N THR B 147 -1.29 12.29 27.08
CA THR B 147 -1.71 13.63 27.53
C THR B 147 -0.46 14.41 27.90
N GLY B 148 0.12 15.08 26.90
CA GLY B 148 1.32 15.87 27.12
C GLY B 148 1.02 17.33 27.40
N ASN B 149 -0.09 17.59 28.10
CA ASN B 149 -0.50 18.95 28.42
C ASN B 149 -1.42 18.89 29.64
N ASN B 150 -2.06 20.00 29.95
CA ASN B 150 -2.98 20.09 31.08
C ASN B 150 -4.40 19.72 30.67
N ARG B 151 -4.55 18.60 29.97
CA ARG B 151 -5.86 18.15 29.53
C ARG B 151 -6.68 17.63 30.70
N VAL B 152 -8.00 17.83 30.61
CA VAL B 152 -8.92 17.40 31.65
C VAL B 152 -10.12 16.73 30.98
N PHE B 153 -10.66 15.72 31.66
CA PHE B 153 -11.81 15.00 31.12
C PHE B 153 -13.00 15.93 30.99
N TYR B 154 -13.87 15.59 30.03
CA TYR B 154 -15.06 16.40 29.75
C TYR B 154 -16.25 15.91 30.57
N GLY B 155 -16.88 14.82 30.11
CA GLY B 155 -18.03 14.27 30.78
C GLY B 155 -19.24 14.15 29.88
N ASN B 156 -20.12 15.15 29.94
CA ASN B 156 -21.33 15.16 29.12
C ASN B 156 -21.97 16.54 29.25
N SER B 157 -23.13 16.71 28.60
CA SER B 157 -23.86 17.96 28.65
C SER B 157 -25.31 17.76 28.27
N ASP B 158 -25.85 16.57 28.57
CA ASP B 158 -27.24 16.26 28.25
C ASP B 158 -27.60 14.95 28.95
N ARG B 159 -28.83 14.89 29.48
CA ARG B 159 -29.27 13.68 30.16
C ARG B 159 -29.41 12.51 29.20
N THR B 160 -29.69 12.78 27.93
CA THR B 160 -29.84 11.70 26.95
C THR B 160 -28.50 11.25 26.39
N SER B 161 -27.51 12.14 26.37
CA SER B 161 -26.19 11.78 25.85
C SER B 161 -25.53 10.72 26.72
N THR B 162 -24.66 9.93 26.10
CA THR B 162 -23.94 8.86 26.80
C THR B 162 -22.48 8.87 26.35
N VAL B 163 -21.83 10.02 26.51
CA VAL B 163 -20.42 10.17 26.13
C VAL B 163 -19.55 9.38 27.09
N GLN B 164 -19.10 8.21 26.66
CA GLN B 164 -18.27 7.35 27.49
C GLN B 164 -16.79 7.74 27.35
N ASN B 165 -15.97 7.18 28.23
CA ASN B 165 -14.53 7.42 28.26
C ASN B 165 -13.83 6.07 28.40
N LEU B 166 -13.55 5.43 27.27
CA LEU B 166 -12.91 4.13 27.27
C LEU B 166 -11.49 4.26 27.80
N LEU B 167 -11.23 3.74 29.01
CA LEU B 167 -9.92 3.80 29.63
C LEU B 167 -9.22 2.47 29.35
N ARG B 168 -8.49 2.42 28.23
CA ARG B 168 -7.78 1.21 27.83
C ARG B 168 -6.70 0.84 28.84
N PRO B 169 -5.91 1.80 29.34
CA PRO B 169 -4.86 1.47 30.31
C PRO B 169 -5.46 0.80 31.54
N PRO B 170 -5.12 -0.46 31.81
CA PRO B 170 -5.65 -1.12 33.00
C PRO B 170 -5.25 -0.38 34.27
N ILE B 171 -6.20 -0.31 35.21
CA ILE B 171 -5.99 0.37 36.48
C ILE B 171 -6.30 -0.64 37.58
N ILE B 172 -5.25 -1.13 38.24
CA ILE B 172 -5.39 -2.09 39.32
C ILE B 172 -5.58 -1.30 40.61
N SER B 173 -6.84 -1.12 41.01
CA SER B 173 -7.17 -0.36 42.21
C SER B 173 -8.51 -0.86 42.74
N ARG B 174 -9.08 -0.14 43.70
CA ARG B 174 -10.36 -0.51 44.29
C ARG B 174 -11.22 0.74 44.52
N PHE B 175 -10.74 1.65 45.36
CA PHE B 175 -11.47 2.87 45.66
C PHE B 175 -11.25 3.89 44.55
N ILE B 176 -12.34 4.55 44.14
CA ILE B 176 -12.29 5.56 43.09
C ILE B 176 -13.14 6.74 43.53
N ARG B 177 -12.65 7.95 43.25
CA ARG B 177 -13.34 9.17 43.60
C ARG B 177 -13.23 10.16 42.44
N LEU B 178 -14.04 11.21 42.50
CA LEU B 178 -14.06 12.25 41.47
C LEU B 178 -13.91 13.62 42.14
N ILE B 179 -13.15 14.49 41.49
CA ILE B 179 -12.91 15.84 42.00
C ILE B 179 -13.49 16.84 41.00
N PRO B 180 -14.81 17.02 40.96
CA PRO B 180 -15.40 17.96 40.00
C PRO B 180 -15.04 19.40 40.36
N LEU B 181 -14.36 20.09 39.44
CA LEU B 181 -13.97 21.47 39.65
C LEU B 181 -15.03 22.47 39.24
N GLY B 182 -16.01 22.06 38.44
CA GLY B 182 -17.06 22.95 37.99
C GLY B 182 -18.36 22.20 37.77
N TRP B 183 -19.42 22.97 37.55
CA TRP B 183 -20.74 22.41 37.32
C TRP B 183 -21.64 23.51 36.78
N HIS B 184 -22.85 23.13 36.39
CA HIS B 184 -23.81 24.08 35.85
C HIS B 184 -24.54 24.84 36.96
N VAL B 185 -25.17 24.09 37.87
CA VAL B 185 -25.88 24.69 39.00
C VAL B 185 -25.58 23.88 40.26
N ARG B 186 -25.73 22.56 40.16
CA ARG B 186 -25.44 21.67 41.28
C ARG B 186 -24.90 20.36 40.74
N ILE B 187 -24.04 19.73 41.53
CA ILE B 187 -23.43 18.46 41.13
C ILE B 187 -24.51 17.38 41.18
N ALA B 188 -24.77 16.74 40.03
CA ALA B 188 -25.77 15.69 39.95
C ALA B 188 -25.48 14.85 38.72
N ILE B 189 -25.08 13.60 38.94
CA ILE B 189 -24.77 12.69 37.84
C ILE B 189 -24.90 11.26 38.34
N ARG B 190 -25.57 10.42 37.56
CA ARG B 190 -25.77 9.02 37.91
C ARG B 190 -24.56 8.22 37.41
N MET B 191 -23.51 8.22 38.21
CA MET B 191 -22.29 7.51 37.83
C MET B 191 -22.55 6.01 37.74
N GLU B 192 -21.60 5.31 37.13
CA GLU B 192 -21.70 3.86 36.98
C GLU B 192 -20.35 3.28 36.57
N LEU B 193 -19.55 2.90 37.55
CA LEU B 193 -18.23 2.35 37.27
C LEU B 193 -18.36 1.02 36.52
N LEU B 194 -17.25 0.61 35.90
CA LEU B 194 -17.18 -0.63 35.13
C LEU B 194 -16.03 -1.47 35.66
N GLU B 195 -16.34 -2.68 36.10
CA GLU B 195 -15.33 -3.60 36.63
C GLU B 195 -15.05 -4.70 35.60
N CYS B 196 -13.90 -5.33 35.76
CA CYS B 196 -13.49 -6.41 34.87
C CYS B 196 -14.08 -7.74 35.31
N CYS C 40 7.16 -0.62 34.38
CA CYS C 40 6.69 -0.97 33.04
C CYS C 40 5.48 -0.12 32.67
N PRO C 41 5.15 -0.06 31.38
CA PRO C 41 4.00 0.76 30.95
C PRO C 41 2.72 0.40 31.68
N TYR C 42 2.61 0.83 32.93
CA TYR C 42 1.42 0.59 33.75
C TYR C 42 1.24 1.77 34.70
N HIS C 43 0.15 1.73 35.46
CA HIS C 43 -0.19 2.78 36.43
C HIS C 43 0.03 2.20 37.83
N LYS C 44 1.28 2.17 38.26
CA LYS C 44 1.66 1.67 39.59
C LYS C 44 2.77 2.54 40.15
N PRO C 45 2.48 3.80 40.45
CA PRO C 45 3.51 4.69 40.99
C PRO C 45 3.85 4.33 42.43
N LEU C 46 4.87 5.02 42.94
CA LEU C 46 5.29 4.82 44.32
C LEU C 46 4.29 5.44 45.28
N GLY C 47 4.61 5.39 46.57
CA GLY C 47 3.73 5.93 47.60
C GLY C 47 4.40 6.98 48.47
N PHE C 48 4.53 8.20 47.93
CA PHE C 48 5.10 9.29 48.71
C PHE C 48 4.06 9.96 49.59
N GLU C 49 2.81 10.04 49.14
CA GLU C 49 1.77 10.67 49.93
C GLU C 49 1.45 9.88 51.20
N SER C 50 1.75 8.58 51.23
CA SER C 50 1.47 7.78 52.42
C SER C 50 2.24 8.30 53.63
N GLY C 51 3.52 8.63 53.43
CA GLY C 51 4.36 9.11 54.51
C GLY C 51 4.89 8.06 55.44
N GLU C 52 4.50 6.80 55.27
CA GLU C 52 5.00 5.73 56.13
C GLU C 52 6.50 5.51 55.97
N VAL C 53 7.07 5.86 54.82
CA VAL C 53 8.49 5.67 54.61
C VAL C 53 9.28 6.51 55.60
N THR C 54 10.35 5.94 56.13
CA THR C 54 11.17 6.65 57.08
C THR C 54 12.00 7.73 56.40
N PRO C 55 12.40 8.77 57.12
CA PRO C 55 13.20 9.83 56.49
C PRO C 55 14.63 9.43 56.18
N ASP C 56 15.08 8.25 56.63
CA ASP C 56 16.45 7.81 56.35
C ASP C 56 16.67 7.61 54.86
N GLN C 57 15.63 7.22 54.12
CA GLN C 57 15.78 6.99 52.68
C GLN C 57 15.96 8.31 51.94
N ILE C 58 15.11 9.30 52.24
CA ILE C 58 15.18 10.59 51.59
C ILE C 58 16.34 11.38 52.19
N THR C 59 17.54 11.17 51.66
CA THR C 59 18.73 11.85 52.14
C THR C 59 18.94 13.15 51.35
N CYS C 60 19.37 14.19 52.05
CA CYS C 60 19.62 15.48 51.45
C CYS C 60 20.76 16.16 52.19
N SER C 61 21.04 17.41 51.82
CA SER C 61 22.09 18.20 52.44
C SER C 61 21.64 19.66 52.53
N ASN C 62 20.57 19.89 53.28
CA ASN C 62 20.01 21.24 53.48
C ASN C 62 19.51 21.35 54.91
N PRO C 63 20.43 21.49 55.86
CA PRO C 63 20.00 21.63 57.27
C PRO C 63 19.08 22.83 57.46
N GLU C 64 17.85 22.56 57.89
CA GLU C 64 16.89 23.62 58.11
C GLU C 64 17.08 24.28 59.47
N GLN C 65 17.37 23.49 60.50
CA GLN C 65 17.59 24.00 61.85
C GLN C 65 18.77 23.30 62.50
N TYR C 66 19.85 23.12 61.74
CA TYR C 66 21.06 22.44 62.21
C TYR C 66 20.74 21.23 63.07
N VAL C 67 19.71 20.46 62.68
CA VAL C 67 19.33 19.27 63.44
C VAL C 67 20.24 18.11 63.10
N GLY C 68 20.52 17.89 61.82
CA GLY C 68 21.37 16.80 61.39
C GLY C 68 21.96 17.02 60.02
N TRP C 69 22.46 15.95 59.41
CA TRP C 69 23.06 16.04 58.08
C TRP C 69 22.42 15.04 57.12
N TYR C 70 21.79 13.98 57.66
CA TYR C 70 21.14 12.99 56.84
C TYR C 70 19.99 13.62 56.05
N SER C 71 18.88 13.88 56.71
CA SER C 71 17.70 14.46 56.10
C SER C 71 17.34 15.76 56.80
N SER C 72 16.37 16.47 56.23
CA SER C 72 15.90 17.74 56.78
C SER C 72 14.48 18.04 56.33
N TRP C 73 14.28 18.15 55.01
CA TRP C 73 12.94 18.42 54.48
C TRP C 73 12.11 17.15 54.37
N THR C 74 12.75 16.03 54.02
CA THR C 74 12.10 14.74 53.83
C THR C 74 10.73 14.89 53.17
N ALA C 75 9.82 13.96 53.44
CA ALA C 75 8.47 13.98 52.87
C ALA C 75 7.48 14.73 53.75
N ASN C 76 7.95 15.71 54.52
CA ASN C 76 7.05 16.47 55.40
C ASN C 76 6.29 17.53 54.61
N LYS C 77 6.95 18.22 53.68
CA LYS C 77 6.34 19.27 52.88
C LYS C 77 6.65 19.06 51.40
N ALA C 78 6.72 17.81 50.95
CA ALA C 78 7.03 17.51 49.55
C ALA C 78 6.42 16.14 49.24
N ARG C 79 5.13 16.14 48.89
CA ARG C 79 4.41 14.92 48.56
C ARG C 79 3.52 15.19 47.36
N LEU C 80 2.86 14.14 46.87
CA LEU C 80 1.97 14.25 45.73
C LEU C 80 0.71 14.98 46.15
N ASN C 81 0.66 16.28 45.88
CA ASN C 81 -0.48 17.11 46.25
C ASN C 81 -0.76 17.03 47.74
N SER C 82 -0.13 17.91 48.51
CA SER C 82 -0.30 17.95 49.97
C SER C 82 -0.54 19.40 50.38
N GLN C 83 -1.76 19.70 50.83
CA GLN C 83 -2.10 21.05 51.24
C GLN C 83 -1.36 21.41 52.52
N GLY C 84 -0.85 22.63 52.57
CA GLY C 84 -0.12 23.10 53.74
C GLY C 84 0.77 24.27 53.38
N PHE C 85 1.73 24.54 54.27
CA PHE C 85 2.67 25.63 54.07
C PHE C 85 3.55 25.36 52.85
N GLY C 86 4.40 24.36 52.95
CA GLY C 86 5.29 24.00 51.85
C GLY C 86 4.64 23.07 50.86
N CYS C 87 4.27 23.60 49.70
CA CYS C 87 3.62 22.78 48.67
C CYS C 87 4.60 21.84 47.97
N ALA C 88 5.89 22.16 48.00
CA ALA C 88 6.90 21.32 47.36
C ALA C 88 8.21 21.48 48.13
N TRP C 89 9.27 20.88 47.60
CA TRP C 89 10.58 20.95 48.22
C TRP C 89 11.33 22.16 47.68
N LEU C 90 11.63 23.11 48.57
CA LEU C 90 12.34 24.32 48.20
C LEU C 90 13.85 24.12 48.31
N SER C 91 14.59 25.11 47.83
CA SER C 91 16.05 25.07 47.86
C SER C 91 16.57 26.46 48.19
N LYS C 92 17.44 26.55 49.19
CA LYS C 92 18.01 27.85 49.58
C LYS C 92 19.22 28.19 48.72
N PHE C 93 20.33 27.48 48.91
CA PHE C 93 21.54 27.75 48.15
C PHE C 93 21.36 27.31 46.71
N GLN C 94 21.93 28.08 45.78
CA GLN C 94 21.84 27.79 44.35
C GLN C 94 22.89 26.72 43.99
N ASP C 95 22.60 25.50 44.42
CA ASP C 95 23.48 24.37 44.16
C ASP C 95 23.22 23.83 42.77
N SER C 96 24.26 23.83 41.92
CA SER C 96 24.12 23.33 40.56
C SER C 96 24.07 21.81 40.52
N SER C 97 25.03 21.16 41.18
CA SER C 97 25.09 19.70 41.21
C SER C 97 24.22 19.19 42.36
N GLN C 98 22.92 19.41 42.21
CA GLN C 98 21.96 18.97 43.21
C GLN C 98 21.65 17.50 43.04
N TRP C 99 21.43 16.83 44.18
CA TRP C 99 21.12 15.41 44.19
C TRP C 99 20.08 15.13 45.28
N LEU C 100 19.40 13.99 45.15
CA LEU C 100 18.38 13.60 46.11
C LEU C 100 18.26 12.08 46.06
N GLN C 101 18.78 11.40 47.09
CA GLN C 101 18.73 9.95 47.13
C GLN C 101 17.29 9.48 47.26
N ILE C 102 16.97 8.40 46.54
CA ILE C 102 15.63 7.81 46.54
C ILE C 102 15.82 6.30 46.68
N ASP C 103 15.84 5.81 47.91
CA ASP C 103 16.02 4.39 48.17
C ASP C 103 14.68 3.68 48.08
N LEU C 104 14.56 2.77 47.12
CA LEU C 104 13.34 2.00 46.93
C LEU C 104 13.35 0.75 47.81
N LYS C 105 12.27 -0.03 47.72
CA LYS C 105 12.19 -1.25 48.51
C LYS C 105 13.16 -2.31 48.01
N GLU C 106 13.27 -2.46 46.70
CA GLU C 106 14.18 -3.44 46.11
C GLU C 106 14.41 -3.03 44.66
N ILE C 107 15.22 -3.83 43.96
CA ILE C 107 15.53 -3.55 42.56
C ILE C 107 14.29 -3.82 41.72
N LYS C 108 13.89 -2.83 40.92
CA LYS C 108 12.73 -2.95 40.06
C LYS C 108 13.02 -2.24 38.74
N VAL C 109 12.16 -2.49 37.75
CA VAL C 109 12.30 -1.90 36.43
C VAL C 109 11.50 -0.60 36.42
N ILE C 110 12.20 0.53 36.48
CA ILE C 110 11.58 1.83 36.48
C ILE C 110 11.46 2.33 35.04
N SER C 111 10.31 2.90 34.71
CA SER C 111 10.05 3.40 33.37
C SER C 111 9.03 4.52 33.46
N GLY C 112 9.43 5.73 33.06
CA GLY C 112 8.54 6.88 33.09
C GLY C 112 8.64 7.65 34.40
N ILE C 113 8.15 8.89 34.35
CA ILE C 113 8.17 9.76 35.52
C ILE C 113 7.25 10.94 35.23
N LEU C 114 6.45 11.31 36.22
CA LEU C 114 5.52 12.42 36.09
C LEU C 114 6.26 13.75 36.26
N THR C 115 5.57 14.83 35.90
CA THR C 115 6.12 16.18 35.99
C THR C 115 5.04 17.12 36.47
N GLN C 116 5.37 17.94 37.48
CA GLN C 116 4.43 18.91 38.04
C GLN C 116 5.20 20.21 38.30
N GLY C 117 4.52 21.14 38.95
CA GLY C 117 5.10 22.44 39.27
C GLY C 117 4.88 22.78 40.73
N HIS C 118 4.75 24.08 40.99
CA HIS C 118 4.55 24.60 42.34
C HIS C 118 3.48 25.67 42.30
N CYS C 119 2.55 25.60 43.27
CA CYS C 119 1.47 26.56 43.34
C CYS C 119 1.97 27.90 43.87
N ASP C 120 1.07 28.88 43.96
CA ASP C 120 1.41 30.21 44.44
C ASP C 120 2.54 30.81 43.62
N ILE C 121 3.78 30.43 43.91
CA ILE C 121 4.94 30.92 43.20
C ILE C 121 5.31 29.86 42.15
N ASP C 122 5.05 30.17 40.89
CA ASP C 122 5.33 29.23 39.81
C ASP C 122 6.84 28.98 39.70
N GLU C 123 7.21 27.71 39.71
CA GLU C 123 8.62 27.32 39.59
C GLU C 123 8.70 26.05 38.75
N TRP C 124 9.74 25.98 37.92
CA TRP C 124 9.92 24.83 37.04
C TRP C 124 11.39 24.75 36.62
N MET C 125 11.80 23.56 36.20
CA MET C 125 13.15 23.33 35.75
C MET C 125 13.26 23.55 34.24
N THR C 126 14.45 23.34 33.70
CA THR C 126 14.68 23.50 32.27
C THR C 126 15.54 22.38 31.72
N LYS C 127 16.57 21.98 32.48
CA LYS C 127 17.47 20.91 32.06
C LYS C 127 17.81 20.04 33.26
N TYR C 128 17.93 18.75 33.02
CA TYR C 128 18.26 17.79 34.06
C TYR C 128 18.74 16.50 33.39
N SER C 129 19.08 15.52 34.22
CA SER C 129 19.56 14.23 33.72
C SER C 129 19.27 13.17 34.78
N VAL C 130 18.71 12.04 34.33
CA VAL C 130 18.40 10.94 35.23
C VAL C 130 19.65 10.10 35.45
N GLN C 131 19.76 9.51 36.64
CA GLN C 131 20.89 8.68 37.01
C GLN C 131 20.39 7.38 37.61
N TYR C 132 21.28 6.38 37.63
CA TYR C 132 20.95 5.07 38.18
C TYR C 132 22.24 4.36 38.54
N ARG C 133 22.20 3.62 39.65
CA ARG C 133 23.36 2.88 40.15
C ARG C 133 22.89 1.57 40.74
N THR C 134 23.84 0.78 41.23
CA THR C 134 23.54 -0.52 41.82
C THR C 134 24.37 -0.75 43.08
N ASP C 135 25.70 -0.75 42.94
CA ASP C 135 26.58 -1.00 44.09
C ASP C 135 26.66 0.19 45.05
N GLU C 136 25.98 1.30 44.75
CA GLU C 136 25.97 2.47 45.63
C GLU C 136 27.37 3.05 45.80
N ARG C 137 28.22 2.90 44.78
CA ARG C 137 29.59 3.39 44.82
C ARG C 137 29.98 3.99 43.48
N LEU C 138 29.05 4.69 42.83
CA LEU C 138 29.31 5.31 41.54
C LEU C 138 28.09 6.14 41.17
N ASN C 139 28.19 6.83 40.03
CA ASN C 139 27.09 7.65 39.53
C ASN C 139 27.12 7.63 38.01
N TRP C 140 26.05 7.13 37.40
CA TRP C 140 25.94 7.02 35.95
C TRP C 140 24.86 7.95 35.44
N ILE C 141 25.01 8.39 34.20
CA ILE C 141 24.06 9.28 33.54
C ILE C 141 23.18 8.46 32.62
N TYR C 142 21.93 8.90 32.46
CA TYR C 142 20.96 8.21 31.63
C TYR C 142 21.12 8.65 30.18
N TYR C 143 21.42 7.70 29.30
CA TYR C 143 21.57 7.96 27.88
C TYR C 143 20.67 7.01 27.10
N LYS C 144 19.95 7.55 26.12
CA LYS C 144 19.06 6.75 25.29
C LYS C 144 19.76 6.34 23.99
N ASP C 145 19.08 5.49 23.23
CA ASP C 145 19.63 5.00 21.97
C ASP C 145 19.33 5.94 20.80
N GLN C 146 18.20 6.64 20.83
CA GLN C 146 17.82 7.56 19.76
C GLN C 146 18.24 8.99 20.05
N THR C 147 19.45 9.18 20.59
CA THR C 147 19.98 10.51 20.91
C THR C 147 21.41 10.57 20.40
N GLY C 148 21.57 10.97 19.13
CA GLY C 148 22.88 11.07 18.53
C GLY C 148 23.45 12.48 18.62
N ASN C 149 23.17 13.17 19.72
CA ASN C 149 23.66 14.53 19.93
C ASN C 149 23.64 14.81 21.42
N ASN C 150 23.84 16.07 21.79
CA ASN C 150 23.86 16.49 23.19
C ASN C 150 22.46 16.88 23.66
N ARG C 151 21.48 16.02 23.39
CA ARG C 151 20.11 16.28 23.80
C ARG C 151 19.95 16.12 25.31
N VAL C 152 19.06 16.92 25.87
CA VAL C 152 18.79 16.91 27.30
C VAL C 152 17.28 16.95 27.51
N PHE C 153 16.82 16.26 28.56
CA PHE C 153 15.40 16.22 28.86
C PHE C 153 14.88 17.62 29.18
N TYR C 154 13.59 17.82 28.91
CA TYR C 154 12.95 19.11 29.14
C TYR C 154 12.33 19.17 30.52
N GLY C 155 11.17 18.56 30.70
CA GLY C 155 10.48 18.57 31.98
C GLY C 155 9.07 19.12 31.87
N ASN C 156 8.90 20.40 32.16
CA ASN C 156 7.60 21.05 32.11
C ASN C 156 7.82 22.56 32.27
N SER C 157 6.72 23.30 32.30
CA SER C 157 6.78 24.75 32.48
C SER C 157 5.44 25.29 32.96
N ASP C 158 4.71 24.48 33.73
CA ASP C 158 3.42 24.89 34.25
C ASP C 158 2.96 23.86 35.29
N ARG C 159 2.36 24.34 36.38
CA ARG C 159 1.90 23.44 37.42
C ARG C 159 0.77 22.56 36.94
N THR C 160 -0.03 23.03 35.98
CA THR C 160 -1.14 22.24 35.46
C THR C 160 -0.70 21.25 34.39
N SER C 161 0.38 21.55 33.69
CA SER C 161 0.87 20.67 32.64
C SER C 161 1.35 19.35 33.24
N THR C 162 1.29 18.29 32.44
CA THR C 162 1.73 16.96 32.86
C THR C 162 2.52 16.31 31.72
N VAL C 163 3.58 17.00 31.28
CA VAL C 163 4.41 16.49 30.19
C VAL C 163 5.22 15.31 30.71
N GLN C 164 4.79 14.10 30.35
CA GLN C 164 5.46 12.88 30.78
C GLN C 164 6.60 12.53 29.82
N ASN C 165 7.44 11.59 30.24
CA ASN C 165 8.58 11.11 29.46
C ASN C 165 8.55 9.58 29.49
N LEU C 166 7.86 8.98 28.54
CA LEU C 166 7.75 7.53 28.47
C LEU C 166 9.11 6.93 28.14
N LEU C 167 9.72 6.26 29.13
CA LEU C 167 11.03 5.63 28.94
C LEU C 167 10.79 4.15 28.61
N ARG C 168 10.66 3.86 27.32
CA ARG C 168 10.42 2.50 26.86
C ARG C 168 11.59 1.58 27.22
N PRO C 169 12.83 2.00 27.02
CA PRO C 169 13.97 1.13 27.35
C PRO C 169 13.93 0.73 28.82
N PRO C 170 13.77 -0.56 29.12
CA PRO C 170 13.77 -0.98 30.52
C PRO C 170 15.08 -0.62 31.21
N ILE C 171 14.96 -0.19 32.47
CA ILE C 171 16.11 0.21 33.27
C ILE C 171 16.06 -0.62 34.56
N ILE C 172 16.96 -1.61 34.65
CA ILE C 172 17.03 -2.47 35.83
C ILE C 172 17.96 -1.78 36.83
N SER C 173 17.37 -1.06 37.78
CA SER C 173 18.13 -0.34 38.79
C SER C 173 17.24 -0.18 40.03
N ARG C 174 17.70 0.64 40.97
CA ARG C 174 16.96 0.88 42.21
C ARG C 174 17.01 2.35 42.58
N PHE C 175 18.22 2.86 42.85
CA PHE C 175 18.39 4.25 43.23
C PHE C 175 18.38 5.13 41.98
N ILE C 176 17.67 6.26 42.07
CA ILE C 176 17.55 7.20 40.97
C ILE C 176 17.73 8.61 41.53
N ARG C 177 18.44 9.46 40.79
CA ARG C 177 18.68 10.83 41.20
C ARG C 177 18.55 11.74 39.97
N LEU C 178 18.46 13.04 40.22
CA LEU C 178 18.33 14.04 39.17
C LEU C 178 19.40 15.11 39.36
N ILE C 179 19.97 15.57 38.26
CA ILE C 179 21.00 16.59 38.27
C ILE C 179 20.48 17.82 37.54
N PRO C 180 19.59 18.61 38.16
CA PRO C 180 19.06 19.81 37.48
C PRO C 180 20.14 20.86 37.29
N LEU C 181 20.41 21.22 36.04
CA LEU C 181 21.42 22.23 35.73
C LEU C 181 20.87 23.64 35.73
N GLY C 182 19.54 23.81 35.66
CA GLY C 182 18.95 25.12 35.66
C GLY C 182 17.57 25.09 36.29
N TRP C 183 17.03 26.29 36.51
CA TRP C 183 15.71 26.45 37.12
C TRP C 183 15.27 27.89 36.92
N HIS C 184 14.03 28.16 37.32
CA HIS C 184 13.46 29.50 37.16
C HIS C 184 13.89 30.41 38.31
N VAL C 185 13.62 29.99 39.55
CA VAL C 185 14.00 30.75 40.72
C VAL C 185 14.56 29.80 41.77
N ARG C 186 13.83 28.72 42.04
CA ARG C 186 14.26 27.72 43.01
C ARG C 186 13.77 26.36 42.55
N ILE C 187 14.55 25.32 42.87
CA ILE C 187 14.19 23.96 42.50
C ILE C 187 12.99 23.52 43.32
N ALA C 188 11.90 23.18 42.63
CA ALA C 188 10.68 22.75 43.31
C ALA C 188 9.84 21.97 42.31
N ILE C 189 9.69 20.67 42.53
CA ILE C 189 8.91 19.81 41.64
C ILE C 189 8.48 18.59 42.43
N ARG C 190 7.20 18.22 42.29
CA ARG C 190 6.64 17.06 42.98
C ARG C 190 6.87 15.84 42.11
N MET C 191 8.07 15.26 42.21
CA MET C 191 8.41 14.10 41.42
C MET C 191 7.53 12.91 41.78
N GLU C 192 7.55 11.89 40.92
CA GLU C 192 6.76 10.69 41.14
C GLU C 192 7.24 9.57 40.23
N LEU C 193 8.19 8.78 40.70
CA LEU C 193 8.72 7.68 39.89
C LEU C 193 7.64 6.64 39.61
N LEU C 194 7.91 5.81 38.61
CA LEU C 194 6.99 4.76 38.19
C LEU C 194 7.73 3.43 38.20
N GLU C 195 7.23 2.47 38.97
CA GLU C 195 7.82 1.14 39.08
C GLU C 195 6.99 0.14 38.30
N CYS C 196 7.62 -0.98 37.98
CA CYS C 196 6.94 -2.05 37.23
C CYS C 196 6.18 -2.96 38.19
N CYS D 40 23.84 -6.74 24.89
CA CYS D 40 22.62 -6.72 24.10
C CYS D 40 21.93 -5.37 24.26
N PRO D 41 21.00 -5.05 23.34
CA PRO D 41 20.30 -3.76 23.41
C PRO D 41 19.65 -3.52 24.76
N TYR D 42 20.45 -3.19 25.77
CA TYR D 42 19.95 -2.91 27.11
C TYR D 42 20.86 -1.87 27.75
N HIS D 43 20.49 -1.44 28.95
CA HIS D 43 21.24 -0.45 29.71
C HIS D 43 21.92 -1.16 30.89
N LYS D 44 23.05 -1.82 30.60
CA LYS D 44 23.82 -2.55 31.60
C LYS D 44 25.30 -2.36 31.31
N PRO D 45 25.81 -1.14 31.45
CA PRO D 45 27.23 -0.90 31.18
C PRO D 45 28.12 -1.49 32.27
N LEU D 46 29.42 -1.41 32.03
CA LEU D 46 30.40 -1.91 32.98
C LEU D 46 30.48 -0.96 34.18
N GLY D 47 31.41 -1.26 35.09
CA GLY D 47 31.59 -0.46 36.28
C GLY D 47 32.99 0.08 36.44
N PHE D 48 33.32 1.13 35.68
CA PHE D 48 34.65 1.75 35.80
C PHE D 48 34.69 2.76 36.94
N GLU D 49 33.58 3.46 37.20
CA GLU D 49 33.55 4.44 38.27
C GLU D 49 33.69 3.80 39.65
N SER D 50 33.35 2.52 39.79
CA SER D 50 33.45 1.86 41.09
C SER D 50 34.90 1.84 41.57
N GLY D 51 35.84 1.54 40.68
CA GLY D 51 37.25 1.48 41.04
C GLY D 51 37.68 0.22 41.75
N GLU D 52 36.75 -0.68 42.06
CA GLU D 52 37.13 -1.92 42.74
C GLU D 52 37.99 -2.82 41.87
N VAL D 53 37.91 -2.69 40.55
CA VAL D 53 38.73 -3.52 39.67
C VAL D 53 40.20 -3.23 39.91
N THR D 54 41.01 -4.29 39.90
CA THR D 54 42.43 -4.13 40.13
C THR D 54 43.11 -3.53 38.90
N PRO D 55 44.25 -2.86 39.09
CA PRO D 55 44.94 -2.26 37.93
C PRO D 55 45.59 -3.27 37.00
N ASP D 56 45.64 -4.54 37.39
CA ASP D 56 46.27 -5.55 36.54
C ASP D 56 45.52 -5.72 35.23
N GLN D 57 44.20 -5.51 35.23
CA GLN D 57 43.41 -5.66 34.01
C GLN D 57 43.70 -4.53 33.03
N ILE D 58 43.69 -3.28 33.52
CA ILE D 58 43.95 -2.13 32.68
C ILE D 58 45.45 -2.04 32.41
N THR D 59 45.91 -2.76 31.39
CA THR D 59 47.32 -2.76 31.03
C THR D 59 47.60 -1.66 30.00
N CYS D 60 48.75 -1.01 30.15
CA CYS D 60 49.15 0.06 29.24
C CYS D 60 50.67 0.05 29.13
N SER D 61 51.21 1.05 28.42
CA SER D 61 52.64 1.18 28.22
C SER D 61 53.01 2.66 28.23
N ASN D 62 52.77 3.32 29.36
CA ASN D 62 53.06 4.74 29.54
C ASN D 62 53.55 4.97 30.97
N PRO D 63 54.79 4.58 31.26
CA PRO D 63 55.33 4.79 32.60
C PRO D 63 55.31 6.26 33.00
N GLU D 64 54.56 6.57 34.05
CA GLU D 64 54.46 7.94 34.52
C GLU D 64 55.63 8.31 35.40
N GLN D 65 56.07 7.41 36.27
CA GLN D 65 57.19 7.64 37.17
C GLN D 65 58.08 6.40 37.24
N TYR D 66 58.35 5.79 36.08
CA TYR D 66 59.16 4.59 35.98
C TYR D 66 58.88 3.61 37.11
N VAL D 67 57.61 3.46 37.48
CA VAL D 67 57.25 2.54 38.56
C VAL D 67 57.19 1.11 38.04
N GLY D 68 56.58 0.89 36.87
CA GLY D 68 56.48 -0.43 36.31
C GLY D 68 56.24 -0.41 34.82
N TRP D 69 55.78 -1.54 34.26
CA TRP D 69 55.51 -1.63 32.84
C TRP D 69 54.09 -2.13 32.58
N TYR D 70 53.49 -2.80 33.57
CA TYR D 70 52.13 -3.29 33.43
C TYR D 70 51.16 -2.13 33.24
N SER D 71 50.84 -1.42 34.32
CA SER D 71 49.92 -0.30 34.30
C SER D 71 50.62 0.95 34.81
N SER D 72 49.92 2.08 34.70
CA SER D 72 50.46 3.36 35.13
C SER D 72 49.33 4.34 35.44
N TRP D 73 48.50 4.64 34.43
CA TRP D 73 47.38 5.55 34.63
C TRP D 73 46.18 4.84 35.24
N THR D 74 45.95 3.59 34.83
CA THR D 74 44.82 2.79 35.30
C THR D 74 43.55 3.62 35.42
N ALA D 75 42.64 3.21 36.31
CA ALA D 75 41.39 3.92 36.53
C ALA D 75 41.50 4.98 37.63
N ASN D 76 42.68 5.56 37.83
CA ASN D 76 42.85 6.57 38.86
C ASN D 76 42.34 7.93 38.39
N LYS D 77 42.61 8.29 37.13
CA LYS D 77 42.17 9.57 36.57
C LYS D 77 41.49 9.36 35.23
N ALA D 78 40.75 8.26 35.07
CA ALA D 78 40.06 7.97 33.81
C ALA D 78 38.86 7.08 34.15
N ARG D 79 37.75 7.72 34.53
CA ARG D 79 36.53 7.02 34.88
C ARG D 79 35.34 7.78 34.30
N LEU D 80 34.15 7.21 34.45
CA LEU D 80 32.93 7.82 33.94
C LEU D 80 32.59 9.03 34.80
N ASN D 81 32.97 10.22 34.34
CA ASN D 81 32.72 11.45 35.07
C ASN D 81 33.32 11.39 36.46
N SER D 82 34.58 11.81 36.60
CA SER D 82 35.28 11.80 37.88
C SER D 82 35.97 13.16 38.04
N GLN D 83 35.48 13.96 38.99
CA GLN D 83 36.07 15.27 39.23
C GLN D 83 37.45 15.12 39.84
N GLY D 84 38.38 15.95 39.36
CA GLY D 84 39.75 15.92 39.86
C GLY D 84 40.68 16.56 38.85
N PHE D 85 41.97 16.26 39.04
CA PHE D 85 43.00 16.79 38.16
C PHE D 85 42.85 16.23 36.75
N GLY D 86 43.06 14.94 36.59
CA GLY D 86 42.93 14.30 35.29
C GLY D 86 41.51 13.87 35.00
N CYS D 87 40.83 14.60 34.12
CA CYS D 87 39.45 14.28 33.77
C CYS D 87 39.35 13.05 32.88
N ALA D 88 40.42 12.70 32.16
CA ALA D 88 40.41 11.55 31.28
C ALA D 88 41.84 11.00 31.20
N TRP D 89 42.03 10.02 30.34
CA TRP D 89 43.35 9.40 30.15
C TRP D 89 44.11 10.15 29.07
N LEU D 90 45.23 10.76 29.45
CA LEU D 90 46.05 11.52 28.52
C LEU D 90 47.10 10.62 27.88
N SER D 91 47.79 11.17 26.89
CA SER D 91 48.83 10.45 26.16
C SER D 91 49.98 11.39 25.87
N LYS D 92 51.20 10.97 26.23
CA LYS D 92 52.37 11.80 25.99
C LYS D 92 52.91 11.60 24.58
N PHE D 93 53.49 10.44 24.31
CA PHE D 93 54.04 10.16 22.99
C PHE D 93 52.92 9.98 21.98
N GLN D 94 53.16 10.45 20.76
CA GLN D 94 52.17 10.36 19.68
C GLN D 94 52.25 8.96 19.06
N ASP D 95 51.75 7.98 19.81
CA ASP D 95 51.74 6.60 19.37
C ASP D 95 50.54 6.35 18.45
N SER D 96 50.81 5.94 17.22
CA SER D 96 49.74 5.68 16.27
C SER D 96 49.03 4.37 16.57
N SER D 97 49.79 3.29 16.75
CA SER D 97 49.22 1.98 17.05
C SER D 97 49.00 1.85 18.55
N GLN D 98 48.09 2.67 19.06
CA GLN D 98 47.78 2.67 20.48
C GLN D 98 46.82 1.54 20.81
N TRP D 99 47.00 0.97 22.01
CA TRP D 99 46.17 -0.14 22.47
C TRP D 99 45.91 0.03 23.97
N LEU D 100 44.87 -0.64 24.44
CA LEU D 100 44.49 -0.58 25.85
C LEU D 100 43.73 -1.85 26.18
N GLN D 101 44.37 -2.76 26.91
CA GLN D 101 43.73 -4.02 27.27
C GLN D 101 42.55 -3.76 28.22
N ILE D 102 41.47 -4.49 28.01
CA ILE D 102 40.26 -4.37 28.83
C ILE D 102 39.81 -5.80 29.15
N ASP D 103 40.30 -6.34 30.26
CA ASP D 103 39.95 -7.69 30.67
C ASP D 103 38.64 -7.67 31.45
N LEU D 104 37.62 -8.32 30.91
CA LEU D 104 36.31 -8.40 31.54
C LEU D 104 36.27 -9.57 32.52
N LYS D 105 35.12 -9.74 33.16
CA LYS D 105 34.96 -10.83 34.12
C LYS D 105 34.91 -12.18 33.41
N GLU D 106 34.20 -12.26 32.30
CA GLU D 106 34.08 -13.50 31.54
C GLU D 106 33.62 -13.14 30.12
N ILE D 107 33.47 -14.16 29.29
CA ILE D 107 33.03 -13.96 27.92
C ILE D 107 31.57 -13.54 27.91
N LYS D 108 31.28 -12.41 27.27
CA LYS D 108 29.93 -11.89 27.18
C LYS D 108 29.71 -11.30 25.79
N VAL D 109 28.44 -11.03 25.47
CA VAL D 109 28.06 -10.48 24.18
C VAL D 109 28.06 -8.95 24.33
N ILE D 110 29.08 -8.31 23.77
CA ILE D 110 29.21 -6.86 23.83
C ILE D 110 28.54 -6.26 22.60
N SER D 111 27.79 -5.18 22.81
CA SER D 111 27.09 -4.50 21.71
C SER D 111 26.90 -3.05 22.10
N GLY D 112 27.49 -2.15 21.32
CA GLY D 112 27.38 -0.72 21.57
C GLY D 112 28.50 -0.21 22.44
N ILE D 113 28.67 1.12 22.40
CA ILE D 113 29.71 1.78 23.18
C ILE D 113 29.41 3.28 23.18
N LEU D 114 29.57 3.90 24.34
CA LEU D 114 29.31 5.32 24.49
C LEU D 114 30.51 6.13 23.97
N THR D 115 30.29 7.42 23.81
CA THR D 115 31.33 8.34 23.31
C THR D 115 31.24 9.64 24.09
N GLN D 116 32.38 10.11 24.58
CA GLN D 116 32.45 11.36 25.33
C GLN D 116 33.70 12.11 24.90
N GLY D 117 34.00 13.21 25.59
CA GLY D 117 35.15 14.04 25.28
C GLY D 117 35.95 14.33 26.53
N HIS D 118 36.58 15.50 26.55
CA HIS D 118 37.39 15.94 27.66
C HIS D 118 37.08 17.39 27.98
N CYS D 119 36.93 17.70 29.27
CA CYS D 119 36.62 19.05 29.70
C CYS D 119 37.87 19.94 29.60
N ASP D 120 37.69 21.21 29.94
CA ASP D 120 38.79 22.18 29.89
C ASP D 120 39.39 22.23 28.50
N ILE D 121 40.26 21.29 28.18
CA ILE D 121 40.91 21.22 26.88
C ILE D 121 40.13 20.21 26.04
N ASP D 122 39.38 20.70 25.06
CA ASP D 122 38.58 19.83 24.21
C ASP D 122 39.46 18.91 23.39
N GLU D 123 39.20 17.61 23.46
CA GLU D 123 39.94 16.62 22.71
C GLU D 123 38.99 15.53 22.23
N TRP D 124 39.23 15.04 21.02
CA TRP D 124 38.37 14.02 20.43
C TRP D 124 39.15 13.29 19.34
N MET D 125 38.69 12.09 19.02
CA MET D 125 39.30 11.28 17.99
C MET D 125 38.63 11.55 16.64
N THR D 126 39.09 10.83 15.61
CA THR D 126 38.54 10.99 14.27
C THR D 126 38.35 9.64 13.61
N LYS D 127 39.32 8.74 13.78
CA LYS D 127 39.27 7.41 13.18
C LYS D 127 39.78 6.39 14.17
N TYR D 128 39.17 5.21 14.17
CA TYR D 128 39.58 4.13 15.06
C TYR D 128 38.98 2.83 14.53
N SER D 129 39.25 1.74 15.24
CA SER D 129 38.76 0.43 14.85
C SER D 129 38.66 -0.46 16.08
N VAL D 130 37.53 -1.14 16.24
CA VAL D 130 37.33 -2.02 17.38
C VAL D 130 37.97 -3.38 17.08
N GLN D 131 38.46 -4.04 18.13
CA GLN D 131 39.10 -5.33 18.02
C GLN D 131 38.50 -6.29 19.03
N TYR D 132 38.71 -7.58 18.80
CA TYR D 132 38.21 -8.62 19.69
C TYR D 132 39.01 -9.89 19.47
N ARG D 133 39.28 -10.61 20.56
CA ARG D 133 40.06 -11.83 20.51
C ARG D 133 39.48 -12.82 21.52
N THR D 134 40.09 -14.01 21.59
CA THR D 134 39.63 -15.05 22.50
C THR D 134 40.81 -15.75 23.17
N ASP D 135 41.68 -16.36 22.37
CA ASP D 135 42.83 -17.09 22.90
C ASP D 135 43.93 -16.16 23.41
N GLU D 136 43.78 -14.85 23.29
CA GLU D 136 44.76 -13.89 23.79
C GLU D 136 46.11 -14.06 23.08
N ARG D 137 46.07 -14.51 21.82
CA ARG D 137 47.29 -14.73 21.04
C ARG D 137 47.08 -14.30 19.60
N LEU D 138 46.37 -13.19 19.40
CA LEU D 138 46.10 -12.65 18.07
C LEU D 138 45.40 -11.31 18.23
N ASN D 139 45.13 -10.66 17.10
CA ASN D 139 44.44 -9.38 17.08
C ASN D 139 43.62 -9.30 15.81
N TRP D 140 42.30 -9.18 15.97
CA TRP D 140 41.37 -9.10 14.85
C TRP D 140 40.73 -7.72 14.79
N ILE D 141 40.33 -7.32 13.59
CA ILE D 141 39.69 -6.03 13.37
C ILE D 141 38.19 -6.26 13.23
N TYR D 142 37.41 -5.26 13.66
CA TYR D 142 35.96 -5.34 13.62
C TYR D 142 35.46 -4.91 12.25
N TYR D 143 34.77 -5.81 11.55
CA TYR D 143 34.21 -5.54 10.24
C TYR D 143 32.72 -5.88 10.26
N LYS D 144 31.91 -4.99 9.71
CA LYS D 144 30.47 -5.20 9.65
C LYS D 144 30.07 -5.79 8.29
N ASP D 145 28.80 -6.16 8.19
CA ASP D 145 28.28 -6.74 6.95
C ASP D 145 27.82 -5.68 5.95
N GLN D 146 27.35 -4.53 6.42
CA GLN D 146 26.88 -3.46 5.55
C GLN D 146 27.97 -2.42 5.27
N THR D 147 29.20 -2.87 5.06
CA THR D 147 30.33 -1.98 4.77
C THR D 147 31.09 -2.57 3.59
N GLY D 148 30.67 -2.20 2.39
CA GLY D 148 31.33 -2.68 1.17
C GLY D 148 32.38 -1.73 0.66
N ASN D 149 33.09 -1.08 1.58
CA ASN D 149 34.14 -0.14 1.22
C ASN D 149 35.09 0.00 2.41
N ASN D 150 35.99 0.97 2.34
CA ASN D 150 36.95 1.22 3.41
C ASN D 150 36.40 2.19 4.45
N ARG D 151 35.17 1.92 4.91
CA ARG D 151 34.54 2.77 5.91
C ARG D 151 35.19 2.58 7.27
N VAL D 152 35.22 3.67 8.05
CA VAL D 152 35.81 3.67 9.38
C VAL D 152 34.88 4.40 10.32
N PHE D 153 34.84 3.93 11.57
CA PHE D 153 33.98 4.54 12.57
C PHE D 153 34.39 5.99 12.82
N TYR D 154 33.41 6.80 13.23
CA TYR D 154 33.65 8.21 13.48
C TYR D 154 34.01 8.45 14.94
N GLY D 155 33.01 8.45 15.82
CA GLY D 155 33.23 8.68 17.23
C GLY D 155 32.42 9.84 17.77
N ASN D 156 33.03 11.02 17.83
CA ASN D 156 32.36 12.21 18.34
C ASN D 156 33.26 13.42 18.04
N SER D 157 32.82 14.59 18.49
CA SER D 157 33.58 15.81 18.31
C SER D 157 33.14 16.89 19.29
N ASP D 158 32.69 16.46 20.48
CA ASP D 158 32.24 17.39 21.50
C ASP D 158 32.05 16.62 22.80
N ARG D 159 32.43 17.24 23.92
CA ARG D 159 32.29 16.59 25.21
C ARG D 159 30.83 16.39 25.58
N THR D 160 29.95 17.27 25.11
CA THR D 160 28.52 17.14 25.41
C THR D 160 27.82 16.15 24.50
N SER D 161 28.32 15.96 23.29
CA SER D 161 27.69 15.04 22.35
C SER D 161 27.80 13.60 22.86
N THR D 162 26.85 12.77 22.45
CA THR D 162 26.81 11.36 22.84
C THR D 162 26.46 10.52 21.63
N VAL D 163 27.26 10.64 20.56
CA VAL D 163 27.04 9.89 19.34
C VAL D 163 27.38 8.43 19.58
N GLN D 164 26.35 7.61 19.76
CA GLN D 164 26.54 6.19 20.02
C GLN D 164 26.66 5.42 18.70
N ASN D 165 27.07 4.16 18.81
CA ASN D 165 27.23 3.26 17.67
C ASN D 165 26.58 1.93 18.02
N LEU D 166 25.28 1.81 17.72
CA LEU D 166 24.54 0.60 18.02
C LEU D 166 25.06 -0.55 17.17
N LEU D 167 25.75 -1.51 17.79
CA LEU D 167 26.30 -2.66 17.09
C LEU D 167 25.31 -3.81 17.25
N ARG D 168 24.37 -3.91 16.30
CA ARG D 168 23.35 -4.95 16.33
C ARG D 168 23.97 -6.34 16.20
N PRO D 169 24.94 -6.54 15.30
CA PRO D 169 25.55 -7.87 15.16
C PRO D 169 26.16 -8.33 16.48
N PRO D 170 25.65 -9.41 17.08
CA PRO D 170 26.24 -9.89 18.32
C PRO D 170 27.71 -10.25 18.14
N ILE D 171 28.51 -9.92 19.16
CA ILE D 171 29.94 -10.18 19.15
C ILE D 171 30.25 -10.99 20.40
N ILE D 172 30.52 -12.28 20.22
CA ILE D 172 30.84 -13.18 21.33
C ILE D 172 32.35 -13.09 21.54
N SER D 173 32.77 -12.26 22.49
CA SER D 173 34.18 -12.07 22.78
C SER D 173 34.31 -11.62 24.23
N ARG D 174 35.51 -11.19 24.61
CA ARG D 174 35.78 -10.72 25.97
C ARG D 174 36.68 -9.49 25.95
N PHE D 175 37.89 -9.64 25.44
CA PHE D 175 38.83 -8.53 25.38
C PHE D 175 38.52 -7.66 24.17
N ILE D 176 38.55 -6.34 24.39
CA ILE D 176 38.29 -5.37 23.33
C ILE D 176 39.32 -4.26 23.42
N ARG D 177 39.79 -3.79 22.27
CA ARG D 177 40.78 -2.74 22.20
C ARG D 177 40.41 -1.78 21.06
N LEU D 178 41.05 -0.62 21.05
CA LEU D 178 40.82 0.40 20.04
C LEU D 178 42.15 0.82 19.42
N ILE D 179 42.14 1.04 18.11
CA ILE D 179 43.33 1.45 17.38
C ILE D 179 43.08 2.83 16.79
N PRO D 180 43.15 3.90 17.59
CA PRO D 180 42.90 5.24 17.07
C PRO D 180 44.03 5.67 16.14
N LEU D 181 43.68 5.95 14.88
CA LEU D 181 44.66 6.39 13.89
C LEU D 181 44.90 7.89 13.89
N GLY D 182 43.99 8.67 14.49
CA GLY D 182 44.14 10.11 14.53
C GLY D 182 43.51 10.68 15.78
N TRP D 183 43.77 11.97 15.99
CA TRP D 183 43.24 12.69 17.15
C TRP D 183 43.43 14.17 16.92
N HIS D 184 42.89 14.98 17.84
CA HIS D 184 42.99 16.42 17.72
C HIS D 184 44.32 16.94 18.27
N VAL D 185 44.63 16.58 19.53
CA VAL D 185 45.89 16.98 20.14
C VAL D 185 46.46 15.79 20.92
N ARG D 186 45.61 15.17 21.74
CA ARG D 186 46.02 14.01 22.52
C ARG D 186 44.82 13.08 22.68
N ILE D 187 45.11 11.79 22.76
CA ILE D 187 44.05 10.79 22.90
C ILE D 187 43.46 10.91 24.30
N ALA D 188 42.16 11.19 24.38
CA ALA D 188 41.48 11.33 25.66
C ALA D 188 39.98 11.13 25.43
N ILE D 189 39.44 10.04 25.95
CA ILE D 189 38.03 9.74 25.81
C ILE D 189 37.61 8.80 26.93
N ARG D 190 36.48 9.10 27.56
CA ARG D 190 35.96 8.30 28.66
C ARG D 190 35.10 7.18 28.06
N MET D 191 35.75 6.10 27.65
CA MET D 191 35.05 4.98 27.05
C MET D 191 34.10 4.34 28.06
N GLU D 192 33.20 3.50 27.54
CA GLU D 192 32.24 2.81 28.39
C GLU D 192 31.58 1.67 27.60
N LEU D 193 32.17 0.49 27.66
CA LEU D 193 31.63 -0.66 26.94
C LEU D 193 30.26 -1.03 27.49
N LEU D 194 29.52 -1.81 26.69
CA LEU D 194 28.18 -2.26 27.03
C LEU D 194 28.13 -3.78 26.93
N GLU D 195 27.78 -4.44 28.03
CA GLU D 195 27.69 -5.90 28.08
C GLU D 195 26.23 -6.31 28.08
N CYS D 196 26.00 -7.57 27.71
CA CYS D 196 24.65 -8.12 27.67
C CYS D 196 24.24 -8.64 29.04
N CYS E 40 27.75 -19.26 9.60
CA CYS E 40 26.46 -18.60 9.58
C CYS E 40 26.64 -17.10 9.79
N PRO E 41 25.61 -16.30 9.45
CA PRO E 41 25.72 -14.84 9.61
C PRO E 41 26.11 -14.43 11.01
N TYR E 42 27.38 -14.61 11.36
CA TYR E 42 27.90 -14.24 12.68
C TYR E 42 29.35 -13.81 12.52
N HIS E 43 29.94 -13.35 13.62
CA HIS E 43 31.33 -12.90 13.66
C HIS E 43 32.14 -13.94 14.43
N LYS E 44 32.49 -15.02 13.73
CA LYS E 44 33.28 -16.11 14.31
C LYS E 44 34.26 -16.64 13.26
N PRO E 45 35.22 -15.82 12.86
CA PRO E 45 36.19 -16.26 11.85
C PRO E 45 37.16 -17.28 12.40
N LEU E 46 37.98 -17.81 11.51
CA LEU E 46 39.00 -18.79 11.91
C LEU E 46 40.13 -18.09 12.66
N GLY E 47 41.16 -18.88 12.99
CA GLY E 47 42.29 -18.36 13.72
C GLY E 47 43.61 -18.57 13.02
N PHE E 48 43.88 -17.75 11.99
CA PHE E 48 45.15 -17.85 11.27
C PHE E 48 46.26 -17.07 11.99
N GLU E 49 45.91 -15.96 12.64
CA GLU E 49 46.92 -15.16 13.34
C GLU E 49 47.50 -15.91 14.54
N SER E 50 46.77 -16.88 15.10
CA SER E 50 47.29 -17.62 16.25
C SER E 50 48.57 -18.35 15.90
N GLY E 51 48.61 -19.00 14.73
CA GLY E 51 49.79 -19.74 14.32
C GLY E 51 49.93 -21.11 14.94
N GLU E 52 49.07 -21.49 15.88
CA GLU E 52 49.16 -22.80 16.49
C GLU E 52 48.91 -23.93 15.50
N VAL E 53 48.18 -23.67 14.42
CA VAL E 53 47.91 -24.71 13.44
C VAL E 53 49.21 -25.18 12.81
N THR E 54 49.32 -26.48 12.60
CA THR E 54 50.51 -27.05 12.02
C THR E 54 50.58 -26.74 10.53
N PRO E 55 51.78 -26.71 9.94
CA PRO E 55 51.89 -26.41 8.50
C PRO E 55 51.40 -27.54 7.61
N ASP E 56 51.09 -28.71 8.16
CA ASP E 56 50.63 -29.83 7.33
C ASP E 56 49.30 -29.51 6.68
N GLN E 57 48.46 -28.70 7.32
CA GLN E 57 47.16 -28.36 6.75
C GLN E 57 47.31 -27.42 5.56
N ILE E 58 48.12 -26.37 5.71
CA ILE E 58 48.34 -25.41 4.64
C ILE E 58 49.29 -26.02 3.62
N THR E 59 48.75 -26.79 2.68
CA THR E 59 49.54 -27.43 1.65
C THR E 59 49.65 -26.52 0.42
N CYS E 60 50.83 -26.50 -0.18
CA CYS E 60 51.08 -25.69 -1.37
C CYS E 60 52.09 -26.41 -2.25
N SER E 61 52.51 -25.73 -3.32
CA SER E 61 53.48 -26.28 -4.25
C SER E 61 54.39 -25.16 -4.75
N ASN E 62 55.13 -24.56 -3.82
CA ASN E 62 56.06 -23.47 -4.12
C ASN E 62 57.30 -23.62 -3.24
N PRO E 63 58.17 -24.57 -3.56
CA PRO E 63 59.39 -24.76 -2.77
C PRO E 63 60.23 -23.48 -2.73
N GLU E 64 60.41 -22.95 -1.53
CA GLU E 64 61.20 -21.72 -1.38
C GLU E 64 62.70 -22.03 -1.32
N GLN E 65 63.08 -23.11 -0.65
CA GLN E 65 64.48 -23.51 -0.53
C GLN E 65 64.61 -25.02 -0.68
N TYR E 66 63.90 -25.59 -1.66
CA TYR E 66 63.89 -27.02 -1.92
C TYR E 66 63.89 -27.84 -0.64
N VAL E 67 63.13 -27.40 0.36
CA VAL E 67 63.06 -28.12 1.63
C VAL E 67 62.12 -29.30 1.53
N GLY E 68 60.94 -29.10 0.93
CA GLY E 68 59.98 -30.17 0.78
C GLY E 68 58.99 -29.92 -0.34
N TRP E 69 57.87 -30.64 -0.32
CA TRP E 69 56.84 -30.48 -1.35
C TRP E 69 55.48 -30.21 -0.72
N TYR E 70 55.30 -30.59 0.55
CA TYR E 70 54.05 -30.37 1.24
C TYR E 70 53.76 -28.88 1.36
N SER E 71 54.45 -28.20 2.27
CA SER E 71 54.28 -26.78 2.50
C SER E 71 55.59 -26.05 2.29
N SER E 72 55.53 -24.71 2.34
CA SER E 72 56.71 -23.89 2.16
C SER E 72 56.50 -22.52 2.80
N TRP E 73 55.49 -21.79 2.33
CA TRP E 73 55.20 -20.46 2.89
C TRP E 73 54.38 -20.57 4.17
N THR E 74 53.44 -21.52 4.21
CA THR E 74 52.55 -21.73 5.35
C THR E 74 52.08 -20.41 5.94
N ALA E 75 51.75 -20.40 7.24
CA ALA E 75 51.29 -19.21 7.93
C ALA E 75 52.44 -18.42 8.57
N ASN E 76 53.64 -18.49 7.98
CA ASN E 76 54.77 -17.76 8.54
C ASN E 76 54.75 -16.30 8.14
N LYS E 77 54.39 -16.01 6.89
CA LYS E 77 54.33 -14.64 6.39
C LYS E 77 53.02 -14.37 5.67
N ALA E 78 51.93 -14.97 6.15
CA ALA E 78 50.61 -14.80 5.53
C ALA E 78 49.56 -15.04 6.63
N ARG E 79 49.26 -13.99 7.38
CA ARG E 79 48.28 -14.04 8.45
C ARG E 79 47.45 -12.77 8.43
N LEU E 80 46.43 -12.71 9.29
CA LEU E 80 45.55 -11.56 9.38
C LEU E 80 46.33 -10.41 10.03
N ASN E 81 46.85 -9.51 9.19
CA ASN E 81 47.62 -8.36 9.67
C ASN E 81 48.79 -8.82 10.53
N SER E 82 49.94 -9.07 9.90
CA SER E 82 51.14 -9.50 10.60
C SER E 82 52.31 -8.66 10.10
N GLN E 83 52.85 -7.81 10.98
CA GLN E 83 53.96 -6.95 10.61
C GLN E 83 55.22 -7.79 10.41
N GLY E 84 55.97 -7.46 9.37
CA GLY E 84 57.20 -8.18 9.07
C GLY E 84 57.59 -8.00 7.61
N PHE E 85 58.48 -8.87 7.16
CA PHE E 85 58.96 -8.83 5.78
C PHE E 85 57.82 -9.13 4.82
N GLY E 86 57.32 -10.36 4.83
CA GLY E 86 56.23 -10.75 3.96
C GLY E 86 54.87 -10.43 4.54
N CYS E 87 54.22 -9.38 4.02
CA CYS E 87 52.92 -8.99 4.52
C CYS E 87 51.81 -9.94 4.08
N ALA E 88 52.01 -10.69 3.01
CA ALA E 88 51.02 -11.63 2.51
C ALA E 88 51.75 -12.78 1.81
N TRP E 89 50.98 -13.66 1.20
CA TRP E 89 51.54 -14.81 0.49
C TRP E 89 51.80 -14.42 -0.96
N LEU E 90 53.08 -14.45 -1.34
CA LEU E 90 53.49 -14.10 -2.70
C LEU E 90 53.47 -15.34 -3.59
N SER E 91 53.66 -15.11 -4.89
CA SER E 91 53.67 -16.18 -5.88
C SER E 91 54.74 -15.88 -6.92
N LYS E 92 55.62 -16.86 -7.17
CA LYS E 92 56.69 -16.66 -8.14
C LYS E 92 56.20 -16.98 -9.56
N PHE E 93 55.96 -18.26 -9.84
CA PHE E 93 55.49 -18.65 -11.16
C PHE E 93 54.05 -18.19 -11.39
N GLN E 94 53.76 -17.79 -12.61
CA GLN E 94 52.42 -17.32 -12.98
C GLN E 94 51.52 -18.53 -13.24
N ASP E 95 51.16 -19.21 -12.16
CA ASP E 95 50.30 -20.38 -12.23
C ASP E 95 48.84 -19.95 -12.32
N SER E 96 48.17 -20.35 -13.41
CA SER E 96 46.77 -19.99 -13.58
C SER E 96 45.86 -20.82 -12.69
N SER E 97 46.02 -22.14 -12.72
CA SER E 97 45.21 -23.05 -11.90
C SER E 97 45.84 -23.18 -10.51
N GLN E 98 45.83 -22.06 -9.79
CA GLN E 98 46.40 -22.03 -8.45
C GLN E 98 45.41 -22.60 -7.44
N TRP E 99 45.95 -23.28 -6.43
CA TRP E 99 45.13 -23.89 -5.39
C TRP E 99 45.86 -23.75 -4.05
N LEU E 100 45.08 -23.87 -2.97
CA LEU E 100 45.63 -23.75 -1.62
C LEU E 100 44.71 -24.52 -0.68
N GLN E 101 45.16 -25.70 -0.23
CA GLN E 101 44.36 -26.52 0.67
C GLN E 101 44.18 -25.81 2.00
N ILE E 102 42.96 -25.92 2.55
CA ILE E 102 42.61 -25.31 3.83
C ILE E 102 41.85 -26.37 4.62
N ASP E 103 42.58 -27.16 5.41
CA ASP E 103 41.97 -28.21 6.21
C ASP E 103 41.48 -27.63 7.53
N LEU E 104 40.17 -27.68 7.75
CA LEU E 104 39.56 -27.18 8.97
C LEU E 104 39.56 -28.26 10.04
N LYS E 105 39.02 -27.92 11.21
CA LYS E 105 38.96 -28.88 12.30
C LYS E 105 37.95 -29.98 12.02
N GLU E 106 36.80 -29.62 11.48
CA GLU E 106 35.75 -30.59 11.17
C GLU E 106 34.80 -29.94 10.16
N ILE E 107 33.78 -30.69 9.77
CA ILE E 107 32.80 -30.19 8.80
C ILE E 107 31.94 -29.12 9.48
N LYS E 108 31.87 -27.95 8.86
CA LYS E 108 31.08 -26.84 9.38
C LYS E 108 30.42 -26.12 8.23
N VAL E 109 29.46 -25.26 8.57
CA VAL E 109 28.72 -24.48 7.58
C VAL E 109 29.47 -23.16 7.39
N ILE E 110 30.17 -23.04 6.27
CA ILE E 110 30.93 -21.83 5.95
C ILE E 110 30.03 -20.89 5.16
N SER E 111 30.09 -19.60 5.50
CA SER E 111 29.28 -18.59 4.83
C SER E 111 29.99 -17.25 4.94
N GLY E 112 30.36 -16.69 3.80
CA GLY E 112 31.04 -15.41 3.78
C GLY E 112 32.56 -15.55 3.80
N ILE E 113 33.23 -14.47 3.42
CA ILE E 113 34.69 -14.44 3.38
C ILE E 113 35.13 -13.00 3.22
N LEU E 114 36.15 -12.62 3.98
CA LEU E 114 36.66 -11.26 3.93
C LEU E 114 37.58 -11.09 2.72
N THR E 115 37.91 -9.82 2.43
CA THR E 115 38.76 -9.48 1.30
C THR E 115 39.70 -8.35 1.71
N GLN E 116 40.99 -8.52 1.43
CA GLN E 116 41.99 -7.53 1.77
C GLN E 116 42.97 -7.43 0.59
N GLY E 117 44.04 -6.67 0.78
CA GLY E 117 45.05 -6.47 -0.24
C GLY E 117 46.44 -6.70 0.33
N HIS E 118 47.41 -5.96 -0.23
CA HIS E 118 48.80 -6.06 0.18
C HIS E 118 49.38 -4.66 0.31
N CYS E 119 50.12 -4.43 1.38
CA CYS E 119 50.73 -3.13 1.64
C CYS E 119 51.94 -2.94 0.72
N ASP E 120 52.57 -1.76 0.83
CA ASP E 120 53.74 -1.43 0.02
C ASP E 120 53.42 -1.55 -1.46
N ILE E 121 53.45 -2.78 -1.98
CA ILE E 121 53.15 -3.04 -3.39
C ILE E 121 51.70 -3.49 -3.46
N ASP E 122 50.83 -2.62 -4.00
CA ASP E 122 49.41 -2.92 -4.09
C ASP E 122 49.20 -4.09 -5.05
N GLU E 123 48.48 -5.11 -4.58
CA GLU E 123 48.16 -6.27 -5.38
C GLU E 123 46.74 -6.72 -5.07
N TRP E 124 46.02 -7.17 -6.09
CA TRP E 124 44.64 -7.61 -5.92
C TRP E 124 44.28 -8.53 -7.09
N MET E 125 43.24 -9.34 -6.86
CA MET E 125 42.76 -10.26 -7.88
C MET E 125 41.65 -9.60 -8.69
N THR E 126 41.10 -10.35 -9.64
CA THR E 126 40.03 -9.84 -10.50
C THR E 126 38.94 -10.89 -10.68
N LYS E 127 39.33 -12.15 -10.86
CA LYS E 127 38.38 -13.24 -11.05
C LYS E 127 38.86 -14.46 -10.29
N TYR E 128 37.91 -15.21 -9.72
CA TYR E 128 38.22 -16.42 -8.97
C TYR E 128 36.93 -17.23 -8.83
N SER E 129 37.04 -18.37 -8.17
CA SER E 129 35.89 -19.25 -7.96
C SER E 129 36.13 -20.08 -6.71
N VAL E 130 35.12 -20.15 -5.85
CA VAL E 130 35.22 -20.93 -4.62
C VAL E 130 34.91 -22.39 -4.92
N GLN E 131 35.55 -23.28 -4.16
CA GLN E 131 35.37 -24.72 -4.33
C GLN E 131 35.11 -25.35 -2.98
N TYR E 132 34.56 -26.57 -3.02
CA TYR E 132 34.25 -27.30 -1.80
C TYR E 132 34.14 -28.79 -2.14
N ARG E 133 34.62 -29.63 -1.23
CA ARG E 133 34.61 -31.07 -1.42
C ARG E 133 34.33 -31.74 -0.08
N THR E 134 34.29 -33.08 -0.10
CA THR E 134 34.01 -33.85 1.11
C THR E 134 34.91 -35.07 1.19
N ASP E 135 34.81 -35.96 0.20
CA ASP E 135 35.61 -37.19 0.20
C ASP E 135 37.08 -36.94 -0.15
N GLU E 136 37.47 -35.70 -0.43
CA GLU E 136 38.87 -35.38 -0.73
C GLU E 136 39.35 -36.11 -1.98
N ARG E 137 38.44 -36.39 -2.91
CA ARG E 137 38.76 -37.09 -4.15
C ARG E 137 38.02 -36.49 -5.32
N LEU E 138 37.88 -35.17 -5.34
CA LEU E 138 37.19 -34.47 -6.43
C LEU E 138 37.36 -32.97 -6.19
N ASN E 139 36.83 -32.19 -7.13
CA ASN E 139 36.89 -30.72 -7.05
C ASN E 139 35.64 -30.16 -7.68
N TRP E 140 34.85 -29.44 -6.90
CA TRP E 140 33.60 -28.85 -7.37
C TRP E 140 33.71 -27.33 -7.35
N ILE E 141 32.95 -26.69 -8.23
CA ILE E 141 32.92 -25.24 -8.35
C ILE E 141 31.69 -24.71 -7.63
N TYR E 142 31.81 -23.51 -7.08
CA TYR E 142 30.72 -22.88 -6.33
C TYR E 142 29.80 -22.15 -7.31
N TYR E 143 28.52 -22.56 -7.33
CA TYR E 143 27.52 -21.95 -8.18
C TYR E 143 26.33 -21.54 -7.33
N LYS E 144 25.82 -20.33 -7.53
CA LYS E 144 24.68 -19.82 -6.80
C LYS E 144 23.40 -20.04 -7.59
N ASP E 145 22.27 -19.75 -6.94
CA ASP E 145 20.97 -19.90 -7.56
C ASP E 145 20.55 -18.69 -8.39
N GLN E 146 20.97 -17.49 -7.98
CA GLN E 146 20.63 -16.26 -8.68
C GLN E 146 21.69 -15.84 -9.69
N THR E 147 22.26 -16.81 -10.42
CA THR E 147 23.29 -16.55 -11.42
C THR E 147 22.92 -17.33 -12.68
N GLY E 148 22.12 -16.71 -13.55
CA GLY E 148 21.70 -17.34 -14.78
C GLY E 148 22.58 -16.98 -15.96
N ASN E 149 23.88 -16.82 -15.70
CA ASN E 149 24.83 -16.46 -16.74
C ASN E 149 26.22 -16.88 -16.28
N ASN E 150 27.25 -16.45 -17.00
CA ASN E 150 28.64 -16.77 -16.66
C ASN E 150 29.23 -15.74 -15.70
N ARG E 151 28.50 -15.43 -14.64
CA ARG E 151 28.97 -14.46 -13.66
C ARG E 151 30.11 -15.04 -12.84
N VAL E 152 31.04 -14.17 -12.43
CA VAL E 152 32.19 -14.55 -11.63
C VAL E 152 32.36 -13.55 -10.51
N PHE E 153 32.83 -14.04 -9.36
CA PHE E 153 33.02 -13.19 -8.20
C PHE E 153 34.07 -12.12 -8.49
N TYR E 154 33.95 -10.99 -7.80
CA TYR E 154 34.86 -9.87 -8.00
C TYR E 154 36.04 -9.95 -7.04
N GLY E 155 35.83 -9.58 -5.79
CA GLY E 155 36.89 -9.60 -4.79
C GLY E 155 37.13 -8.25 -4.16
N ASN E 156 38.10 -7.51 -4.67
CA ASN E 156 38.44 -6.19 -4.15
C ASN E 156 39.42 -5.54 -5.11
N SER E 157 39.87 -4.33 -4.76
CA SER E 157 40.83 -3.61 -5.57
C SER E 157 41.54 -2.55 -4.75
N ASP E 158 41.69 -2.80 -3.44
CA ASP E 158 42.35 -1.85 -2.56
C ASP E 158 42.60 -2.53 -1.22
N ARG E 159 43.76 -2.26 -0.62
CA ARG E 159 44.09 -2.87 0.66
C ARG E 159 43.18 -2.37 1.77
N THR E 160 42.66 -1.15 1.66
CA THR E 160 41.78 -0.61 2.68
C THR E 160 40.34 -1.07 2.50
N SER E 161 39.94 -1.37 1.27
CA SER E 161 38.57 -1.81 1.01
C SER E 161 38.32 -3.16 1.67
N THR E 162 37.05 -3.40 2.00
CA THR E 162 36.62 -4.65 2.63
C THR E 162 35.32 -5.13 1.98
N VAL E 163 35.36 -5.31 0.66
CA VAL E 163 34.20 -5.76 -0.09
C VAL E 163 33.94 -7.23 0.24
N GLN E 164 32.95 -7.48 1.09
CA GLN E 164 32.61 -8.83 1.50
C GLN E 164 31.63 -9.45 0.51
N ASN E 165 31.43 -10.76 0.65
CA ASN E 165 30.51 -11.53 -0.21
C ASN E 165 29.67 -12.41 0.71
N LEU E 166 28.54 -11.87 1.16
CA LEU E 166 27.64 -12.61 2.05
C LEU E 166 27.04 -13.78 1.29
N LEU E 167 27.44 -15.00 1.66
CA LEU E 167 26.93 -16.22 1.04
C LEU E 167 25.82 -16.77 1.91
N ARG E 168 24.60 -16.33 1.63
CA ARG E 168 23.43 -16.76 2.40
C ARG E 168 23.20 -18.27 2.25
N PRO E 169 23.30 -18.83 1.04
CA PRO E 169 23.09 -20.28 0.88
C PRO E 169 24.05 -21.07 1.75
N PRO E 170 23.54 -21.82 2.73
CA PRO E 170 24.45 -22.62 3.56
C PRO E 170 25.23 -23.63 2.73
N ILE E 171 26.50 -23.79 3.08
CA ILE E 171 27.40 -24.71 2.38
C ILE E 171 27.96 -25.68 3.42
N ILE E 172 27.49 -26.92 3.40
CA ILE E 172 27.95 -27.95 4.33
C ILE E 172 29.17 -28.61 3.70
N SER E 173 30.35 -28.15 4.09
CA SER E 173 31.59 -28.68 3.56
C SER E 173 32.69 -28.46 4.60
N ARG E 174 33.94 -28.69 4.20
CA ARG E 174 35.07 -28.51 5.10
C ARG E 174 36.23 -27.85 4.37
N PHE E 175 36.76 -28.52 3.34
CA PHE E 175 37.87 -27.99 2.57
C PHE E 175 37.37 -26.98 1.55
N ILE E 176 38.08 -25.86 1.44
CA ILE E 176 37.73 -24.79 0.52
C ILE E 176 39.00 -24.33 -0.18
N ARG E 177 38.90 -24.04 -1.48
CA ARG E 177 40.02 -23.58 -2.28
C ARG E 177 39.54 -22.48 -3.21
N LEU E 178 40.50 -21.77 -3.80
CA LEU E 178 40.22 -20.68 -4.72
C LEU E 178 41.01 -20.89 -6.01
N ILE E 179 40.36 -20.59 -7.14
CA ILE E 179 40.98 -20.74 -8.45
C ILE E 179 41.09 -19.36 -9.09
N PRO E 180 42.05 -18.52 -8.68
CA PRO E 180 42.17 -17.18 -9.27
C PRO E 180 42.64 -17.27 -10.72
N LEU E 181 41.83 -16.75 -11.63
CA LEU E 181 42.15 -16.76 -13.05
C LEU E 181 42.98 -15.56 -13.48
N GLY E 182 43.01 -14.49 -12.67
CA GLY E 182 43.76 -13.30 -13.02
C GLY E 182 44.26 -12.61 -11.77
N TRP E 183 45.12 -11.61 -11.99
CA TRP E 183 45.69 -10.84 -10.90
C TRP E 183 46.36 -9.60 -11.51
N HIS E 184 46.84 -8.72 -10.63
CA HIS E 184 47.48 -7.49 -11.07
C HIS E 184 48.94 -7.72 -11.41
N VAL E 185 49.70 -8.28 -10.47
CA VAL E 185 51.11 -8.57 -10.69
C VAL E 185 51.43 -9.94 -10.09
N ARG E 186 51.02 -10.16 -8.85
CA ARG E 186 51.22 -11.42 -8.17
C ARG E 186 50.05 -11.68 -7.23
N ILE E 187 49.73 -12.95 -7.05
CA ILE E 187 48.64 -13.34 -6.16
C ILE E 187 49.04 -13.06 -4.72
N ALA E 188 48.28 -12.22 -4.04
CA ALA E 188 48.57 -11.88 -2.65
C ALA E 188 47.30 -11.32 -2.03
N ILE E 189 46.73 -12.06 -1.09
CA ILE E 189 45.50 -11.64 -0.41
C ILE E 189 45.43 -12.35 0.93
N ARG E 190 45.10 -11.61 1.98
CA ARG E 190 44.99 -12.15 3.33
C ARG E 190 43.57 -12.67 3.51
N MET E 191 43.33 -13.89 3.05
CA MET E 191 42.00 -14.49 3.15
C MET E 191 41.62 -14.69 4.61
N GLU E 192 40.32 -14.95 4.82
CA GLU E 192 39.80 -15.18 6.16
C GLU E 192 38.42 -15.80 6.09
N LEU E 193 38.34 -17.12 6.08
CA LEU E 193 37.06 -17.81 6.00
C LEU E 193 36.22 -17.52 7.24
N LEU E 194 34.92 -17.79 7.11
CA LEU E 194 33.97 -17.57 8.20
C LEU E 194 33.21 -18.87 8.45
N GLU E 195 33.29 -19.37 9.68
CA GLU E 195 32.62 -20.60 10.07
C GLU E 195 31.40 -20.28 10.92
N CYS E 196 30.48 -21.24 10.98
CA CYS E 196 29.27 -21.07 11.77
C CYS E 196 29.51 -21.44 13.23
N CYS F 40 16.60 -30.82 -2.54
CA CYS F 40 15.96 -29.62 -2.01
C CYS F 40 16.86 -28.41 -2.24
N PRO F 41 16.29 -27.19 -2.14
CA PRO F 41 17.10 -25.99 -2.36
C PRO F 41 18.34 -25.93 -1.48
N TYR F 42 19.35 -26.72 -1.82
CA TYR F 42 20.61 -26.75 -1.08
C TYR F 42 21.74 -27.05 -2.06
N HIS F 43 22.96 -27.05 -1.53
CA HIS F 43 24.16 -27.31 -2.32
C HIS F 43 24.71 -28.67 -1.90
N LYS F 44 24.12 -29.73 -2.43
CA LYS F 44 24.53 -31.10 -2.15
C LYS F 44 24.40 -31.93 -3.42
N PRO F 45 25.22 -31.64 -4.43
CA PRO F 45 25.14 -32.40 -5.68
C PRO F 45 25.68 -33.81 -5.54
N LEU F 46 25.54 -34.61 -6.59
CA LEU F 46 26.04 -35.98 -6.58
C LEU F 46 27.57 -35.97 -6.69
N GLY F 47 28.14 -37.17 -6.78
CA GLY F 47 29.59 -37.31 -6.87
C GLY F 47 30.04 -38.07 -8.10
N PHE F 48 30.01 -37.39 -9.25
CA PHE F 48 30.48 -38.01 -10.49
C PHE F 48 32.00 -37.91 -10.63
N GLU F 49 32.60 -36.83 -10.14
CA GLU F 49 34.05 -36.67 -10.24
C GLU F 49 34.80 -37.68 -9.40
N SER F 50 34.16 -38.24 -8.37
CA SER F 50 34.84 -39.22 -7.52
C SER F 50 35.25 -40.45 -8.33
N GLY F 51 34.35 -40.95 -9.18
CA GLY F 51 34.63 -42.12 -9.99
C GLY F 51 34.48 -43.44 -9.28
N GLU F 52 34.22 -43.44 -7.97
CA GLU F 52 34.06 -44.68 -7.24
C GLU F 52 32.84 -45.47 -7.69
N VAL F 53 31.83 -44.80 -8.26
CA VAL F 53 30.65 -45.50 -8.72
C VAL F 53 31.02 -46.49 -9.83
N THR F 54 30.40 -47.67 -9.78
CA THR F 54 30.69 -48.68 -10.78
C THR F 54 30.04 -48.32 -12.12
N PRO F 55 30.59 -48.81 -13.23
CA PRO F 55 29.99 -48.49 -14.55
C PRO F 55 28.66 -49.18 -14.80
N ASP F 56 28.24 -50.10 -13.93
CA ASP F 56 26.97 -50.78 -14.15
C ASP F 56 25.79 -49.82 -14.07
N GLN F 57 25.91 -48.77 -13.26
CA GLN F 57 24.82 -47.81 -13.13
C GLN F 57 24.68 -46.96 -14.39
N ILE F 58 25.80 -46.43 -14.90
CA ILE F 58 25.78 -45.61 -16.10
C ILE F 58 25.62 -46.52 -17.32
N THR F 59 24.38 -46.85 -17.65
CA THR F 59 24.09 -47.71 -18.79
C THR F 59 23.89 -46.86 -20.05
N CYS F 60 24.39 -47.36 -21.17
CA CYS F 60 24.27 -46.67 -22.45
C CYS F 60 24.19 -47.71 -23.56
N SER F 61 24.19 -47.23 -24.81
CA SER F 61 24.11 -48.09 -25.98
C SER F 61 24.98 -47.50 -27.09
N ASN F 62 26.28 -47.41 -26.82
CA ASN F 62 27.26 -46.87 -27.77
C ASN F 62 28.55 -47.66 -27.66
N PRO F 63 28.58 -48.88 -28.18
CA PRO F 63 29.81 -49.69 -28.12
C PRO F 63 30.97 -48.98 -28.79
N GLU F 64 32.00 -48.68 -28.00
CA GLU F 64 33.18 -48.00 -28.54
C GLU F 64 34.14 -48.99 -29.21
N GLN F 65 34.31 -50.17 -28.63
CA GLN F 65 35.19 -51.20 -29.18
C GLN F 65 34.54 -52.57 -29.06
N TYR F 66 33.25 -52.65 -29.38
CA TYR F 66 32.48 -53.88 -29.30
C TYR F 66 32.83 -54.70 -28.07
N VAL F 67 33.03 -54.03 -26.93
CA VAL F 67 33.37 -54.74 -25.70
C VAL F 67 32.12 -55.31 -25.05
N GLY F 68 31.05 -54.54 -24.98
CA GLY F 68 29.82 -55.00 -24.38
C GLY F 68 28.61 -54.21 -24.84
N TRP F 69 27.50 -54.32 -24.10
CA TRP F 69 26.28 -53.61 -24.45
C TRP F 69 25.78 -52.78 -23.27
N TYR F 70 26.19 -53.13 -22.06
CA TYR F 70 25.78 -52.40 -20.87
C TYR F 70 26.29 -50.96 -20.93
N SER F 71 27.58 -50.77 -20.67
CA SER F 71 28.21 -49.45 -20.68
C SER F 71 29.34 -49.43 -21.69
N SER F 72 29.90 -48.23 -21.89
CA SER F 72 31.00 -48.05 -22.82
C SER F 72 31.81 -46.81 -22.46
N TRP F 73 31.16 -45.65 -22.48
CA TRP F 73 31.84 -44.40 -22.14
C TRP F 73 31.91 -44.20 -20.62
N THR F 74 30.85 -44.59 -19.91
CA THR F 74 30.76 -44.44 -18.46
C THR F 74 31.34 -43.11 -17.99
N ALA F 75 31.82 -43.06 -16.75
CA ALA F 75 32.41 -41.85 -16.18
C ALA F 75 33.91 -41.75 -16.41
N ASN F 76 34.41 -42.33 -17.51
CA ASN F 76 35.85 -42.29 -17.79
C ASN F 76 36.24 -40.96 -18.40
N LYS F 77 35.43 -40.44 -19.32
CA LYS F 77 35.71 -39.16 -19.98
C LYS F 77 34.48 -38.25 -19.95
N ALA F 78 33.71 -38.31 -18.86
CA ALA F 78 32.51 -37.48 -18.71
C ALA F 78 32.27 -37.28 -17.22
N ARG F 79 32.92 -36.25 -16.67
CA ARG F 79 32.80 -35.92 -15.26
C ARG F 79 32.77 -34.41 -15.11
N LEU F 80 32.52 -33.96 -13.88
CA LEU F 80 32.45 -32.53 -13.57
C LEU F 80 33.86 -31.95 -13.68
N ASN F 81 34.17 -31.35 -14.82
CA ASN F 81 35.48 -30.75 -15.05
C ASN F 81 36.59 -31.79 -14.86
N SER F 82 36.96 -32.48 -15.93
CA SER F 82 38.00 -33.49 -15.89
C SER F 82 38.93 -33.27 -17.08
N GLN F 83 40.15 -32.84 -16.80
CA GLN F 83 41.12 -32.60 -17.87
C GLN F 83 41.54 -33.91 -18.52
N GLY F 84 41.64 -33.90 -19.85
CA GLY F 84 42.03 -35.09 -20.58
C GLY F 84 41.58 -34.99 -22.02
N PHE F 85 41.58 -36.14 -22.69
CA PHE F 85 41.17 -36.22 -24.08
C PHE F 85 39.70 -35.87 -24.23
N GLY F 86 38.82 -36.71 -23.70
CA GLY F 86 37.39 -36.46 -23.77
C GLY F 86 36.89 -35.58 -22.65
N CYS F 87 36.60 -34.31 -22.96
CA CYS F 87 36.12 -33.38 -21.95
C CYS F 87 34.68 -33.66 -21.54
N ALA F 88 33.90 -34.33 -22.39
CA ALA F 88 32.51 -34.64 -22.08
C ALA F 88 32.14 -35.93 -22.81
N TRP F 89 30.87 -36.29 -22.74
CA TRP F 89 30.37 -37.51 -23.37
C TRP F 89 29.93 -37.18 -24.80
N LEU F 90 30.60 -37.78 -25.78
CA LEU F 90 30.29 -37.55 -27.18
C LEU F 90 29.25 -38.57 -27.66
N SER F 91 28.76 -38.34 -28.88
CA SER F 91 27.76 -39.21 -29.49
C SER F 91 28.08 -39.36 -30.97
N LYS F 92 28.13 -40.61 -31.43
CA LYS F 92 28.43 -40.88 -32.83
C LYS F 92 27.16 -40.81 -33.69
N PHE F 93 26.29 -41.78 -33.54
CA PHE F 93 25.05 -41.81 -34.31
C PHE F 93 24.11 -40.70 -33.84
N GLN F 94 23.39 -40.11 -34.78
CA GLN F 94 22.44 -39.03 -34.48
C GLN F 94 21.13 -39.64 -33.99
N ASP F 95 21.18 -40.15 -32.76
CA ASP F 95 20.02 -40.77 -32.14
C ASP F 95 19.12 -39.69 -31.54
N SER F 96 17.87 -39.62 -32.00
CA SER F 96 16.94 -38.63 -31.50
C SER F 96 16.43 -39.00 -30.11
N SER F 97 15.95 -40.24 -29.95
CA SER F 97 15.44 -40.71 -28.66
C SER F 97 16.59 -41.24 -27.82
N GLN F 98 17.47 -40.32 -27.44
CA GLN F 98 18.63 -40.67 -26.63
C GLN F 98 18.24 -40.77 -25.16
N TRP F 99 18.88 -41.71 -24.47
CA TRP F 99 18.62 -41.93 -23.05
C TRP F 99 19.93 -42.27 -22.35
N LEU F 100 19.92 -42.10 -21.03
CA LEU F 100 21.11 -42.36 -20.22
C LEU F 100 20.64 -42.68 -18.80
N GLN F 101 20.70 -43.96 -18.42
CA GLN F 101 20.28 -44.37 -17.10
C GLN F 101 21.19 -43.77 -16.04
N ILE F 102 20.59 -43.33 -14.93
CA ILE F 102 21.32 -42.74 -13.81
C ILE F 102 20.75 -43.37 -12.54
N ASP F 103 21.36 -44.47 -12.11
CA ASP F 103 20.91 -45.17 -10.91
C ASP F 103 21.54 -44.54 -9.68
N LEU F 104 20.70 -43.97 -8.81
CA LEU F 104 21.16 -43.34 -7.58
C LEU F 104 21.29 -44.38 -6.47
N LYS F 105 21.71 -43.92 -5.29
CA LYS F 105 21.86 -44.82 -4.16
C LYS F 105 20.51 -45.28 -3.64
N GLU F 106 19.54 -44.37 -3.55
CA GLU F 106 18.20 -44.70 -3.07
C GLU F 106 17.26 -43.60 -3.54
N ILE F 107 15.98 -43.74 -3.19
CA ILE F 107 14.98 -42.76 -3.57
C ILE F 107 15.21 -41.47 -2.79
N LYS F 108 15.32 -40.36 -3.50
CA LYS F 108 15.55 -39.06 -2.89
C LYS F 108 14.75 -38.01 -3.65
N VAL F 109 14.63 -36.82 -3.05
CA VAL F 109 13.89 -35.72 -3.64
C VAL F 109 14.89 -34.90 -4.46
N ILE F 110 14.82 -35.04 -5.78
CA ILE F 110 15.70 -34.30 -6.68
C ILE F 110 15.04 -32.99 -7.07
N SER F 111 15.83 -31.92 -7.08
CA SER F 111 15.32 -30.60 -7.44
C SER F 111 16.47 -29.77 -7.98
N GLY F 112 16.36 -29.36 -9.24
CA GLY F 112 17.39 -28.56 -9.88
C GLY F 112 18.41 -29.40 -10.61
N ILE F 113 19.14 -28.75 -11.50
CA ILE F 113 20.18 -29.42 -12.30
C ILE F 113 21.04 -28.35 -12.95
N LEU F 114 22.35 -28.56 -12.93
CA LEU F 114 23.28 -27.61 -13.52
C LEU F 114 23.33 -27.79 -15.03
N THR F 115 23.95 -26.82 -15.70
CA THR F 115 24.08 -26.83 -17.15
C THR F 115 25.47 -26.32 -17.53
N GLN F 116 26.15 -27.06 -18.40
CA GLN F 116 27.49 -26.70 -18.85
C GLN F 116 27.58 -26.97 -20.35
N GLY F 117 28.78 -26.84 -20.90
CA GLY F 117 29.02 -27.05 -22.32
C GLY F 117 30.21 -27.96 -22.53
N HIS F 118 30.90 -27.73 -23.64
CA HIS F 118 32.07 -28.52 -24.01
C HIS F 118 33.17 -27.58 -24.49
N CYS F 119 34.40 -27.81 -24.02
CA CYS F 119 35.53 -26.98 -24.41
C CYS F 119 35.97 -27.31 -25.83
N ASP F 120 36.98 -26.59 -26.31
CA ASP F 120 37.51 -26.79 -27.66
C ASP F 120 36.41 -26.63 -28.70
N ILE F 121 35.61 -27.67 -28.89
CA ILE F 121 34.50 -27.65 -29.84
C ILE F 121 33.23 -27.34 -29.06
N ASP F 122 32.71 -26.12 -29.23
CA ASP F 122 31.52 -25.72 -28.51
C ASP F 122 30.32 -26.55 -28.95
N GLU F 123 29.63 -27.13 -27.97
CA GLU F 123 28.45 -27.94 -28.24
C GLU F 123 27.42 -27.69 -27.15
N TRP F 124 26.14 -27.66 -27.53
CA TRP F 124 25.07 -27.40 -26.58
C TRP F 124 23.77 -27.93 -27.17
N MET F 125 22.81 -28.18 -26.27
CA MET F 125 21.49 -28.67 -26.67
C MET F 125 20.55 -27.49 -26.91
N THR F 126 19.30 -27.82 -27.25
CA THR F 126 18.30 -26.79 -27.51
C THR F 126 16.96 -27.18 -26.87
N LYS F 127 16.59 -28.45 -26.97
CA LYS F 127 15.33 -28.94 -26.42
C LYS F 127 15.56 -30.29 -25.78
N TYR F 128 14.88 -30.54 -24.66
CA TYR F 128 14.98 -31.81 -23.95
C TYR F 128 13.79 -31.92 -23.00
N SER F 129 13.74 -33.03 -22.27
CA SER F 129 12.66 -33.28 -21.33
C SER F 129 13.16 -34.22 -20.24
N VAL F 130 12.88 -33.88 -18.99
CA VAL F 130 13.29 -34.70 -17.86
C VAL F 130 12.28 -35.81 -17.65
N GLN F 131 12.76 -36.96 -17.18
CA GLN F 131 11.92 -38.12 -16.93
C GLN F 131 12.20 -38.66 -15.53
N TYR F 132 11.26 -39.46 -15.03
CA TYR F 132 11.38 -40.05 -13.72
C TYR F 132 10.48 -41.27 -13.63
N ARG F 133 10.95 -42.31 -12.96
CA ARG F 133 10.21 -43.56 -12.82
C ARG F 133 10.46 -44.12 -11.42
N THR F 134 9.85 -45.26 -11.13
CA THR F 134 9.98 -45.91 -9.83
C THR F 134 10.13 -47.42 -9.98
N ASP F 135 9.13 -48.07 -10.57
CA ASP F 135 9.15 -49.51 -10.74
C ASP F 135 10.10 -49.97 -11.83
N GLU F 136 10.77 -49.06 -12.53
CA GLU F 136 11.73 -49.41 -13.58
C GLU F 136 11.07 -50.17 -14.71
N ARG F 137 9.79 -49.90 -14.96
CA ARG F 137 9.03 -50.59 -16.01
C ARG F 137 8.11 -49.60 -16.71
N LEU F 138 8.58 -48.38 -16.93
CA LEU F 138 7.80 -47.35 -17.61
C LEU F 138 8.69 -46.14 -17.82
N ASN F 139 8.14 -45.13 -18.48
CA ASN F 139 8.86 -43.88 -18.74
C ASN F 139 7.88 -42.74 -18.74
N TRP F 140 8.06 -41.79 -17.83
CA TRP F 140 7.18 -40.64 -17.68
C TRP F 140 7.93 -39.36 -18.05
N ILE F 141 7.17 -38.37 -18.50
CA ILE F 141 7.73 -37.07 -18.88
C ILE F 141 7.48 -36.08 -17.75
N TYR F 142 8.39 -35.12 -17.60
CA TYR F 142 8.31 -34.12 -16.55
C TYR F 142 7.43 -32.97 -17.02
N TYR F 143 6.34 -32.73 -16.30
CA TYR F 143 5.42 -31.63 -16.61
C TYR F 143 5.22 -30.79 -15.36
N LYS F 144 5.28 -29.47 -15.52
CA LYS F 144 5.10 -28.55 -14.41
C LYS F 144 3.65 -28.05 -14.35
N ASP F 145 3.34 -27.32 -13.29
CA ASP F 145 2.00 -26.78 -13.09
C ASP F 145 1.78 -25.46 -13.81
N GLN F 146 2.83 -24.64 -13.94
CA GLN F 146 2.74 -23.34 -14.60
C GLN F 146 3.11 -23.40 -16.07
N THR F 147 2.69 -24.46 -16.78
CA THR F 147 2.98 -24.63 -18.20
C THR F 147 1.68 -25.03 -18.89
N GLY F 148 0.90 -24.05 -19.31
CA GLY F 148 -0.36 -24.30 -19.98
C GLY F 148 -0.21 -24.30 -21.49
N ASN F 149 0.91 -24.81 -21.99
CA ASN F 149 1.17 -24.86 -23.42
C ASN F 149 2.23 -25.93 -23.66
N ASN F 150 2.75 -25.97 -24.89
CA ASN F 150 3.77 -26.95 -25.26
C ASN F 150 5.17 -26.41 -25.00
N ARG F 151 5.38 -25.88 -23.80
CA ARG F 151 6.68 -25.33 -23.44
C ARG F 151 7.70 -26.45 -23.22
N VAL F 152 8.96 -26.15 -23.55
CA VAL F 152 10.04 -27.10 -23.41
C VAL F 152 11.23 -26.40 -22.77
N PHE F 153 11.98 -27.14 -21.95
CA PHE F 153 13.13 -26.58 -21.27
C PHE F 153 14.18 -26.12 -22.29
N TYR F 154 14.98 -25.14 -21.89
CA TYR F 154 16.00 -24.58 -22.76
C TYR F 154 17.33 -25.29 -22.56
N GLY F 155 18.04 -24.95 -21.49
CA GLY F 155 19.33 -25.55 -21.20
C GLY F 155 20.44 -24.52 -21.08
N ASN F 156 21.18 -24.30 -22.17
CA ASN F 156 22.27 -23.34 -22.18
C ASN F 156 22.72 -23.16 -23.63
N SER F 157 23.77 -22.36 -23.81
CA SER F 157 24.32 -22.11 -25.14
C SER F 157 25.75 -21.58 -25.03
N ASP F 158 26.46 -21.98 -23.98
CA ASP F 158 27.83 -21.53 -23.78
C ASP F 158 28.44 -22.37 -22.66
N ARG F 159 29.72 -22.72 -22.83
CA ARG F 159 30.40 -23.52 -21.81
C ARG F 159 30.58 -22.74 -20.52
N THR F 160 30.69 -21.42 -20.60
CA THR F 160 30.87 -20.60 -19.41
C THR F 160 29.54 -20.31 -18.71
N SER F 161 28.44 -20.28 -19.46
CA SER F 161 27.14 -20.00 -18.87
C SER F 161 26.72 -21.12 -17.91
N THR F 162 25.90 -20.75 -16.93
CA THR F 162 25.42 -21.69 -15.92
C THR F 162 23.92 -21.43 -15.70
N VAL F 163 23.14 -21.51 -16.77
CA VAL F 163 21.70 -21.30 -16.69
C VAL F 163 21.05 -22.48 -15.98
N GLN F 164 20.72 -22.29 -14.71
CA GLN F 164 20.11 -23.35 -13.92
C GLN F 164 18.59 -23.35 -14.11
N ASN F 165 17.95 -24.41 -13.62
CA ASN F 165 16.50 -24.58 -13.70
C ASN F 165 16.01 -25.02 -12.32
N LEU F 166 15.69 -24.06 -11.47
CA LEU F 166 15.23 -24.35 -10.12
C LEU F 166 13.87 -25.04 -10.19
N LEU F 167 13.84 -26.33 -9.85
CA LEU F 167 12.60 -27.10 -9.85
C LEU F 167 12.06 -27.13 -8.43
N ARG F 168 11.22 -26.14 -8.11
CA ARG F 168 10.63 -26.02 -6.78
C ARG F 168 9.74 -27.21 -6.47
N PRO F 169 8.89 -27.65 -7.40
CA PRO F 169 8.02 -28.80 -7.12
C PRO F 169 8.84 -30.03 -6.74
N PRO F 170 8.69 -30.53 -5.51
CA PRO F 170 9.44 -31.72 -5.13
C PRO F 170 9.10 -32.91 -6.03
N ILE F 171 10.12 -33.69 -6.36
CA ILE F 171 9.98 -34.87 -7.21
C ILE F 171 10.53 -36.05 -6.45
N ILE F 172 9.64 -36.91 -5.96
CA ILE F 172 10.03 -38.11 -5.22
C ILE F 172 10.26 -39.22 -6.24
N SER F 173 11.52 -39.42 -6.62
CA SER F 173 11.88 -40.43 -7.60
C SER F 173 13.33 -40.84 -7.35
N ARG F 174 13.90 -41.59 -8.29
CA ARG F 174 15.28 -42.06 -8.18
C ARG F 174 15.98 -41.98 -9.53
N PHE F 175 15.48 -42.73 -10.51
CA PHE F 175 16.08 -42.73 -11.84
C PHE F 175 15.60 -41.53 -12.63
N ILE F 176 16.54 -40.87 -13.32
CA ILE F 176 16.24 -39.69 -14.13
C ILE F 176 16.96 -39.84 -15.46
N ARG F 177 16.28 -39.43 -16.54
CA ARG F 177 16.85 -39.50 -17.87
C ARG F 177 16.47 -38.22 -18.63
N LEU F 178 17.14 -38.02 -19.77
CA LEU F 178 16.90 -36.85 -20.61
C LEU F 178 16.65 -37.30 -22.04
N ILE F 179 15.70 -36.64 -22.70
CA ILE F 179 15.35 -36.96 -24.08
C ILE F 179 15.67 -35.75 -24.95
N PRO F 180 16.94 -35.50 -25.28
CA PRO F 180 17.29 -34.35 -26.11
C PRO F 180 16.79 -34.52 -27.53
N LEU F 181 15.92 -33.61 -27.97
CA LEU F 181 15.37 -33.66 -29.31
C LEU F 181 16.24 -32.96 -30.35
N GLY F 182 17.17 -32.10 -29.92
CA GLY F 182 18.04 -31.39 -30.83
C GLY F 182 19.38 -31.12 -30.20
N TRP F 183 20.30 -30.64 -31.04
CA TRP F 183 21.65 -30.32 -30.60
C TRP F 183 22.32 -29.50 -31.69
N HIS F 184 23.53 -29.03 -31.39
CA HIS F 184 24.28 -28.22 -32.34
C HIS F 184 25.03 -29.09 -33.35
N VAL F 185 25.85 -30.02 -32.84
CA VAL F 185 26.60 -30.93 -33.70
C VAL F 185 26.55 -32.33 -33.09
N ARG F 186 26.86 -32.42 -31.80
CA ARG F 186 26.83 -33.69 -31.08
C ARG F 186 26.41 -33.43 -29.65
N ILE F 187 25.72 -34.42 -29.06
CA ILE F 187 25.26 -34.30 -27.68
C ILE F 187 26.47 -34.38 -26.76
N ALA F 188 26.68 -33.32 -25.97
CA ALA F 188 27.80 -33.27 -25.04
C ALA F 188 27.49 -32.23 -23.97
N ILE F 189 27.27 -32.68 -22.74
CA ILE F 189 26.97 -31.79 -21.63
C ILE F 189 27.34 -32.49 -20.34
N ARG F 190 28.02 -31.75 -19.45
CA ARG F 190 28.46 -32.29 -18.16
C ARG F 190 27.32 -32.08 -17.17
N MET F 191 26.37 -33.01 -17.17
CA MET F 191 25.22 -32.92 -16.28
C MET F 191 25.67 -33.02 -14.82
N GLU F 192 24.75 -32.65 -13.92
CA GLU F 192 25.03 -32.72 -12.50
C GLU F 192 23.73 -32.59 -11.70
N LEU F 193 23.10 -33.72 -11.40
CA LEU F 193 21.85 -33.71 -10.66
C LEU F 193 22.07 -33.16 -9.25
N LEU F 194 20.95 -32.76 -8.62
CA LEU F 194 20.97 -32.20 -7.28
C LEU F 194 20.01 -32.99 -6.41
N GLU F 195 20.51 -33.57 -5.34
CA GLU F 195 19.72 -34.36 -4.40
C GLU F 195 19.47 -33.56 -3.13
N CYS F 196 18.44 -33.97 -2.40
CA CYS F 196 18.07 -33.30 -1.16
C CYS F 196 18.89 -33.85 0.00
N CYS G 40 -3.08 -34.70 -4.41
CA CYS G 40 -2.72 -33.39 -3.89
C CYS G 40 -1.68 -32.73 -4.80
N PRO G 41 -1.51 -31.41 -4.67
CA PRO G 41 -0.54 -30.71 -5.52
C PRO G 41 0.86 -31.31 -5.45
N TYR G 42 1.05 -32.46 -6.10
CA TYR G 42 2.33 -33.14 -6.12
C TYR G 42 2.46 -33.87 -7.46
N HIS G 43 3.63 -34.47 -7.67
CA HIS G 43 3.93 -35.22 -8.89
C HIS G 43 3.96 -36.71 -8.53
N LYS G 44 2.77 -37.30 -8.43
CA LYS G 44 2.62 -38.72 -8.11
C LYS G 44 1.46 -39.29 -8.92
N PRO G 45 1.61 -39.35 -10.24
CA PRO G 45 0.52 -39.89 -11.08
C PRO G 45 0.35 -41.39 -10.93
N LEU G 46 -0.64 -41.96 -11.60
CA LEU G 46 -0.89 -43.39 -11.55
C LEU G 46 0.17 -44.11 -12.40
N GLY G 47 -0.07 -45.39 -12.69
CA GLY G 47 0.87 -46.18 -13.47
C GLY G 47 0.20 -46.97 -14.56
N PHE G 48 -0.18 -46.29 -15.65
CA PHE G 48 -0.78 -46.98 -16.79
C PHE G 48 0.26 -47.58 -17.71
N GLU G 49 1.44 -46.95 -17.83
CA GLU G 49 2.49 -47.48 -18.70
C GLU G 49 3.05 -48.80 -18.18
N SER G 50 2.92 -49.08 -16.89
CA SER G 50 3.44 -50.33 -16.33
C SER G 50 2.75 -51.53 -16.96
N GLY G 51 1.43 -51.47 -17.10
CA GLY G 51 0.66 -52.55 -17.67
C GLY G 51 0.38 -53.70 -16.73
N GLU G 52 0.91 -53.67 -15.50
CA GLU G 52 0.67 -54.76 -14.55
C GLU G 52 -0.80 -54.82 -14.13
N VAL G 53 -1.54 -53.71 -14.22
CA VAL G 53 -2.94 -53.72 -13.84
C VAL G 53 -3.71 -54.67 -14.74
N THR G 54 -4.64 -55.42 -14.15
CA THR G 54 -5.43 -56.36 -14.92
C THR G 54 -6.47 -55.63 -15.76
N PRO G 55 -6.92 -56.23 -16.86
CA PRO G 55 -7.93 -55.56 -17.71
C PRO G 55 -9.31 -55.50 -17.09
N ASP G 56 -9.54 -56.18 -15.96
CA ASP G 56 -10.86 -56.15 -15.33
C ASP G 56 -11.22 -54.76 -14.85
N GLN G 57 -10.23 -53.96 -14.46
CA GLN G 57 -10.52 -52.61 -13.98
C GLN G 57 -10.95 -51.70 -15.12
N ILE G 58 -10.21 -51.73 -16.24
CA ILE G 58 -10.53 -50.90 -17.39
C ILE G 58 -11.70 -51.52 -18.13
N THR G 59 -12.91 -51.20 -17.70
CA THR G 59 -14.13 -51.72 -18.31
C THR G 59 -14.60 -50.78 -19.42
N CYS G 60 -15.07 -51.36 -20.51
CA CYS G 60 -15.56 -50.59 -21.65
C CYS G 60 -16.70 -51.38 -22.31
N SER G 61 -17.17 -50.85 -23.45
CA SER G 61 -18.25 -51.49 -24.20
C SER G 61 -17.99 -51.29 -25.69
N ASN G 62 -16.88 -51.84 -26.17
CA ASN G 62 -16.49 -51.75 -27.58
C ASN G 62 -15.84 -53.07 -27.99
N PRO G 63 -16.65 -54.11 -28.19
CA PRO G 63 -16.10 -55.41 -28.61
C PRO G 63 -15.34 -55.28 -29.93
N GLU G 64 -14.03 -55.59 -29.87
CA GLU G 64 -13.20 -55.51 -31.06
C GLU G 64 -13.33 -56.77 -31.91
N GLN G 65 -13.40 -57.93 -31.28
CA GLN G 65 -13.52 -59.20 -31.98
C GLN G 65 -14.52 -60.11 -31.27
N TYR G 66 -15.65 -59.54 -30.85
CA TYR G 66 -16.69 -60.25 -30.12
C TYR G 66 -16.11 -61.24 -29.11
N VAL G 67 -15.05 -60.84 -28.42
CA VAL G 67 -14.43 -61.72 -27.43
C VAL G 67 -15.21 -61.69 -26.12
N GLY G 68 -15.59 -60.50 -25.66
CA GLY G 68 -16.34 -60.37 -24.43
C GLY G 68 -17.11 -59.07 -24.35
N TRP G 69 -17.52 -58.70 -23.13
CA TRP G 69 -18.28 -57.46 -22.92
C TRP G 69 -17.62 -56.60 -21.86
N TYR G 70 -16.80 -57.20 -20.99
CA TYR G 70 -16.12 -56.47 -19.95
C TYR G 70 -15.16 -55.44 -20.56
N SER G 71 -14.02 -55.90 -21.06
CA SER G 71 -13.01 -55.05 -21.66
C SER G 71 -12.75 -55.48 -23.10
N SER G 72 -11.94 -54.69 -23.80
CA SER G 72 -11.60 -54.98 -25.18
C SER G 72 -10.29 -54.30 -25.56
N TRP G 73 -10.26 -52.97 -25.47
CA TRP G 73 -9.04 -52.23 -25.80
C TRP G 73 -8.06 -52.21 -24.62
N THR G 74 -8.59 -52.12 -23.40
CA THR G 74 -7.79 -52.05 -22.18
C THR G 74 -6.54 -51.20 -22.37
N ALA G 75 -5.48 -51.48 -21.60
CA ALA G 75 -4.23 -50.74 -21.68
C ALA G 75 -3.25 -51.36 -22.68
N ASN G 76 -3.75 -52.02 -23.72
CA ASN G 76 -2.87 -52.64 -24.71
C ASN G 76 -2.35 -51.61 -25.70
N LYS G 77 -3.21 -50.68 -26.14
CA LYS G 77 -2.82 -49.65 -27.10
C LYS G 77 -3.27 -48.27 -26.62
N ALA G 78 -3.23 -48.04 -25.30
CA ALA G 78 -3.64 -46.75 -24.73
C ALA G 78 -2.90 -46.58 -23.41
N ARG G 79 -1.68 -46.06 -23.49
CA ARG G 79 -0.84 -45.83 -22.32
C ARG G 79 -0.13 -44.50 -22.49
N LEU G 80 0.60 -44.10 -21.45
CA LEU G 80 1.33 -42.83 -21.46
C LEU G 80 2.53 -42.98 -22.40
N ASN G 81 2.37 -42.51 -23.64
CA ASN G 81 3.42 -42.58 -24.63
C ASN G 81 3.87 -44.02 -24.83
N SER G 82 3.23 -44.72 -25.76
CA SER G 82 3.55 -46.11 -26.07
C SER G 82 3.64 -46.26 -27.58
N GLN G 83 4.85 -46.50 -28.09
CA GLN G 83 5.05 -46.64 -29.52
C GLN G 83 4.42 -47.95 -30.00
N GLY G 84 3.77 -47.88 -31.15
CA GLY G 84 3.12 -49.04 -31.72
C GLY G 84 2.04 -48.62 -32.71
N PHE G 85 1.17 -49.58 -33.02
CA PHE G 85 0.07 -49.35 -33.95
C PHE G 85 -0.90 -48.32 -33.38
N GLY G 86 -1.60 -48.68 -32.31
CA GLY G 86 -2.55 -47.78 -31.68
C GLY G 86 -1.88 -46.86 -30.67
N CYS G 87 -1.72 -45.59 -31.03
CA CYS G 87 -1.10 -44.63 -30.14
C CYS G 87 -2.01 -44.22 -28.99
N ALA G 88 -3.32 -44.37 -29.16
CA ALA G 88 -4.27 -44.01 -28.12
C ALA G 88 -5.51 -44.90 -28.26
N TRP G 89 -6.53 -44.63 -27.45
CA TRP G 89 -7.76 -45.39 -27.48
C TRP G 89 -8.72 -44.77 -28.49
N LEU G 90 -9.04 -45.55 -29.53
CA LEU G 90 -9.94 -45.09 -30.58
C LEU G 90 -11.39 -45.43 -30.23
N SER G 91 -12.31 -44.91 -31.03
CA SER G 91 -13.73 -45.14 -30.83
C SER G 91 -14.40 -45.31 -32.20
N LYS G 92 -15.15 -46.39 -32.35
CA LYS G 92 -15.84 -46.65 -33.62
C LYS G 92 -17.17 -45.92 -33.68
N PHE G 93 -18.15 -46.37 -32.89
CA PHE G 93 -19.46 -45.74 -32.89
C PHE G 93 -19.39 -44.36 -32.24
N GLN G 94 -20.16 -43.42 -32.76
CA GLN G 94 -20.19 -42.05 -32.25
C GLN G 94 -21.12 -42.00 -31.02
N ASP G 95 -20.63 -42.57 -29.93
CA ASP G 95 -21.38 -42.61 -28.68
C ASP G 95 -21.21 -41.30 -27.94
N SER G 96 -22.32 -40.60 -27.69
CA SER G 96 -22.27 -39.33 -26.98
C SER G 96 -22.03 -39.52 -25.49
N SER G 97 -22.81 -40.39 -24.86
CA SER G 97 -22.67 -40.66 -23.42
C SER G 97 -21.62 -41.75 -23.22
N GLN G 98 -20.39 -41.39 -23.55
CA GLN G 98 -19.26 -42.31 -23.41
C GLN G 98 -18.78 -42.34 -21.97
N TRP G 99 -18.35 -43.52 -21.53
CA TRP G 99 -17.85 -43.71 -20.18
C TRP G 99 -16.67 -44.68 -20.21
N LEU G 100 -15.87 -44.64 -19.15
CA LEU G 100 -14.70 -45.50 -19.04
C LEU G 100 -14.38 -45.67 -17.56
N GLN G 101 -14.69 -46.85 -17.01
CA GLN G 101 -14.44 -47.11 -15.61
C GLN G 101 -12.94 -47.11 -15.33
N ILE G 102 -12.57 -46.53 -14.18
CA ILE G 102 -11.17 -46.44 -13.76
C ILE G 102 -11.14 -46.84 -12.29
N ASP G 103 -10.95 -48.12 -12.01
CA ASP G 103 -10.91 -48.62 -10.64
C ASP G 103 -9.50 -48.46 -10.08
N LEU G 104 -9.37 -47.65 -9.04
CA LEU G 104 -8.09 -47.41 -8.40
C LEU G 104 -7.84 -48.47 -7.32
N LYS G 105 -6.69 -48.36 -6.66
CA LYS G 105 -6.35 -49.31 -5.61
C LYS G 105 -7.22 -49.12 -4.38
N GLU G 106 -7.46 -47.87 -4.00
CA GLU G 106 -8.29 -47.56 -2.84
C GLU G 106 -8.74 -46.11 -2.96
N ILE G 107 -9.50 -45.65 -1.98
CA ILE G 107 -10.01 -44.29 -1.97
C ILE G 107 -8.84 -43.33 -1.71
N LYS G 108 -8.67 -42.35 -2.59
CA LYS G 108 -7.61 -41.37 -2.46
C LYS G 108 -8.14 -40.01 -2.89
N VAL G 109 -7.38 -38.97 -2.58
CA VAL G 109 -7.74 -37.60 -2.92
C VAL G 109 -7.13 -37.29 -4.28
N ILE G 110 -7.96 -37.26 -5.31
CA ILE G 110 -7.52 -36.97 -6.66
C ILE G 110 -7.63 -35.48 -6.92
N SER G 111 -6.61 -34.91 -7.55
CA SER G 111 -6.58 -33.48 -7.85
C SER G 111 -5.71 -33.26 -9.07
N GLY G 112 -6.30 -32.75 -10.15
CA GLY G 112 -5.58 -32.48 -11.36
C GLY G 112 -5.63 -33.65 -12.33
N ILE G 113 -5.32 -33.35 -13.60
CA ILE G 113 -5.33 -34.36 -14.65
C ILE G 113 -4.61 -33.77 -15.86
N LEU G 114 -3.76 -34.59 -16.48
CA LEU G 114 -3.01 -34.15 -17.65
C LEU G 114 -3.89 -34.21 -18.89
N THR G 115 -3.40 -33.60 -19.98
CA THR G 115 -4.12 -33.56 -21.24
C THR G 115 -3.12 -33.74 -22.38
N GLN G 116 -3.44 -34.64 -23.30
CA GLN G 116 -2.59 -34.92 -24.45
C GLN G 116 -3.48 -35.08 -25.68
N GLY G 117 -2.87 -35.49 -26.78
CA GLY G 117 -3.57 -35.67 -28.04
C GLY G 117 -3.24 -37.02 -28.65
N HIS G 118 -3.26 -37.06 -29.98
CA HIS G 118 -2.97 -38.27 -30.74
C HIS G 118 -2.06 -37.93 -31.90
N CYS G 119 -1.03 -38.76 -32.11
CA CYS G 119 -0.08 -38.54 -33.18
C CYS G 119 -0.70 -38.92 -34.52
N ASP G 120 0.07 -38.74 -35.59
CA ASP G 120 -0.39 -39.05 -36.94
C ASP G 120 -1.68 -38.30 -37.27
N ILE G 121 -2.81 -38.81 -36.80
CA ILE G 121 -4.10 -38.19 -37.02
C ILE G 121 -4.44 -37.38 -35.77
N ASP G 122 -4.37 -36.06 -35.90
CA ASP G 122 -4.65 -35.19 -34.76
C ASP G 122 -6.10 -35.32 -34.32
N GLU G 123 -6.31 -35.58 -33.04
CA GLU G 123 -7.65 -35.70 -32.47
C GLU G 123 -7.66 -35.09 -31.08
N TRP G 124 -8.76 -34.42 -30.74
CA TRP G 124 -8.89 -33.76 -29.45
C TRP G 124 -10.36 -33.55 -29.15
N MET G 125 -10.66 -33.39 -27.86
CA MET G 125 -12.02 -33.16 -27.41
C MET G 125 -12.32 -31.66 -27.36
N THR G 126 -13.53 -31.33 -26.92
CA THR G 126 -13.94 -29.93 -26.82
C THR G 126 -14.70 -29.68 -25.52
N LYS G 127 -15.57 -30.62 -25.14
CA LYS G 127 -16.37 -30.49 -23.93
C LYS G 127 -16.45 -31.85 -23.24
N TYR G 128 -16.42 -31.82 -21.91
CA TYR G 128 -16.50 -33.04 -21.12
C TYR G 128 -16.87 -32.65 -19.69
N SER G 129 -16.99 -33.66 -18.83
CA SER G 129 -17.34 -33.43 -17.43
C SER G 129 -16.80 -34.59 -16.60
N VAL G 130 -16.15 -34.25 -15.49
CA VAL G 130 -15.59 -35.26 -14.60
C VAL G 130 -16.68 -35.77 -13.66
N GLN G 131 -16.58 -37.04 -13.28
CA GLN G 131 -17.54 -37.68 -12.40
C GLN G 131 -16.81 -38.40 -11.28
N TYR G 132 -17.55 -38.70 -10.21
CA TYR G 132 -16.99 -39.39 -9.06
C TYR G 132 -18.12 -40.03 -8.27
N ARG G 133 -17.86 -41.22 -7.74
CA ARG G 133 -18.85 -41.97 -6.99
C ARG G 133 -18.14 -42.70 -5.85
N THR G 134 -18.93 -43.43 -5.05
CA THR G 134 -18.40 -44.16 -3.91
C THR G 134 -19.02 -45.54 -3.80
N ASP G 135 -20.34 -45.59 -3.64
CA ASP G 135 -21.05 -46.86 -3.48
C ASP G 135 -21.18 -47.62 -4.80
N GLU G 136 -20.69 -47.07 -5.91
CA GLU G 136 -20.74 -47.76 -7.21
C GLU G 136 -22.18 -48.01 -7.64
N ARG G 137 -23.11 -47.16 -7.23
CA ARG G 137 -24.52 -47.30 -7.57
C ARG G 137 -25.14 -45.95 -7.88
N LEU G 138 -24.39 -45.08 -8.55
CA LEU G 138 -24.88 -43.75 -8.92
C LEU G 138 -23.82 -43.10 -9.81
N ASN G 139 -24.14 -41.89 -10.28
CA ASN G 139 -23.22 -41.13 -11.13
C ASN G 139 -23.42 -39.65 -10.84
N TRP G 140 -22.38 -38.99 -10.37
CA TRP G 140 -22.41 -37.57 -10.03
C TRP G 140 -21.53 -36.79 -10.97
N ILE G 141 -21.88 -35.52 -11.17
CA ILE G 141 -21.14 -34.62 -12.04
C ILE G 141 -20.26 -33.72 -11.18
N TYR G 142 -19.12 -33.33 -11.73
CA TYR G 142 -18.15 -32.50 -11.02
C TYR G 142 -18.53 -31.03 -11.20
N TYR G 143 -18.80 -30.36 -10.08
CA TYR G 143 -19.15 -28.94 -10.08
C TYR G 143 -18.23 -28.21 -9.12
N LYS G 144 -17.70 -27.07 -9.56
CA LYS G 144 -16.81 -26.26 -8.74
C LYS G 144 -17.59 -25.15 -8.04
N ASP G 145 -16.90 -24.44 -7.14
CA ASP G 145 -17.51 -23.35 -6.39
C ASP G 145 -17.48 -22.02 -7.14
N GLN G 146 -16.45 -21.80 -7.97
CA GLN G 146 -16.32 -20.56 -8.73
C GLN G 146 -16.89 -20.68 -10.12
N THR G 147 -18.05 -21.34 -10.28
CA THR G 147 -18.71 -21.51 -11.58
C THR G 147 -20.18 -21.19 -11.39
N GLY G 148 -20.53 -19.92 -11.54
CA GLY G 148 -21.91 -19.49 -11.39
C GLY G 148 -22.65 -19.43 -12.71
N ASN G 149 -22.34 -20.37 -13.61
CA ASN G 149 -22.97 -20.43 -14.93
C ASN G 149 -22.82 -21.84 -15.45
N ASN G 150 -23.16 -22.04 -16.72
CA ASN G 150 -23.07 -23.34 -17.37
C ASN G 150 -21.69 -23.56 -17.99
N ARG G 151 -20.64 -23.30 -17.21
CA ARG G 151 -19.28 -23.46 -17.69
C ARG G 151 -18.93 -24.94 -17.81
N VAL G 152 -18.09 -25.26 -18.80
CA VAL G 152 -17.66 -26.63 -19.05
C VAL G 152 -16.15 -26.62 -19.29
N PHE G 153 -15.50 -27.70 -18.85
CA PHE G 153 -14.07 -27.81 -19.02
C PHE G 153 -13.69 -27.84 -20.50
N TYR G 154 -12.47 -27.37 -20.79
CA TYR G 154 -11.99 -27.30 -22.17
C TYR G 154 -11.24 -28.57 -22.54
N GLY G 155 -9.99 -28.68 -22.09
CA GLY G 155 -9.18 -29.85 -22.40
C GLY G 155 -7.88 -29.47 -23.08
N ASN G 156 -7.85 -29.54 -24.41
CA ASN G 156 -6.66 -29.22 -25.19
C ASN G 156 -7.06 -29.17 -26.66
N SER G 157 -6.07 -28.94 -27.52
CA SER G 157 -6.31 -28.89 -28.96
C SER G 157 -5.01 -29.10 -29.72
N ASP G 158 -4.09 -29.88 -29.14
CA ASP G 158 -2.81 -30.16 -29.78
C ASP G 158 -2.12 -31.28 -29.00
N ARG G 159 -1.46 -32.18 -29.72
CA ARG G 159 -0.77 -33.29 -29.07
C ARG G 159 0.42 -32.80 -28.25
N THR G 160 1.03 -31.68 -28.65
CA THR G 160 2.17 -31.14 -27.91
C THR G 160 1.74 -30.31 -26.71
N SER G 161 0.56 -29.71 -26.77
CA SER G 161 0.08 -28.89 -25.66
C SER G 161 -0.16 -29.74 -24.42
N THR G 162 -0.04 -29.11 -23.26
CA THR G 162 -0.25 -29.79 -21.98
C THR G 162 -1.07 -28.87 -21.05
N VAL G 163 -2.25 -28.48 -21.53
CA VAL G 163 -3.13 -27.61 -20.76
C VAL G 163 -3.71 -28.40 -19.59
N GLN G 164 -3.17 -28.18 -18.40
CA GLN G 164 -3.62 -28.88 -17.21
C GLN G 164 -4.80 -28.15 -16.57
N ASN G 165 -5.45 -28.82 -15.62
CA ASN G 165 -6.59 -28.27 -14.89
C ASN G 165 -6.36 -28.54 -13.41
N LEU G 166 -5.71 -27.60 -12.73
CA LEU G 166 -5.41 -27.76 -11.31
C LEU G 166 -6.71 -27.71 -10.51
N LEU G 167 -7.12 -28.84 -9.95
CA LEU G 167 -8.34 -28.93 -9.16
C LEU G 167 -7.94 -28.81 -7.69
N ARG G 168 -7.92 -27.57 -7.20
CA ARG G 168 -7.56 -27.30 -5.81
C ARG G 168 -8.54 -27.95 -4.84
N PRO G 169 -9.85 -27.86 -5.08
CA PRO G 169 -10.81 -28.47 -4.16
C PRO G 169 -10.56 -29.96 -4.02
N PRO G 170 -10.19 -30.43 -2.82
CA PRO G 170 -9.98 -31.87 -2.65
C PRO G 170 -11.23 -32.66 -2.97
N ILE G 171 -11.03 -33.81 -3.62
CA ILE G 171 -12.12 -34.70 -4.01
C ILE G 171 -11.83 -36.07 -3.43
N ILE G 172 -12.56 -36.43 -2.38
CA ILE G 172 -12.39 -37.73 -1.72
C ILE G 172 -13.28 -38.73 -2.46
N SER G 173 -12.69 -39.47 -3.39
CA SER G 173 -13.42 -40.45 -4.19
C SER G 173 -12.43 -41.52 -4.65
N ARG G 174 -12.88 -42.37 -5.56
CA ARG G 174 -12.04 -43.45 -6.09
C ARG G 174 -12.25 -43.60 -7.59
N PHE G 175 -13.47 -43.94 -7.99
CA PHE G 175 -13.78 -44.12 -9.40
C PHE G 175 -14.03 -42.76 -10.06
N ILE G 176 -13.47 -42.58 -11.25
CA ILE G 176 -13.61 -41.34 -12.00
C ILE G 176 -13.91 -41.70 -13.46
N ARG G 177 -14.80 -40.94 -14.08
CA ARG G 177 -15.18 -41.16 -15.47
C ARG G 177 -15.31 -39.80 -16.16
N LEU G 178 -15.37 -39.84 -17.49
CA LEU G 178 -15.49 -38.64 -18.31
C LEU G 178 -16.66 -38.80 -19.27
N ILE G 179 -17.41 -37.72 -19.46
CA ILE G 179 -18.56 -37.71 -20.35
C ILE G 179 -18.29 -36.74 -21.49
N PRO G 180 -17.46 -37.10 -22.47
CA PRO G 180 -17.17 -36.18 -23.58
C PRO G 180 -18.40 -35.98 -24.46
N LEU G 181 -18.85 -34.74 -24.57
CA LEU G 181 -20.01 -34.40 -25.38
C LEU G 181 -19.66 -34.12 -26.83
N GLY G 182 -18.39 -33.85 -27.14
CA GLY G 182 -17.97 -33.56 -28.50
C GLY G 182 -16.54 -34.01 -28.73
N TRP G 183 -16.15 -33.96 -30.00
CA TRP G 183 -14.80 -34.36 -30.40
C TRP G 183 -14.57 -33.89 -31.82
N HIS G 184 -13.34 -34.06 -32.31
CA HIS G 184 -12.98 -33.63 -33.65
C HIS G 184 -13.40 -34.67 -34.69
N VAL G 185 -12.93 -35.91 -34.51
CA VAL G 185 -13.28 -37.00 -35.42
C VAL G 185 -13.59 -38.25 -34.61
N ARG G 186 -12.69 -38.58 -33.68
CA ARG G 186 -12.87 -39.74 -32.81
C ARG G 186 -12.26 -39.43 -31.46
N ILE G 187 -12.85 -40.01 -30.41
CA ILE G 187 -12.36 -39.81 -29.05
C ILE G 187 -11.03 -40.52 -28.90
N ALA G 188 -9.99 -39.76 -28.57
CA ALA G 188 -8.65 -40.32 -28.39
C ALA G 188 -7.83 -39.35 -27.56
N ILE G 189 -7.49 -39.75 -26.34
CA ILE G 189 -6.71 -38.91 -25.44
C ILE G 189 -6.03 -39.81 -24.42
N ARG G 190 -4.73 -39.57 -24.19
CA ARG G 190 -3.96 -40.35 -23.23
C ARG G 190 -4.11 -39.70 -21.86
N MET G 191 -5.20 -40.05 -21.17
CA MET G 191 -5.48 -39.50 -19.87
C MET G 191 -4.41 -39.92 -18.86
N GLU G 192 -4.39 -39.24 -17.72
CA GLU G 192 -3.43 -39.54 -16.66
C GLU G 192 -3.85 -38.88 -15.36
N LEU G 193 -4.64 -39.58 -14.55
CA LEU G 193 -5.10 -39.04 -13.29
C LEU G 193 -3.93 -38.77 -12.35
N LEU G 194 -4.20 -37.95 -11.33
CA LEU G 194 -3.19 -37.59 -10.33
C LEU G 194 -3.75 -37.89 -8.96
N GLU G 195 -3.04 -38.74 -8.20
CA GLU G 195 -3.44 -39.12 -6.86
C GLU G 195 -2.57 -38.41 -5.83
N CYS G 196 -3.07 -38.33 -4.60
CA CYS G 196 -2.35 -37.69 -3.52
C CYS G 196 -1.37 -38.66 -2.87
N CYS H 40 -19.76 -28.60 5.08
CA CYS H 40 -18.65 -27.65 5.05
C CYS H 40 -18.12 -27.49 3.63
N PRO H 41 -17.37 -26.43 3.37
CA PRO H 41 -16.83 -26.21 2.01
C PRO H 41 -16.07 -27.40 1.47
N TYR H 42 -16.80 -28.45 1.08
CA TYR H 42 -16.19 -29.65 0.51
C TYR H 42 -17.15 -30.23 -0.51
N HIS H 43 -16.71 -31.31 -1.17
CA HIS H 43 -17.50 -31.99 -2.19
C HIS H 43 -17.93 -33.34 -1.61
N LYS H 44 -18.99 -33.31 -0.80
CA LYS H 44 -19.54 -34.51 -0.17
C LYS H 44 -21.06 -34.39 -0.13
N PRO H 45 -21.70 -34.40 -1.30
CA PRO H 45 -23.16 -34.29 -1.32
C PRO H 45 -23.84 -35.57 -0.83
N LEU H 46 -25.16 -35.49 -0.72
CA LEU H 46 -25.95 -36.64 -0.28
C LEU H 46 -26.02 -37.68 -1.40
N GLY H 47 -26.79 -38.73 -1.16
CA GLY H 47 -26.93 -39.81 -2.12
C GLY H 47 -28.37 -40.07 -2.52
N PHE H 48 -28.93 -39.20 -3.37
CA PHE H 48 -30.29 -39.39 -3.85
C PHE H 48 -30.35 -40.36 -5.03
N GLU H 49 -29.31 -40.36 -5.87
CA GLU H 49 -29.29 -41.25 -7.02
C GLU H 49 -29.19 -42.72 -6.62
N SER H 50 -28.67 -43.00 -5.43
CA SER H 50 -28.54 -44.39 -4.99
C SER H 50 -29.91 -45.06 -4.90
N GLY H 51 -30.90 -44.37 -4.33
CA GLY H 51 -32.23 -44.91 -4.18
C GLY H 51 -32.42 -45.85 -3.02
N GLU H 52 -31.34 -46.19 -2.29
CA GLU H 52 -31.47 -47.10 -1.15
C GLU H 52 -32.30 -46.49 -0.03
N VAL H 53 -32.38 -45.17 0.05
CA VAL H 53 -33.18 -44.54 1.10
C VAL H 53 -34.64 -44.93 0.95
N THR H 54 -35.30 -45.19 2.08
CA THR H 54 -36.69 -45.58 2.04
C THR H 54 -37.58 -44.38 1.74
N PRO H 55 -38.77 -44.60 1.18
CA PRO H 55 -39.66 -43.47 0.87
C PRO H 55 -40.27 -42.81 2.09
N ASP H 56 -40.10 -43.39 3.28
CA ASP H 56 -40.69 -42.79 4.48
C ASP H 56 -40.07 -41.43 4.78
N GLN H 57 -38.80 -41.24 4.42
CA GLN H 57 -38.15 -39.96 4.70
C GLN H 57 -38.69 -38.86 3.78
N ILE H 58 -38.79 -39.15 2.48
CA ILE H 58 -39.30 -38.18 1.52
C ILE H 58 -40.81 -38.10 1.64
N THR H 59 -41.29 -37.27 2.58
CA THR H 59 -42.72 -37.11 2.79
C THR H 59 -43.26 -35.97 1.93
N CYS H 60 -44.46 -36.17 1.40
CA CYS H 60 -45.10 -35.17 0.56
C CYS H 60 -46.61 -35.26 0.75
N SER H 61 -47.35 -34.49 -0.04
CA SER H 61 -48.80 -34.46 0.02
C SER H 61 -49.36 -34.29 -1.39
N ASN H 62 -49.08 -35.27 -2.25
CA ASN H 62 -49.54 -35.26 -3.64
C ASN H 62 -49.89 -36.69 -4.05
N PRO H 63 -51.03 -37.20 -3.58
CA PRO H 63 -51.43 -38.56 -3.96
C PRO H 63 -51.56 -38.71 -5.46
N GLU H 64 -50.74 -39.59 -6.02
CA GLU H 64 -50.77 -39.83 -7.47
C GLU H 64 -51.88 -40.80 -7.85
N GLN H 65 -52.09 -41.85 -7.05
CA GLN H 65 -53.13 -42.84 -7.31
C GLN H 65 -53.83 -43.21 -6.01
N TYR H 66 -54.14 -42.21 -5.19
CA TYR H 66 -54.80 -42.40 -3.89
C TYR H 66 -54.26 -43.63 -3.16
N VAL H 67 -52.95 -43.84 -3.22
CA VAL H 67 -52.35 -44.99 -2.54
C VAL H 67 -52.15 -44.69 -1.06
N GLY H 68 -51.66 -43.51 -0.73
CA GLY H 68 -51.45 -43.14 0.66
C GLY H 68 -51.38 -41.64 0.86
N TRP H 69 -50.84 -41.21 2.01
CA TRP H 69 -50.73 -39.80 2.31
C TRP H 69 -49.29 -39.43 2.69
N TYR H 70 -48.50 -40.42 3.10
CA TYR H 70 -47.11 -40.19 3.46
C TYR H 70 -46.33 -39.69 2.24
N SER H 71 -45.99 -40.60 1.33
CA SER H 71 -45.24 -40.28 0.13
C SER H 71 -46.04 -40.68 -1.10
N SER H 72 -45.51 -40.30 -2.26
CA SER H 72 -46.15 -40.60 -3.54
C SER H 72 -45.14 -40.60 -4.67
N TRP H 73 -44.48 -39.46 -4.89
CA TRP H 73 -43.48 -39.37 -5.94
C TRP H 73 -42.13 -39.91 -5.49
N THR H 74 -41.78 -39.67 -4.22
CA THR H 74 -40.51 -40.10 -3.64
C THR H 74 -39.36 -39.93 -4.62
N ALA H 75 -38.31 -40.75 -4.47
CA ALA H 75 -37.14 -40.68 -5.34
C ALA H 75 -37.26 -41.60 -6.55
N ASN H 76 -38.48 -41.87 -7.02
CA ASN H 76 -38.67 -42.74 -8.17
C ASN H 76 -38.41 -42.01 -9.48
N LYS H 77 -38.85 -40.75 -9.58
CA LYS H 77 -38.66 -39.95 -10.79
C LYS H 77 -38.12 -38.58 -10.44
N ALA H 78 -37.26 -38.50 -9.42
CA ALA H 78 -36.67 -37.21 -9.00
C ALA H 78 -35.33 -37.53 -8.32
N ARG H 79 -34.29 -37.64 -9.13
CA ARG H 79 -32.96 -37.94 -8.65
C ARG H 79 -31.95 -37.09 -9.43
N LEU H 80 -30.69 -37.17 -9.03
CA LEU H 80 -29.62 -36.41 -9.68
C LEU H 80 -29.36 -37.03 -11.05
N ASN H 81 -29.95 -36.44 -12.09
CA ASN H 81 -29.78 -36.93 -13.45
C ASN H 81 -30.20 -38.39 -13.56
N SER H 82 -31.48 -38.62 -13.85
CA SER H 82 -32.03 -39.97 -13.98
C SER H 82 -32.87 -40.02 -15.25
N GLN H 83 -32.38 -40.76 -16.26
CA GLN H 83 -33.11 -40.87 -17.51
C GLN H 83 -34.39 -41.67 -17.32
N GLY H 84 -35.47 -41.20 -17.94
CA GLY H 84 -36.75 -41.87 -17.84
C GLY H 84 -37.87 -40.91 -18.19
N PHE H 85 -39.08 -41.31 -17.79
CA PHE H 85 -40.27 -40.51 -18.04
C PHE H 85 -40.20 -39.19 -17.27
N GLY H 86 -40.26 -39.26 -15.95
CA GLY H 86 -40.18 -38.07 -15.12
C GLY H 86 -38.76 -37.66 -14.81
N CYS H 87 -38.29 -36.60 -15.46
CA CYS H 87 -36.92 -36.12 -15.24
C CYS H 87 -36.76 -35.43 -13.90
N ALA H 88 -37.85 -34.92 -13.31
CA ALA H 88 -37.79 -34.23 -12.03
C ALA H 88 -39.14 -34.43 -11.33
N TRP H 89 -39.29 -33.76 -10.19
CA TRP H 89 -40.51 -33.84 -9.41
C TRP H 89 -41.50 -32.77 -9.87
N LEU H 90 -42.63 -33.20 -10.41
CA LEU H 90 -43.65 -32.29 -10.90
C LEU H 90 -44.64 -31.93 -9.79
N SER H 91 -45.50 -30.97 -10.09
CA SER H 91 -46.51 -30.51 -9.14
C SER H 91 -47.80 -30.24 -9.88
N LYS H 92 -48.90 -30.81 -9.39
CA LYS H 92 -50.20 -30.61 -10.03
C LYS H 92 -50.86 -29.33 -9.53
N PHE H 93 -51.31 -29.32 -8.29
CA PHE H 93 -51.97 -28.15 -7.73
C PHE H 93 -50.95 -27.04 -7.51
N GLN H 94 -51.38 -25.80 -7.74
CA GLN H 94 -50.52 -24.62 -7.57
C GLN H 94 -50.49 -24.24 -6.09
N ASP H 95 -49.78 -25.06 -5.32
CA ASP H 95 -49.63 -24.84 -3.89
C ASP H 95 -48.53 -23.83 -3.63
N SER H 96 -48.88 -22.71 -2.98
CA SER H 96 -47.90 -21.68 -2.69
C SER H 96 -46.98 -22.09 -1.54
N SER H 97 -47.57 -22.52 -0.43
CA SER H 97 -46.80 -22.94 0.74
C SER H 97 -46.40 -24.41 0.59
N GLN H 98 -45.56 -24.66 -0.41
CA GLN H 98 -45.09 -26.01 -0.68
C GLN H 98 -43.95 -26.38 0.26
N TRP H 99 -43.91 -27.66 0.64
CA TRP H 99 -42.90 -28.17 1.54
C TRP H 99 -42.51 -29.58 1.10
N LEU H 100 -41.33 -30.00 1.56
CA LEU H 100 -40.81 -31.33 1.22
C LEU H 100 -39.85 -31.74 2.32
N GLN H 101 -40.28 -32.68 3.17
CA GLN H 101 -39.43 -33.15 4.25
C GLN H 101 -38.21 -33.87 3.71
N ILE H 102 -37.07 -33.64 4.35
CA ILE H 102 -35.80 -34.26 3.95
C ILE H 102 -35.13 -34.73 5.24
N ASP H 103 -35.41 -35.98 5.63
CA ASP H 103 -34.84 -36.54 6.84
C ASP H 103 -33.46 -37.12 6.54
N LEU H 104 -32.44 -36.55 7.17
CA LEU H 104 -31.06 -37.01 6.99
C LEU H 104 -30.76 -38.15 7.97
N LYS H 105 -29.53 -38.65 7.89
CA LYS H 105 -29.12 -39.73 8.77
C LYS H 105 -28.98 -39.24 10.22
N GLU H 106 -28.39 -38.07 10.40
CA GLU H 106 -28.19 -37.50 11.73
C GLU H 106 -27.95 -36.00 11.56
N ILE H 107 -27.75 -35.32 12.69
CA ILE H 107 -27.51 -33.88 12.67
C ILE H 107 -26.12 -33.62 12.09
N LYS H 108 -26.06 -32.77 11.07
CA LYS H 108 -24.81 -32.43 10.41
C LYS H 108 -24.83 -30.95 10.05
N VAL H 109 -23.65 -30.42 9.71
CA VAL H 109 -23.50 -29.02 9.34
C VAL H 109 -23.69 -28.93 7.82
N ILE H 110 -24.84 -28.44 7.40
CA ILE H 110 -25.15 -28.28 5.98
C ILE H 110 -24.71 -26.90 5.53
N SER H 111 -24.09 -26.84 4.36
CA SER H 111 -23.62 -25.57 3.80
C SER H 111 -23.58 -25.69 2.29
N GLY H 112 -24.37 -24.87 1.61
CA GLY H 112 -24.42 -24.88 0.16
C GLY H 112 -25.50 -25.81 -0.38
N ILE H 113 -25.85 -25.59 -1.64
CA ILE H 113 -26.87 -26.38 -2.31
C ILE H 113 -26.78 -26.11 -3.81
N LEU H 114 -26.88 -27.17 -4.60
CA LEU H 114 -26.80 -27.06 -6.04
C LEU H 114 -28.15 -26.59 -6.60
N THR H 115 -28.12 -26.20 -7.87
CA THR H 115 -29.32 -25.72 -8.56
C THR H 115 -29.32 -26.26 -9.99
N GLN H 116 -30.45 -26.82 -10.40
CA GLN H 116 -30.60 -27.37 -11.74
C GLN H 116 -31.98 -26.99 -12.27
N GLY H 117 -32.35 -27.55 -13.42
CA GLY H 117 -33.62 -27.27 -14.05
C GLY H 117 -34.31 -28.56 -14.45
N HIS H 118 -35.08 -28.48 -15.54
CA HIS H 118 -35.82 -29.61 -16.06
C HIS H 118 -35.67 -29.65 -17.57
N CYS H 119 -35.41 -30.86 -18.11
CA CYS H 119 -35.24 -31.02 -19.54
C CYS H 119 -36.59 -30.95 -20.25
N ASP H 120 -36.55 -31.07 -21.57
CA ASP H 120 -37.77 -31.02 -22.39
C ASP H 120 -38.53 -29.73 -22.14
N ILE H 121 -39.29 -29.68 -21.06
CA ILE H 121 -40.07 -28.50 -20.70
C ILE H 121 -39.27 -27.73 -19.65
N ASP H 122 -38.70 -26.60 -20.06
CA ASP H 122 -37.89 -25.79 -19.16
C ASP H 122 -38.73 -25.25 -18.02
N GLU H 123 -38.29 -25.48 -16.79
CA GLU H 123 -38.97 -25.00 -15.60
C GLU H 123 -37.94 -24.57 -14.56
N TRP H 124 -38.25 -23.49 -13.85
CA TRP H 124 -37.35 -22.96 -12.85
C TRP H 124 -38.13 -22.11 -11.87
N MET H 125 -37.55 -21.92 -10.68
CA MET H 125 -38.17 -21.11 -9.65
C MET H 125 -37.70 -19.66 -9.76
N THR H 126 -38.16 -18.82 -8.83
CA THR H 126 -37.79 -17.42 -8.82
C THR H 126 -37.50 -16.95 -7.41
N LYS H 127 -38.32 -17.38 -6.44
CA LYS H 127 -38.16 -16.99 -5.06
C LYS H 127 -38.42 -18.19 -4.16
N TYR H 128 -37.66 -18.29 -3.07
CA TYR H 128 -37.82 -19.39 -2.12
C TYR H 128 -37.11 -18.98 -0.83
N SER H 129 -37.17 -19.88 0.16
CA SER H 129 -36.54 -19.63 1.45
C SER H 129 -36.19 -20.97 2.09
N VAL H 130 -34.97 -21.07 2.61
CA VAL H 130 -34.52 -22.30 3.26
C VAL H 130 -35.01 -22.30 4.71
N GLN H 131 -35.28 -23.49 5.23
CA GLN H 131 -35.75 -23.67 6.59
C GLN H 131 -34.92 -24.74 7.28
N TYR H 132 -34.98 -24.73 8.62
CA TYR H 132 -34.25 -25.69 9.42
C TYR H 132 -34.89 -25.79 10.79
N ARG H 133 -34.94 -26.99 11.34
CA ARG H 133 -35.55 -27.24 12.64
C ARG H 133 -34.73 -28.31 13.37
N THR H 134 -35.17 -28.64 14.59
CA THR H 134 -34.47 -29.63 15.41
C THR H 134 -35.47 -30.54 16.11
N ASP H 135 -36.33 -29.97 16.95
CA ASP H 135 -37.30 -30.75 17.69
C ASP H 135 -38.45 -31.26 16.83
N GLU H 136 -38.48 -30.92 15.54
CA GLU H 136 -39.53 -31.39 14.63
C GLU H 136 -40.92 -30.90 15.07
N ARG H 137 -40.96 -29.73 15.72
CA ARG H 137 -42.22 -29.17 16.21
C ARG H 137 -42.23 -27.66 15.99
N LEU H 138 -41.71 -27.21 14.87
CA LEU H 138 -41.66 -25.78 14.54
C LEU H 138 -41.13 -25.63 13.12
N ASN H 139 -41.09 -24.40 12.65
CA ASN H 139 -40.58 -24.09 11.31
C ASN H 139 -39.92 -22.72 11.35
N TRP H 140 -38.62 -22.68 11.06
CA TRP H 140 -37.85 -21.45 11.07
C TRP H 140 -37.40 -21.10 9.66
N ILE H 141 -37.20 -19.80 9.42
CA ILE H 141 -36.76 -19.31 8.13
C ILE H 141 -35.27 -19.01 8.20
N TYR H 142 -34.59 -19.17 7.07
CA TYR H 142 -33.15 -18.95 6.99
C TYR H 142 -32.88 -17.47 6.74
N TYR H 143 -32.16 -16.84 7.67
CA TYR H 143 -31.79 -15.44 7.56
C TYR H 143 -30.27 -15.31 7.72
N LYS H 144 -29.65 -14.53 6.85
CA LYS H 144 -28.22 -14.31 6.90
C LYS H 144 -27.90 -13.02 7.66
N ASP H 145 -26.61 -12.80 7.90
CA ASP H 145 -26.15 -11.61 8.62
C ASP H 145 -25.97 -10.41 7.70
N GLN H 146 -25.60 -10.63 6.44
CA GLN H 146 -25.38 -9.55 5.48
C GLN H 146 -26.62 -9.26 4.64
N THR H 147 -27.79 -9.28 5.26
CA THR H 147 -29.06 -9.02 4.56
C THR H 147 -29.87 -8.05 5.42
N GLY H 148 -29.64 -6.75 5.21
CA GLY H 148 -30.35 -5.74 5.97
C GLY H 148 -31.58 -5.22 5.25
N ASN H 149 -32.26 -6.12 4.53
CA ASN H 149 -33.46 -5.76 3.79
C ASN H 149 -34.28 -7.03 3.56
N ASN H 150 -35.30 -6.94 2.72
CA ASN H 150 -36.16 -8.07 2.41
C ASN H 150 -35.63 -8.87 1.22
N ARG H 151 -34.33 -9.20 1.26
CA ARG H 151 -33.71 -9.96 0.19
C ARG H 151 -34.17 -11.41 0.22
N VAL H 152 -34.26 -12.01 -0.97
CA VAL H 152 -34.69 -13.39 -1.13
C VAL H 152 -33.76 -14.08 -2.10
N PHE H 153 -33.52 -15.37 -1.87
CA PHE H 153 -32.65 -16.14 -2.74
C PHE H 153 -33.21 -16.21 -4.14
N TYR H 154 -32.32 -16.35 -5.11
CA TYR H 154 -32.70 -16.42 -6.52
C TYR H 154 -32.93 -17.86 -6.96
N GLY H 155 -31.84 -18.58 -7.22
CA GLY H 155 -31.93 -19.96 -7.66
C GLY H 155 -31.22 -20.19 -8.98
N ASN H 156 -31.97 -20.16 -10.07
CA ASN H 156 -31.42 -20.38 -11.41
C ASN H 156 -32.49 -20.03 -12.43
N SER H 157 -32.17 -20.23 -13.71
CA SER H 157 -33.11 -19.96 -14.79
C SER H 157 -32.70 -20.71 -16.05
N ASP H 158 -32.07 -21.87 -15.89
CA ASP H 158 -31.63 -22.67 -17.02
C ASP H 158 -31.20 -24.03 -16.51
N ARG H 159 -31.52 -25.08 -17.26
CA ARG H 159 -31.16 -26.43 -16.86
C ARG H 159 -29.64 -26.63 -16.90
N THR H 160 -28.95 -25.91 -17.77
CA THR H 160 -27.50 -26.04 -17.86
C THR H 160 -26.77 -25.21 -16.82
N SER H 161 -27.38 -24.12 -16.37
CA SER H 161 -26.74 -23.26 -15.37
C SER H 161 -26.60 -24.00 -14.05
N THR H 162 -25.60 -23.60 -13.26
CA THR H 162 -25.33 -24.19 -11.96
C THR H 162 -25.01 -23.08 -10.97
N VAL H 163 -25.93 -22.13 -10.82
CA VAL H 163 -25.76 -21.01 -9.90
C VAL H 163 -25.87 -21.52 -8.47
N GLN H 164 -24.72 -21.68 -7.81
CA GLN H 164 -24.69 -22.18 -6.45
C GLN H 164 -24.86 -21.03 -5.45
N ASN H 165 -25.08 -21.39 -4.19
CA ASN H 165 -25.25 -20.43 -3.11
C ASN H 165 -24.38 -20.89 -1.93
N LEU H 166 -23.13 -20.45 -1.92
CA LEU H 166 -22.20 -20.83 -0.86
C LEU H 166 -22.66 -20.22 0.46
N LEU H 167 -23.13 -21.08 1.38
CA LEU H 167 -23.59 -20.65 2.69
C LEU H 167 -22.45 -20.84 3.68
N ARG H 168 -21.61 -19.80 3.82
CA ARG H 168 -20.47 -19.85 4.73
C ARG H 168 -20.93 -20.03 6.18
N PRO H 169 -21.95 -19.31 6.63
CA PRO H 169 -22.40 -19.46 8.03
C PRO H 169 -22.79 -20.90 8.32
N PRO H 170 -22.07 -21.59 9.22
CA PRO H 170 -22.44 -22.96 9.54
C PRO H 170 -23.86 -23.04 10.10
N ILE H 171 -24.59 -24.08 9.68
CA ILE H 171 -25.96 -24.31 10.11
C ILE H 171 -26.01 -25.70 10.72
N ILE H 172 -26.13 -25.76 12.05
CA ILE H 172 -26.21 -27.02 12.78
C ILE H 172 -27.68 -27.42 12.83
N SER H 173 -28.10 -28.27 11.91
CA SER H 173 -29.48 -28.72 11.83
C SER H 173 -29.51 -30.08 11.16
N ARG H 174 -30.71 -30.55 10.80
CA ARG H 174 -30.86 -31.84 10.15
C ARG H 174 -31.91 -31.75 9.05
N PHE H 175 -33.15 -31.44 9.41
CA PHE H 175 -34.23 -31.33 8.45
C PHE H 175 -34.18 -29.98 7.76
N ILE H 176 -34.36 -29.99 6.43
CA ILE H 176 -34.34 -28.78 5.62
C ILE H 176 -35.50 -28.83 4.65
N ARG H 177 -36.16 -27.69 4.44
CA ARG H 177 -37.28 -27.59 3.53
C ARG H 177 -37.17 -26.28 2.75
N LEU H 178 -37.96 -26.18 1.69
CA LEU H 178 -37.98 -25.00 0.83
C LEU H 178 -39.42 -24.50 0.67
N ILE H 179 -39.58 -23.19 0.68
CA ILE H 179 -40.89 -22.57 0.54
C ILE H 179 -40.90 -21.75 -0.75
N PRO H 180 -41.01 -22.38 -1.91
CA PRO H 180 -41.01 -21.62 -3.17
C PRO H 180 -42.29 -20.79 -3.31
N LEU H 181 -42.12 -19.48 -3.41
CA LEU H 181 -43.25 -18.57 -3.56
C LEU H 181 -43.69 -18.37 -5.00
N GLY H 182 -42.83 -18.71 -5.97
CA GLY H 182 -43.16 -18.55 -7.36
C GLY H 182 -42.48 -19.60 -8.21
N TRP H 183 -42.88 -19.64 -9.48
CA TRP H 183 -42.33 -20.60 -10.43
C TRP H 183 -42.75 -20.18 -11.83
N HIS H 184 -42.21 -20.87 -12.83
CA HIS H 184 -42.51 -20.55 -14.22
C HIS H 184 -43.83 -21.19 -14.66
N VAL H 185 -43.95 -22.50 -14.49
CA VAL H 185 -45.17 -23.22 -14.84
C VAL H 185 -45.49 -24.24 -13.75
N ARG H 186 -44.48 -25.03 -13.38
CA ARG H 186 -44.63 -26.03 -12.33
C ARG H 186 -43.31 -26.16 -11.58
N ILE H 187 -43.41 -26.48 -10.29
CA ILE H 187 -42.22 -26.63 -9.46
C ILE H 187 -41.50 -27.91 -9.88
N ALA H 188 -40.24 -27.76 -10.32
CA ALA H 188 -39.46 -28.91 -10.75
C ALA H 188 -37.98 -28.51 -10.68
N ILE H 189 -37.24 -29.13 -9.77
CA ILE H 189 -35.82 -28.83 -9.60
C ILE H 189 -35.16 -30.02 -8.92
N ARG H 190 -34.02 -30.45 -9.45
CA ARG H 190 -33.27 -31.58 -8.90
C ARG H 190 -32.34 -31.05 -7.81
N MET H 191 -32.89 -30.90 -6.62
CA MET H 191 -32.11 -30.38 -5.49
C MET H 191 -30.98 -31.35 -5.14
N GLU H 192 -30.04 -30.85 -4.34
CA GLU H 192 -28.91 -31.65 -3.90
C GLU H 192 -28.20 -30.97 -2.74
N LEU H 193 -28.61 -31.30 -1.51
CA LEU H 193 -28.01 -30.70 -0.34
C LEU H 193 -26.55 -31.10 -0.22
N LEU H 194 -25.81 -30.33 0.59
CA LEU H 194 -24.39 -30.57 0.82
C LEU H 194 -24.15 -30.69 2.32
N GLU H 195 -23.60 -31.83 2.74
CA GLU H 195 -23.31 -32.09 4.14
C GLU H 195 -21.81 -31.96 4.39
N CYS H 196 -21.46 -31.76 5.66
CA CYS H 196 -20.06 -31.62 6.05
C CYS H 196 -19.43 -32.99 6.27
N CYS I 40 21.93 26.17 -8.22
CA CYS I 40 20.87 25.18 -8.27
C CYS I 40 21.46 23.78 -8.45
N PRO I 41 20.67 22.74 -8.16
CA PRO I 41 21.19 21.36 -8.30
C PRO I 41 21.74 21.08 -9.68
N TYR I 42 22.94 21.61 -9.96
CA TYR I 42 23.60 21.39 -11.25
C TYR I 42 25.11 21.38 -11.00
N HIS I 43 25.86 21.11 -12.07
CA HIS I 43 27.31 21.06 -12.03
C HIS I 43 27.86 22.29 -12.76
N LYS I 44 27.86 23.41 -12.05
CA LYS I 44 28.36 24.68 -12.60
C LYS I 44 29.09 25.44 -11.49
N PRO I 45 30.22 24.92 -11.04
CA PRO I 45 30.97 25.60 -9.98
C PRO I 45 31.66 26.85 -10.49
N LEU I 46 32.26 27.58 -9.56
CA LEU I 46 32.97 28.80 -9.91
C LEU I 46 34.30 28.45 -10.58
N GLY I 47 35.09 29.48 -10.87
CA GLY I 47 36.36 29.30 -11.54
C GLY I 47 37.54 29.85 -10.76
N PHE I 48 37.96 29.14 -9.72
CA PHE I 48 39.11 29.56 -8.93
C PHE I 48 40.42 29.12 -9.58
N GLU I 49 40.44 27.96 -10.24
CA GLU I 49 41.65 27.48 -10.88
C GLU I 49 42.07 28.36 -12.05
N SER I 50 41.14 29.10 -12.65
CA SER I 50 41.50 29.96 -13.79
C SER I 50 42.51 31.02 -13.37
N GLY I 51 42.30 31.65 -12.23
CA GLY I 51 43.20 32.68 -11.75
C GLY I 51 43.02 34.04 -12.39
N GLU I 52 42.11 34.16 -13.36
CA GLU I 52 41.90 35.46 -14.01
C GLU I 52 41.31 36.47 -13.04
N VAL I 53 40.60 36.01 -12.01
CA VAL I 53 40.01 36.93 -11.04
C VAL I 53 41.10 37.70 -10.34
N THR I 54 40.87 38.99 -10.13
CA THR I 54 41.85 39.83 -9.46
C THR I 54 41.88 39.51 -7.96
N PRO I 55 43.01 39.76 -7.29
CA PRO I 55 43.09 39.48 -5.85
C PRO I 55 42.30 40.45 -4.99
N ASP I 56 41.73 41.51 -5.57
CA ASP I 56 40.96 42.45 -4.77
C ASP I 56 39.71 41.81 -4.18
N GLN I 57 39.14 40.82 -4.88
CA GLN I 57 37.94 40.16 -4.38
C GLN I 57 38.27 39.29 -3.17
N ILE I 58 39.35 38.51 -3.26
CA ILE I 58 39.74 37.63 -2.16
C ILE I 58 40.44 38.47 -1.09
N THR I 59 39.65 39.07 -0.20
CA THR I 59 40.19 39.90 0.87
C THR I 59 40.47 39.05 2.10
N CYS I 60 41.58 39.36 2.77
CA CYS I 60 41.98 38.63 3.97
C CYS I 60 42.72 39.59 4.89
N SER I 61 43.24 39.04 6.00
CA SER I 61 43.97 39.82 6.98
C SER I 61 45.13 38.99 7.52
N ASN I 62 46.06 38.63 6.64
CA ASN I 62 47.24 37.83 6.99
C ASN I 62 48.42 38.32 6.18
N PRO I 63 48.98 39.47 6.54
CA PRO I 63 50.15 39.99 5.81
C PRO I 63 51.30 38.99 5.83
N GLU I 64 51.69 38.53 4.64
CA GLU I 64 52.79 37.57 4.55
C GLU I 64 54.14 38.28 4.57
N GLN I 65 54.25 39.42 3.90
CA GLN I 65 55.49 40.19 3.87
C GLN I 65 55.20 41.67 4.01
N TYR I 66 54.31 42.02 4.94
CA TYR I 66 53.90 43.39 5.20
C TYR I 66 53.75 44.19 3.90
N VAL I 67 53.18 43.56 2.88
CA VAL I 67 53.00 44.25 1.60
C VAL I 67 51.76 45.14 1.64
N GLY I 68 50.66 44.63 2.19
CA GLY I 68 49.44 45.41 2.27
C GLY I 68 48.50 44.88 3.33
N TRP I 69 47.22 45.25 3.25
CA TRP I 69 46.22 44.82 4.22
C TRP I 69 45.01 44.20 3.52
N TYR I 70 44.81 44.53 2.24
CA TYR I 70 43.71 43.98 1.48
C TYR I 70 43.84 42.46 1.36
N SER I 71 44.74 42.00 0.50
CA SER I 71 44.97 40.59 0.27
C SER I 71 46.42 40.25 0.55
N SER I 72 46.72 38.96 0.52
CA SER I 72 48.08 38.48 0.76
C SER I 72 48.30 37.12 0.10
N TRP I 73 47.50 36.12 0.52
CA TRP I 73 47.62 34.78 -0.05
C TRP I 73 46.87 34.68 -1.37
N THR I 74 45.73 35.36 -1.49
CA THR I 74 44.88 35.34 -2.67
C THR I 74 44.81 33.94 -3.29
N ALA I 75 44.58 33.86 -4.61
CA ALA I 75 44.49 32.59 -5.31
C ALA I 75 45.83 32.14 -5.87
N ASN I 76 46.94 32.51 -5.22
CA ASN I 76 48.25 32.10 -5.70
C ASN I 76 48.59 30.68 -5.28
N LYS I 77 48.28 30.31 -4.05
CA LYS I 77 48.55 28.98 -3.52
C LYS I 77 47.31 28.41 -2.85
N ALA I 78 46.13 28.65 -3.45
CA ALA I 78 44.87 28.16 -2.91
C ALA I 78 43.86 28.10 -4.07
N ARG I 79 43.88 26.99 -4.79
CA ARG I 79 42.99 26.78 -5.93
C ARG I 79 42.54 25.32 -5.92
N LEU I 80 41.66 24.99 -6.86
CA LEU I 80 41.13 23.63 -6.98
C LEU I 80 42.21 22.74 -7.57
N ASN I 81 42.93 22.02 -6.70
CA ASN I 81 44.00 21.13 -7.13
C ASN I 81 45.05 21.89 -7.92
N SER I 82 46.05 22.44 -7.23
CA SER I 82 47.13 23.19 -7.86
C SER I 82 48.45 22.69 -7.31
N GLN I 83 49.23 22.01 -8.15
CA GLN I 83 50.51 21.49 -7.71
C GLN I 83 51.49 22.62 -7.45
N GLY I 84 52.24 22.52 -6.36
CA GLY I 84 53.21 23.54 -6.00
C GLY I 84 53.56 23.45 -4.54
N PHE I 85 54.15 24.54 -4.03
CA PHE I 85 54.54 24.62 -2.63
C PHE I 85 53.31 24.59 -1.74
N GLY I 86 52.50 25.65 -1.79
CA GLY I 86 51.30 25.72 -0.99
C GLY I 86 50.11 25.04 -1.63
N CYS I 87 49.75 23.85 -1.14
CA CYS I 87 48.63 23.12 -1.71
C CYS I 87 47.29 23.74 -1.34
N ALA I 88 47.22 24.50 -0.26
CA ALA I 88 45.99 25.14 0.17
C ALA I 88 46.34 26.43 0.90
N TRP I 89 45.32 27.07 1.48
CA TRP I 89 45.50 28.32 2.21
C TRP I 89 45.79 28.01 3.67
N LEU I 90 46.98 28.37 4.13
CA LEU I 90 47.38 28.13 5.50
C LEU I 90 46.99 29.31 6.38
N SER I 91 47.15 29.13 7.70
CA SER I 91 46.82 30.15 8.67
C SER I 91 47.89 30.14 9.77
N LYS I 92 48.44 31.32 10.05
CA LYS I 92 49.47 31.42 11.09
C LYS I 92 48.83 31.58 12.47
N PHE I 93 48.24 32.74 12.74
CA PHE I 93 47.61 32.99 14.03
C PHE I 93 46.35 32.15 14.16
N GLN I 94 46.10 31.68 15.39
CA GLN I 94 44.93 30.85 15.68
C GLN I 94 43.71 31.77 15.88
N ASP I 95 43.24 32.33 14.78
CA ASP I 95 42.09 33.23 14.80
C ASP I 95 40.81 32.42 14.81
N SER I 96 39.99 32.60 15.85
CA SER I 96 38.74 31.87 15.95
C SER I 96 37.69 32.43 15.00
N SER I 97 37.48 33.75 15.03
CA SER I 97 36.50 34.40 14.16
C SER I 97 37.15 34.71 12.82
N GLN I 98 37.48 33.65 12.10
CA GLN I 98 38.10 33.78 10.79
C GLN I 98 37.05 34.06 9.74
N TRP I 99 37.44 34.88 8.75
CA TRP I 99 36.55 35.24 7.66
C TRP I 99 37.35 35.31 6.36
N LEU I 100 36.63 35.23 5.24
CA LEU I 100 37.25 35.28 3.92
C LEU I 100 36.22 35.78 2.93
N GLN I 101 36.36 37.03 2.50
CA GLN I 101 35.42 37.61 1.55
C GLN I 101 35.50 36.89 0.21
N ILE I 102 34.34 36.67 -0.40
CA ILE I 102 34.24 35.99 -1.70
C ILE I 102 33.26 36.81 -2.53
N ASP I 103 33.78 37.78 -3.29
CA ASP I 103 32.96 38.64 -4.12
C ASP I 103 32.72 37.96 -5.46
N LEU I 104 31.46 37.65 -5.75
CA LEU I 104 31.08 37.00 -7.00
C LEU I 104 30.84 38.06 -8.08
N LYS I 105 30.48 37.58 -9.28
CA LYS I 105 30.22 38.50 -10.38
C LYS I 105 28.94 39.28 -10.16
N GLU I 106 27.90 38.62 -9.69
CA GLU I 106 26.61 39.26 -9.44
C GLU I 106 25.82 38.37 -8.48
N ILE I 107 24.60 38.81 -8.14
CA ILE I 107 23.75 38.06 -7.24
C ILE I 107 23.26 36.80 -7.95
N LYS I 108 23.48 35.65 -7.33
CA LYS I 108 23.05 34.37 -7.88
C LYS I 108 22.55 33.48 -6.76
N VAL I 109 21.88 32.40 -7.14
CA VAL I 109 21.32 31.44 -6.19
C VAL I 109 22.39 30.37 -5.95
N ILE I 110 23.04 30.43 -4.79
CA ILE I 110 24.07 29.48 -4.42
C ILE I 110 23.43 28.32 -3.67
N SER I 111 23.85 27.10 -4.00
CA SER I 111 23.32 25.90 -3.36
C SER I 111 24.37 24.81 -3.43
N GLY I 112 24.83 24.35 -2.26
CA GLY I 112 25.83 23.31 -2.19
C GLY I 112 27.24 23.87 -2.14
N ILE I 113 28.16 23.01 -1.70
CA ILE I 113 29.57 23.38 -1.59
C ILE I 113 30.38 22.10 -1.40
N LEU I 114 31.50 22.02 -2.10
CA LEU I 114 32.37 20.86 -2.02
C LEU I 114 33.23 20.93 -0.75
N THR I 115 33.87 19.81 -0.44
CA THR I 115 34.72 19.70 0.73
C THR I 115 35.96 18.88 0.38
N GLN I 116 37.13 19.39 0.74
CA GLN I 116 38.39 18.71 0.46
C GLN I 116 39.28 18.87 1.69
N GLY I 117 40.53 18.43 1.56
CA GLY I 117 41.50 18.49 2.63
C GLY I 117 42.81 19.10 2.15
N HIS I 118 43.90 18.65 2.76
CA HIS I 118 45.24 19.14 2.42
C HIS I 118 46.19 17.96 2.34
N CYS I 119 47.02 17.93 1.30
CA CYS I 119 47.96 16.85 1.11
C CYS I 119 49.14 16.98 2.08
N ASP I 120 50.06 16.03 2.01
CA ASP I 120 51.23 16.03 2.89
C ASP I 120 50.81 16.05 4.35
N ILE I 121 50.48 17.22 4.86
CA ILE I 121 50.05 17.39 6.25
C ILE I 121 48.52 17.42 6.25
N ASP I 122 47.91 16.35 6.73
CA ASP I 122 46.46 16.26 6.75
C ASP I 122 45.87 17.30 7.68
N GLU I 123 44.93 18.09 7.17
CA GLU I 123 44.26 19.13 7.94
C GLU I 123 42.79 19.17 7.54
N TRP I 124 41.93 19.40 8.54
CA TRP I 124 40.49 19.45 8.29
C TRP I 124 39.82 20.22 9.41
N MET I 125 38.63 20.73 9.13
CA MET I 125 37.85 21.46 10.11
C MET I 125 36.92 20.52 10.87
N THR I 126 36.13 21.09 11.77
CA THR I 126 35.20 20.30 12.58
C THR I 126 33.85 21.01 12.69
N LYS I 127 33.88 22.33 12.88
CA LYS I 127 32.66 23.12 13.01
C LYS I 127 32.82 24.43 12.27
N TYR I 128 31.75 24.88 11.65
CA TYR I 128 31.75 26.14 10.91
C TYR I 128 30.30 26.57 10.70
N SER I 129 30.13 27.70 10.03
CA SER I 129 28.80 28.24 9.75
C SER I 129 28.87 29.12 8.51
N VAL I 130 27.93 28.92 7.60
CA VAL I 130 27.87 29.70 6.37
C VAL I 130 27.17 31.02 6.64
N GLN I 131 27.58 32.06 5.92
CA GLN I 131 27.01 33.39 6.06
C GLN I 131 26.65 33.94 4.69
N TYR I 132 25.79 34.96 4.69
CA TYR I 132 25.36 35.60 3.46
C TYR I 132 24.83 36.99 3.78
N ARG I 133 25.11 37.93 2.89
CA ARG I 133 24.70 39.32 3.06
C ARG I 133 24.32 39.90 1.71
N THR I 134 23.91 41.16 1.71
CA THR I 134 23.50 41.84 0.48
C THR I 134 24.04 43.27 0.45
N ASP I 135 23.65 44.09 1.42
CA ASP I 135 24.08 45.49 1.46
C ASP I 135 25.53 45.65 1.87
N GLU I 136 26.23 44.56 2.20
CA GLU I 136 27.65 44.63 2.58
C GLU I 136 27.84 45.45 3.85
N ARG I 137 26.85 45.46 4.73
CA ARG I 137 26.90 46.22 5.98
C ARG I 137 26.28 45.43 7.11
N LEU I 138 26.51 44.12 7.13
CA LEU I 138 25.98 43.25 8.17
C LEU I 138 26.56 41.86 7.97
N ASN I 139 26.22 40.95 8.89
CA ASN I 139 26.67 39.57 8.81
C ASN I 139 25.59 38.67 9.39
N TRP I 140 25.07 37.77 8.56
CA TRP I 140 24.01 36.85 8.96
C TRP I 140 24.53 35.43 8.96
N ILE I 141 23.92 34.59 9.80
CA ILE I 141 24.29 33.19 9.93
C ILE I 141 23.28 32.35 9.16
N TYR I 142 23.76 31.22 8.62
CA TYR I 142 22.93 30.34 7.82
C TYR I 142 22.18 29.38 8.75
N TYR I 143 20.86 29.42 8.71
CA TYR I 143 20.01 28.55 9.50
C TYR I 143 19.02 27.85 8.59
N LYS I 144 18.86 26.54 8.78
CA LYS I 144 17.94 25.75 7.98
C LYS I 144 16.60 25.60 8.70
N ASP I 145 15.63 25.01 7.99
CA ASP I 145 14.30 24.80 8.55
C ASP I 145 14.19 23.51 9.35
N GLN I 146 14.95 22.48 8.98
CA GLN I 146 14.91 21.19 9.66
C GLN I 146 15.99 21.08 10.74
N THR I 147 16.23 22.15 11.49
CA THR I 147 17.24 22.17 12.55
C THR I 147 16.60 22.81 13.78
N GLY I 148 15.96 21.99 14.61
CA GLY I 148 15.31 22.48 15.81
C GLY I 148 16.20 22.35 17.03
N ASN I 149 17.50 22.55 16.85
CA ASN I 149 18.47 22.47 17.95
C ASN I 149 19.70 23.26 17.54
N ASN I 150 20.77 23.12 18.32
CA ASN I 150 22.03 23.82 18.06
C ASN I 150 22.94 22.99 17.15
N ARG I 151 22.38 22.51 16.05
CA ARG I 151 23.15 21.72 15.11
C ARG I 151 24.13 22.60 14.33
N VAL I 152 25.27 22.01 13.99
CA VAL I 152 26.32 22.71 13.26
C VAL I 152 26.82 21.79 12.15
N PHE I 153 27.20 22.40 11.02
CA PHE I 153 27.70 21.64 9.90
C PHE I 153 28.99 20.91 10.26
N TYR I 154 29.23 19.80 9.58
CA TYR I 154 30.41 18.97 9.84
C TYR I 154 31.56 19.38 8.94
N GLY I 155 31.52 18.94 7.68
CA GLY I 155 32.58 19.25 6.74
C GLY I 155 33.19 18.01 6.13
N ASN I 156 34.31 17.56 6.69
CA ASN I 156 35.01 16.38 6.20
C ASN I 156 36.09 16.02 7.21
N SER I 157 36.87 14.99 6.89
CA SER I 157 37.96 14.55 7.75
C SER I 157 38.97 13.72 6.97
N ASP I 158 39.12 14.02 5.68
CA ASP I 158 40.05 13.29 4.83
C ASP I 158 40.17 14.03 3.50
N ARG I 159 41.40 14.09 2.97
CA ARG I 159 41.62 14.78 1.70
C ARG I 159 40.92 14.06 0.55
N THR I 160 40.76 12.75 0.65
CA THR I 160 40.12 11.99 -0.42
C THR I 160 38.59 12.04 -0.31
N SER I 161 38.06 12.21 0.89
CA SER I 161 36.63 12.26 1.07
C SER I 161 36.04 13.49 0.38
N THR I 162 34.77 13.38 -0.01
CA THR I 162 34.05 14.47 -0.67
C THR I 162 32.64 14.56 -0.09
N VAL I 163 32.56 14.75 1.22
CA VAL I 163 31.28 14.86 1.90
C VAL I 163 30.64 16.20 1.55
N GLN I 164 29.67 16.17 0.64
CA GLN I 164 28.99 17.38 0.21
C GLN I 164 27.84 17.71 1.15
N ASN I 165 27.29 18.91 0.98
CA ASN I 165 26.17 19.40 1.79
C ASN I 165 25.16 20.03 0.82
N LEU I 166 24.24 19.20 0.31
CA LEU I 166 23.23 19.69 -0.63
C LEU I 166 22.29 20.65 0.08
N LEU I 167 22.37 21.93 -0.27
CA LEU I 167 21.52 22.95 0.32
C LEU I 167 20.35 23.19 -0.62
N ARG I 168 19.27 22.43 -0.40
CA ARG I 168 18.08 22.53 -1.24
C ARG I 168 17.44 23.92 -1.12
N PRO I 169 17.31 24.47 0.08
CA PRO I 169 16.70 25.80 0.22
C PRO I 169 17.45 26.84 -0.60
N PRO I 170 16.81 27.43 -1.61
CA PRO I 170 17.51 28.45 -2.39
C PRO I 170 17.94 29.62 -1.52
N ILE I 171 19.14 30.14 -1.81
CA ILE I 171 19.71 31.25 -1.07
C ILE I 171 20.05 32.34 -2.08
N ILE I 172 19.25 33.41 -2.10
CA ILE I 172 19.46 34.52 -3.01
C ILE I 172 20.42 35.50 -2.32
N SER I 173 21.71 35.38 -2.65
CA SER I 173 22.73 36.23 -2.05
C SER I 173 23.90 36.32 -3.04
N ARG I 174 25.01 36.88 -2.56
CA ARG I 174 26.20 37.03 -3.40
C ARG I 174 27.46 36.71 -2.60
N PHE I 175 27.72 37.49 -1.55
CA PHE I 175 28.88 37.27 -0.72
C PHE I 175 28.63 36.15 0.28
N ILE I 176 29.62 35.27 0.44
CA ILE I 176 29.52 34.14 1.35
C ILE I 176 30.83 34.04 2.13
N ARG I 177 30.73 33.72 3.42
CA ARG I 177 31.89 33.59 4.27
C ARG I 177 31.68 32.38 5.19
N LEU I 178 32.76 31.96 5.83
CA LEU I 178 32.75 30.82 6.75
C LEU I 178 33.37 31.23 8.08
N ILE I 179 32.78 30.75 9.16
CA ILE I 179 33.25 31.06 10.51
C ILE I 179 33.70 29.75 11.16
N PRO I 180 34.87 29.22 10.81
CA PRO I 180 35.33 27.96 11.42
C PRO I 180 35.67 28.16 12.89
N LEU I 181 34.98 27.43 13.76
CA LEU I 181 35.22 27.52 15.20
C LEU I 181 36.31 26.58 15.68
N GLY I 182 36.67 25.57 14.89
CA GLY I 182 37.70 24.63 15.28
C GLY I 182 38.44 24.10 14.06
N TRP I 183 39.52 23.38 14.34
CA TRP I 183 40.35 22.79 13.29
C TRP I 183 41.30 21.79 13.93
N HIS I 184 42.03 21.08 13.09
CA HIS I 184 42.96 20.06 13.57
C HIS I 184 44.29 20.69 14.00
N VAL I 185 44.92 21.43 13.09
CA VAL I 185 46.18 22.10 13.39
C VAL I 185 46.14 23.50 12.80
N ARG I 186 45.76 23.61 11.53
CA ARG I 186 45.65 24.90 10.86
C ARG I 186 44.51 24.83 9.85
N ILE I 187 43.86 25.97 9.64
CA ILE I 187 42.75 26.05 8.70
C ILE I 187 43.29 25.91 7.28
N ALA I 188 42.84 24.88 6.57
CA ALA I 188 43.28 24.64 5.20
C ALA I 188 42.25 23.76 4.51
N ILE I 189 41.54 24.33 3.53
CA ILE I 189 40.52 23.61 2.79
C ILE I 189 40.33 24.29 1.44
N ARG I 190 40.27 23.49 0.39
CA ARG I 190 40.08 23.98 -0.97
C ARG I 190 38.59 24.10 -1.23
N MET I 191 38.00 25.20 -0.79
CA MET I 191 36.58 25.42 -0.96
C MET I 191 36.22 25.51 -2.45
N GLU I 192 34.92 25.41 -2.73
CA GLU I 192 34.43 25.50 -4.10
C GLU I 192 32.93 25.71 -4.11
N LEU I 193 32.49 26.96 -4.11
CA LEU I 193 31.07 27.28 -4.10
C LEU I 193 30.41 26.78 -5.39
N LEU I 194 29.08 26.68 -5.34
CA LEU I 194 28.29 26.23 -6.47
C LEU I 194 27.22 27.27 -6.77
N GLU I 195 27.22 27.79 -7.99
CA GLU I 195 26.26 28.79 -8.43
C GLU I 195 25.22 28.15 -9.34
N CYS I 196 24.09 28.82 -9.46
CA CYS I 196 23.00 28.34 -10.32
C CYS I 196 23.21 28.77 -11.76
N CYS J 40 7.40 34.18 3.20
CA CYS J 40 7.14 32.86 2.65
C CYS J 40 8.33 31.92 2.94
N PRO J 41 8.11 30.61 2.84
CA PRO J 41 9.19 29.66 3.11
C PRO J 41 10.45 29.95 2.30
N TYR J 42 11.19 30.98 2.69
CA TYR J 42 12.43 31.35 2.01
C TYR J 42 13.38 31.94 3.04
N HIS J 43 14.59 32.26 2.60
CA HIS J 43 15.63 32.83 3.44
C HIS J 43 15.81 34.30 3.04
N LYS J 44 14.91 35.15 3.53
CA LYS J 44 14.94 36.59 3.25
C LYS J 44 14.53 37.35 4.51
N PRO J 45 15.35 37.29 5.55
CA PRO J 45 15.00 37.98 6.79
C PRO J 45 15.16 39.50 6.64
N LEU J 46 14.75 40.21 7.69
CA LEU J 46 14.86 41.65 7.71
C LEU J 46 16.32 42.07 7.90
N GLY J 47 16.54 43.37 8.03
CA GLY J 47 17.88 43.90 8.19
C GLY J 47 18.04 44.74 9.44
N PHE J 48 18.15 44.08 10.60
CA PHE J 48 18.36 44.80 11.86
C PHE J 48 19.83 45.12 12.08
N GLU J 49 20.73 44.25 11.64
CA GLU J 49 22.16 44.48 11.82
C GLU J 49 22.65 45.68 11.01
N SER J 50 21.95 46.05 9.94
CA SER J 50 22.38 47.18 9.12
C SER J 50 22.39 48.47 9.94
N GLY J 51 21.34 48.69 10.74
CA GLY J 51 21.24 49.89 11.55
C GLY J 51 20.78 51.13 10.82
N GLU J 52 20.59 51.05 9.50
CA GLU J 52 20.14 52.22 8.75
C GLU J 52 18.73 52.64 9.12
N VAL J 53 17.91 51.72 9.64
CA VAL J 53 16.55 52.07 10.03
C VAL J 53 16.59 53.11 11.15
N THR J 54 15.68 54.08 11.06
CA THR J 54 15.62 55.12 12.07
C THR J 54 15.03 54.59 13.37
N PRO J 55 15.35 55.20 14.50
CA PRO J 55 14.80 54.73 15.79
C PRO J 55 13.32 55.01 15.97
N ASP J 56 12.71 55.79 15.07
CA ASP J 56 11.29 56.10 15.21
C ASP J 56 10.43 54.86 15.08
N GLN J 57 10.87 53.88 14.28
CA GLN J 57 10.09 52.66 14.10
C GLN J 57 10.12 51.80 15.36
N ILE J 58 11.31 51.59 15.93
CA ILE J 58 11.45 50.79 17.13
C ILE J 58 10.99 51.61 18.33
N THR J 59 9.68 51.59 18.60
CA THR J 59 9.11 52.33 19.72
C THR J 59 9.08 51.45 20.97
N CYS J 60 9.37 52.06 22.11
CA CYS J 60 9.37 51.35 23.38
C CYS J 60 8.94 52.32 24.48
N SER J 61 9.01 51.85 25.72
CA SER J 61 8.64 52.65 26.88
C SER J 61 9.57 52.31 28.04
N ASN J 62 10.86 52.57 27.85
CA ASN J 62 11.89 52.31 28.86
C ASN J 62 12.93 53.43 28.81
N PRO J 63 12.59 54.60 29.33
CA PRO J 63 13.56 55.71 29.33
C PRO J 63 14.83 55.34 30.07
N GLU J 64 15.94 55.35 29.34
CA GLU J 64 17.23 55.02 29.93
C GLU J 64 17.84 56.21 30.65
N GLN J 65 17.72 57.41 30.07
CA GLN J 65 18.26 58.63 30.66
C GLN J 65 17.26 59.77 30.50
N TYR J 66 15.98 59.49 30.75
CA TYR J 66 14.90 60.47 30.62
C TYR J 66 15.09 61.36 29.40
N VAL J 67 15.53 60.78 28.28
CA VAL J 67 15.74 61.56 27.06
C VAL J 67 14.41 61.78 26.34
N GLY J 68 13.60 60.75 26.22
CA GLY J 68 12.32 60.86 25.55
C GLY J 68 11.35 59.77 25.95
N TRP J 69 10.30 59.57 25.15
CA TRP J 69 9.30 58.56 25.44
C TRP J 69 9.10 57.63 24.24
N TYR J 70 9.47 58.10 23.04
CA TYR J 70 9.34 57.29 21.84
C TYR J 70 10.22 56.04 21.94
N SER J 71 11.53 56.21 21.76
CA SER J 71 12.49 55.12 21.80
C SER J 71 13.53 55.40 22.87
N SER J 72 14.38 54.40 23.12
CA SER J 72 15.43 54.51 24.12
C SER J 72 16.57 53.54 23.81
N TRP J 73 16.25 52.24 23.80
CA TRP J 73 17.27 51.23 23.50
C TRP J 73 17.48 51.07 22.00
N THR J 74 16.39 51.16 21.22
CA THR J 74 16.43 51.00 19.77
C THR J 74 17.36 49.88 19.35
N ALA J 75 17.91 49.97 18.13
CA ALA J 75 18.83 48.97 17.61
C ALA J 75 20.29 49.29 17.93
N ASN J 76 20.56 49.98 19.03
CA ASN J 76 21.93 50.32 19.39
C ASN J 76 22.65 49.15 20.04
N LYS J 77 21.95 48.41 20.91
CA LYS J 77 22.52 47.26 21.60
C LYS J 77 21.60 46.06 21.50
N ALA J 78 20.91 45.90 20.37
CA ALA J 78 19.99 44.77 20.18
C ALA J 78 19.89 44.52 18.67
N ARG J 79 20.84 43.74 18.15
CA ARG J 79 20.88 43.40 16.74
C ARG J 79 21.26 41.93 16.59
N LEU J 80 21.24 41.44 15.36
CA LEU J 80 21.58 40.05 15.07
C LEU J 80 23.08 39.87 15.25
N ASN J 81 23.48 39.37 16.42
CA ASN J 81 24.89 39.15 16.73
C ASN J 81 25.68 40.43 16.59
N SER J 82 25.78 41.20 17.67
CA SER J 82 26.51 42.47 17.68
C SER J 82 27.39 42.49 18.92
N GLN J 83 28.71 42.42 18.72
CA GLN J 83 29.63 42.44 19.84
C GLN J 83 29.65 43.81 20.49
N GLY J 84 29.67 43.82 21.82
CA GLY J 84 29.69 45.06 22.57
C GLY J 84 29.21 44.83 23.99
N PHE J 85 28.85 45.94 24.64
CA PHE J 85 28.37 45.89 26.01
C PHE J 85 27.03 45.15 26.09
N GLY J 86 25.99 45.72 25.50
CA GLY J 86 24.69 45.09 25.50
C GLY J 86 24.51 44.11 24.36
N CYS J 87 24.55 42.82 24.66
CA CYS J 87 24.40 41.80 23.63
C CYS J 87 22.96 41.68 23.14
N ALA J 88 21.98 42.10 23.94
CA ALA J 88 20.58 42.02 23.56
C ALA J 88 19.84 43.17 24.25
N TRP J 89 18.52 43.17 24.11
CA TRP J 89 17.67 44.19 24.71
C TRP J 89 17.26 43.75 26.11
N LEU J 90 17.69 44.50 27.12
CA LEU J 90 17.38 44.18 28.50
C LEU J 90 16.08 44.87 28.92
N SER J 91 15.61 44.51 30.11
CA SER J 91 14.37 45.06 30.66
C SER J 91 14.55 45.29 32.15
N LYS J 92 14.24 46.51 32.61
CA LYS J 92 14.38 46.83 34.02
C LYS J 92 13.13 46.41 34.81
N PHE J 93 12.03 47.11 34.60
CA PHE J 93 10.79 46.79 35.31
C PHE J 93 10.22 45.48 34.79
N GLN J 94 9.64 44.70 35.70
CA GLN J 94 9.04 43.41 35.36
C GLN J 94 7.64 43.64 34.79
N ASP J 95 7.61 44.15 33.56
CA ASP J 95 6.36 44.44 32.87
C ASP J 95 5.83 43.16 32.23
N SER J 96 4.62 42.75 32.63
CA SER J 96 4.03 41.54 32.08
C SER J 96 3.51 41.77 30.66
N SER J 97 2.72 42.83 30.47
CA SER J 97 2.17 43.15 29.15
C SER J 97 3.18 43.98 28.36
N GLN J 98 4.29 43.34 28.05
CA GLN J 98 5.35 44.00 27.30
C GLN J 98 5.03 44.00 25.81
N TRP J 99 5.44 45.08 25.14
CA TRP J 99 5.19 45.24 23.71
C TRP J 99 6.41 45.92 23.07
N LEU J 100 6.51 45.77 21.76
CA LEU J 100 7.63 46.35 21.01
C LEU J 100 7.16 46.54 19.58
N GLN J 101 6.90 47.79 19.19
CA GLN J 101 6.45 48.08 17.84
C GLN J 101 7.55 47.76 16.83
N ILE J 102 7.14 47.19 15.70
CA ILE J 102 8.07 46.82 14.62
C ILE J 102 7.42 47.28 13.32
N ASP J 103 7.72 48.51 12.91
CA ASP J 103 7.16 49.07 11.69
C ASP J 103 8.01 48.65 10.50
N LEU J 104 7.42 47.88 9.59
CA LEU J 104 8.10 47.41 8.39
C LEU J 104 8.00 48.45 7.28
N LYS J 105 8.59 48.13 6.14
CA LYS J 105 8.56 49.04 5.00
C LYS J 105 7.15 49.13 4.40
N GLU J 106 6.48 47.99 4.27
CA GLU J 106 5.13 47.94 3.71
C GLU J 106 4.49 46.62 4.14
N ILE J 107 3.25 46.41 3.72
CA ILE J 107 2.53 45.19 4.06
C ILE J 107 3.14 44.02 3.30
N LYS J 108 3.53 42.98 4.03
CA LYS J 108 4.12 41.79 3.44
C LYS J 108 3.61 40.56 4.16
N VAL J 109 3.85 39.39 3.56
CA VAL J 109 3.41 38.12 4.12
C VAL J 109 4.55 37.60 5.00
N ILE J 110 4.37 37.69 6.31
CA ILE J 110 5.37 37.23 7.26
C ILE J 110 5.07 35.78 7.63
N SER J 111 6.13 34.97 7.69
CA SER J 111 5.98 33.55 8.02
C SER J 111 7.28 33.07 8.63
N GLY J 112 7.22 32.63 9.89
CA GLY J 112 8.39 32.14 10.59
C GLY J 112 9.09 33.23 11.36
N ILE J 113 9.94 32.79 12.31
CA ILE J 113 10.69 33.70 13.15
C ILE J 113 11.78 32.90 13.85
N LEU J 114 12.98 33.47 13.91
CA LEU J 114 14.10 32.81 14.55
C LEU J 114 14.02 32.98 16.07
N THR J 115 14.84 32.22 16.77
CA THR J 115 14.88 32.25 18.24
C THR J 115 16.33 32.14 18.69
N GLN J 116 16.74 33.03 19.59
CA GLN J 116 18.10 33.04 20.12
C GLN J 116 18.03 33.31 21.62
N GLY J 117 19.18 33.51 22.24
CA GLY J 117 19.28 33.77 23.66
C GLY J 117 20.17 34.97 23.93
N HIS J 118 20.84 34.93 25.08
CA HIS J 118 21.73 35.99 25.50
C HIS J 118 23.01 35.39 26.05
N CYS J 119 24.15 35.95 25.65
CA CYS J 119 25.44 35.46 26.11
C CYS J 119 25.70 35.89 27.55
N ASP J 120 26.84 35.47 28.08
CA ASP J 120 27.22 35.80 29.46
C ASP J 120 26.15 35.33 30.44
N ILE J 121 25.09 36.11 30.58
CA ILE J 121 23.99 35.78 31.48
C ILE J 121 22.89 35.14 30.62
N ASP J 122 22.71 33.84 30.77
CA ASP J 122 21.71 33.12 29.99
C ASP J 122 20.31 33.59 30.35
N GLU J 123 19.54 33.97 29.35
CA GLU J 123 18.17 34.42 29.54
C GLU J 123 17.31 33.91 28.38
N TRP J 124 16.07 33.53 28.71
CA TRP J 124 15.17 33.00 27.70
C TRP J 124 13.74 33.15 28.20
N MET J 125 12.80 33.13 27.26
CA MET J 125 11.39 33.24 27.59
C MET J 125 10.78 31.85 27.79
N THR J 126 9.47 31.82 28.05
CA THR J 126 8.77 30.56 28.26
C THR J 126 7.43 30.57 27.55
N LYS J 127 6.71 31.69 27.61
CA LYS J 127 5.41 31.83 26.99
C LYS J 127 5.29 33.20 26.35
N TYR J 128 4.62 33.25 25.20
CA TYR J 128 4.42 34.51 24.49
C TYR J 128 3.30 34.29 23.48
N SER J 129 2.99 35.35 22.74
CA SER J 129 1.93 35.30 21.74
C SER J 129 2.21 36.35 20.67
N VAL J 130 2.11 35.95 19.40
CA VAL J 130 2.34 36.87 18.29
C VAL J 130 1.07 37.67 18.03
N GLN J 131 1.24 38.90 17.57
CA GLN J 131 0.14 39.79 17.26
C GLN J 131 0.32 40.40 15.88
N TYR J 132 -0.76 40.91 15.32
CA TYR J 132 -0.73 41.54 14.01
C TYR J 132 -1.93 42.46 13.87
N ARG J 133 -1.72 43.59 13.21
CA ARG J 133 -2.76 44.59 13.02
C ARG J 133 -2.60 45.21 11.64
N THR J 134 -3.50 46.15 11.31
CA THR J 134 -3.47 46.81 10.01
C THR J 134 -3.75 48.30 10.16
N ASP J 135 -4.92 48.65 10.68
CA ASP J 135 -5.30 50.05 10.84
C ASP J 135 -4.56 50.74 11.98
N GLU J 136 -3.72 50.04 12.73
CA GLU J 136 -2.94 50.63 13.81
C GLU J 136 -3.85 51.18 14.91
N ARG J 137 -5.03 50.56 15.09
CA ARG J 137 -5.99 51.00 16.09
C ARG J 137 -6.65 49.80 16.74
N LEU J 138 -5.88 48.75 17.00
CA LEU J 138 -6.38 47.54 17.64
C LEU J 138 -5.20 46.61 17.91
N ASN J 139 -5.49 45.49 18.55
CA ASN J 139 -4.47 44.49 18.86
C ASN J 139 -5.11 43.12 18.81
N TRP J 140 -4.63 42.27 17.91
CA TRP J 140 -5.14 40.92 17.73
C TRP J 140 -4.10 39.89 18.14
N ILE J 141 -4.58 38.72 18.56
CA ILE J 141 -3.71 37.63 18.98
C ILE J 141 -3.62 36.62 17.85
N TYR J 142 -2.47 35.95 17.76
CA TYR J 142 -2.23 34.97 16.71
C TYR J 142 -2.78 33.61 17.14
N TYR J 143 -3.72 33.08 16.36
CA TYR J 143 -4.33 31.79 16.63
C TYR J 143 -4.21 30.92 15.38
N LYS J 144 -3.80 29.68 15.56
CA LYS J 144 -3.66 28.75 14.46
C LYS J 144 -4.91 27.88 14.32
N ASP J 145 -4.95 27.10 13.25
CA ASP J 145 -6.09 26.21 12.98
C ASP J 145 -5.97 24.87 13.70
N GLN J 146 -4.76 24.37 13.89
CA GLN J 146 -4.52 23.09 14.55
C GLN J 146 -4.26 23.24 16.04
N THR J 147 -4.99 24.13 16.71
CA THR J 147 -4.84 24.37 18.15
C THR J 147 -6.24 24.40 18.76
N GLY J 148 -6.73 23.22 19.15
CA GLY J 148 -8.05 23.12 19.75
C GLY J 148 -8.00 23.15 21.26
N ASN J 149 -7.08 23.93 21.82
CA ASN J 149 -6.92 24.05 23.26
C ASN J 149 -6.21 25.37 23.56
N ASN J 150 -5.80 25.55 24.80
CA ASN J 150 -5.10 26.77 25.23
C ASN J 150 -3.59 26.63 25.05
N ARG J 151 -3.17 26.18 23.86
CA ARG J 151 -1.76 26.02 23.57
C ARG J 151 -1.08 27.38 23.40
N VAL J 152 0.19 27.43 23.80
CA VAL J 152 0.98 28.65 23.71
C VAL J 152 2.35 28.30 23.15
N PHE J 153 2.91 29.23 22.37
CA PHE J 153 4.22 29.00 21.77
C PHE J 153 5.28 28.86 22.85
N TYR J 154 6.33 28.11 22.51
CA TYR J 154 7.42 27.86 23.45
C TYR J 154 8.52 28.91 23.31
N GLY J 155 9.36 28.76 22.28
CA GLY J 155 10.45 29.68 22.05
C GLY J 155 11.80 29.00 21.99
N ASN J 156 12.51 28.98 23.11
CA ASN J 156 13.83 28.35 23.19
C ASN J 156 14.24 28.30 24.66
N SER J 157 15.45 27.80 24.91
CA SER J 157 15.98 27.72 26.26
C SER J 157 17.49 27.59 26.24
N ASP J 158 18.14 28.18 25.22
CA ASP J 158 19.58 28.12 25.10
C ASP J 158 20.00 29.10 24.01
N ARG J 159 21.12 29.80 24.24
CA ARG J 159 21.61 30.76 23.25
C ARG J 159 22.06 30.07 21.98
N THR J 160 22.52 28.82 22.07
CA THR J 160 22.98 28.09 20.89
C THR J 160 21.82 27.45 20.13
N SER J 161 20.74 27.12 20.83
CA SER J 161 19.59 26.50 20.17
C SER J 161 18.95 27.46 19.17
N THR J 162 18.31 26.89 18.16
CA THR J 162 17.63 27.67 17.12
C THR J 162 16.29 27.03 16.81
N VAL J 163 15.45 26.87 17.84
CA VAL J 163 14.14 26.28 17.69
C VAL J 163 13.23 27.25 16.94
N GLN J 164 13.03 26.98 15.65
CA GLN J 164 12.20 27.84 14.81
C GLN J 164 10.73 27.42 14.92
N ASN J 165 9.86 28.28 14.39
CA ASN J 165 8.42 28.05 14.38
C ASN J 165 7.90 28.36 12.98
N LEU J 166 7.90 27.33 12.12
CA LEU J 166 7.45 27.50 10.75
C LEU J 166 5.96 27.79 10.73
N LEU J 167 5.58 29.03 10.39
CA LEU J 167 4.18 29.44 10.32
C LEU J 167 3.74 29.32 8.87
N ARG J 168 3.22 28.14 8.51
CA ARG J 168 2.76 27.89 7.15
C ARG J 168 1.59 28.79 6.78
N PRO J 169 0.61 28.98 7.66
CA PRO J 169 -0.54 29.84 7.33
C PRO J 169 -0.07 31.25 6.99
N PRO J 170 -0.26 31.70 5.75
CA PRO J 170 0.14 33.06 5.39
C PRO J 170 -0.56 34.09 6.26
N ILE J 171 0.19 35.13 6.65
CA ILE J 171 -0.31 36.20 7.49
C ILE J 171 -0.06 37.51 6.74
N ILE J 172 -1.13 38.10 6.20
CA ILE J 172 -1.04 39.35 5.47
C ILE J 172 -1.17 40.47 6.50
N SER J 173 -0.04 41.01 6.94
CA SER J 173 -0.02 42.08 7.93
C SER J 173 1.27 42.87 7.76
N ARG J 174 1.55 43.74 8.72
CA ARG J 174 2.76 44.57 8.68
C ARG J 174 3.39 44.67 10.07
N PHE J 175 2.65 45.25 11.01
CA PHE J 175 3.15 45.40 12.37
C PHE J 175 2.98 44.10 13.14
N ILE J 176 4.02 43.73 13.89
CA ILE J 176 4.00 42.51 14.69
C ILE J 176 4.59 42.83 16.06
N ARG J 177 3.99 42.25 17.10
CA ARG J 177 4.44 42.46 18.46
C ARG J 177 4.38 41.12 19.21
N LEU J 178 5.02 41.09 20.38
CA LEU J 178 5.06 39.90 21.22
C LEU J 178 4.62 40.26 22.63
N ILE J 179 3.86 39.36 23.24
CA ILE J 179 3.36 39.56 24.60
C ILE J 179 3.95 38.48 25.50
N PRO J 180 5.22 38.59 25.89
CA PRO J 180 5.82 37.55 26.74
C PRO J 180 5.21 37.58 28.14
N LEU J 181 4.61 36.46 28.54
CA LEU J 181 3.99 36.35 29.85
C LEU J 181 4.96 35.91 30.94
N GLY J 182 6.11 35.34 30.56
CA GLY J 182 7.09 34.89 31.53
C GLY J 182 8.49 34.99 30.98
N TRP J 183 9.46 34.78 31.87
CA TRP J 183 10.87 34.84 31.50
C TRP J 183 11.68 34.24 32.63
N HIS J 184 12.99 34.10 32.41
CA HIS J 184 13.87 33.52 33.40
C HIS J 184 14.31 34.56 34.44
N VAL J 185 14.86 35.68 33.97
CA VAL J 185 15.28 36.76 34.86
C VAL J 185 14.89 38.09 34.24
N ARG J 186 15.23 38.27 32.97
CA ARG J 186 14.89 39.49 32.24
C ARG J 186 14.64 39.14 30.78
N ILE J 187 13.75 39.91 30.16
CA ILE J 187 13.41 39.68 28.76
C ILE J 187 14.60 40.09 27.90
N ALA J 188 15.14 39.13 27.13
CA ALA J 188 16.27 39.40 26.27
C ALA J 188 16.31 38.32 25.19
N ILE J 189 16.06 38.71 23.95
CA ILE J 189 16.07 37.78 22.83
C ILE J 189 16.31 38.56 21.55
N ARG J 190 17.21 38.06 20.71
CA ARG J 190 17.54 38.69 19.44
C ARG J 190 16.56 38.19 18.38
N MET J 191 15.39 38.82 18.34
CA MET J 191 14.36 38.42 17.38
C MET J 191 14.85 38.65 15.95
N GLU J 192 14.12 38.06 15.00
CA GLU J 192 14.45 38.20 13.60
C GLU J 192 13.28 37.73 12.73
N LEU J 193 12.38 38.64 12.40
CA LEU J 193 11.22 38.30 11.59
C LEU J 193 11.66 37.84 10.20
N LEU J 194 10.74 37.16 9.51
CA LEU J 194 10.97 36.64 8.16
C LEU J 194 9.87 37.16 7.24
N GLU J 195 10.27 37.86 6.19
CA GLU J 195 9.33 38.41 5.21
C GLU J 195 9.38 37.58 3.94
N CYS J 196 8.32 37.70 3.15
CA CYS J 196 8.22 36.99 1.88
C CYS J 196 8.91 37.75 0.77
N CYS K 40 -12.66 32.51 3.97
CA CYS K 40 -11.93 31.36 3.48
C CYS K 40 -10.81 31.00 4.45
N PRO K 41 -10.27 29.77 4.34
CA PRO K 41 -9.20 29.36 5.26
C PRO K 41 -8.02 30.32 5.25
N TYR K 42 -8.19 31.47 5.90
CA TYR K 42 -7.13 32.48 6.00
C TYR K 42 -7.27 33.20 7.33
N HIS K 43 -6.33 34.09 7.61
CA HIS K 43 -6.31 34.88 8.84
C HIS K 43 -6.67 36.32 8.48
N LYS K 44 -7.96 36.57 8.33
CA LYS K 44 -8.48 37.90 7.99
C LYS K 44 -9.79 38.13 8.74
N PRO K 45 -9.72 38.21 10.07
CA PRO K 45 -10.95 38.43 10.85
C PRO K 45 -11.47 39.84 10.69
N LEU K 46 -12.64 40.08 11.27
CA LEU K 46 -13.27 41.39 11.22
C LEU K 46 -12.53 42.35 12.16
N GLY K 47 -13.05 43.56 12.28
CA GLY K 47 -12.44 44.58 13.11
C GLY K 47 -13.38 45.13 14.17
N PHE K 48 -13.60 44.36 15.23
CA PHE K 48 -14.44 44.82 16.33
C PHE K 48 -13.66 45.69 17.31
N GLU K 49 -12.38 45.41 17.50
CA GLU K 49 -11.57 46.21 18.42
C GLU K 49 -11.36 47.63 17.94
N SER K 50 -11.48 47.87 16.62
CA SER K 50 -11.29 49.21 16.09
C SER K 50 -12.33 50.18 16.66
N GLY K 51 -13.59 49.76 16.72
CA GLY K 51 -14.65 50.60 17.24
C GLY K 51 -15.16 51.65 16.28
N GLU K 52 -14.58 51.77 15.08
CA GLU K 52 -15.04 52.76 14.13
C GLU K 52 -16.45 52.44 13.64
N VAL K 53 -16.85 51.17 13.67
CA VAL K 53 -18.19 50.80 13.22
C VAL K 53 -19.22 51.47 14.11
N THR K 54 -20.29 51.96 13.48
CA THR K 54 -21.36 52.62 14.22
C THR K 54 -22.18 51.60 15.00
N PRO K 55 -22.82 52.00 16.10
CA PRO K 55 -23.64 51.06 16.87
C PRO K 55 -24.93 50.65 16.20
N ASP K 56 -25.28 51.28 15.06
CA ASP K 56 -26.53 50.92 14.39
C ASP K 56 -26.49 49.48 13.87
N GLN K 57 -25.30 48.99 13.51
CA GLN K 57 -25.18 47.62 13.01
C GLN K 57 -25.42 46.61 14.13
N ILE K 58 -24.80 46.83 15.28
CA ILE K 58 -24.94 45.92 16.42
C ILE K 58 -26.28 46.20 17.09
N THR K 59 -27.34 45.57 16.57
CA THR K 59 -28.68 45.74 17.13
C THR K 59 -28.93 44.70 18.21
N CYS K 60 -29.62 45.13 19.27
CA CYS K 60 -29.94 44.25 20.39
C CYS K 60 -31.27 44.70 20.99
N SER K 61 -31.65 44.05 22.09
CA SER K 61 -32.89 44.35 22.79
C SER K 61 -32.67 44.23 24.29
N ASN K 62 -31.78 45.07 24.82
CA ASN K 62 -31.46 45.08 26.26
C ASN K 62 -31.23 46.52 26.69
N PRO K 63 -32.29 47.30 26.83
CA PRO K 63 -32.13 48.70 27.28
C PRO K 63 -31.43 48.77 28.62
N GLU K 64 -30.27 49.42 28.63
CA GLU K 64 -29.51 49.56 29.87
C GLU K 64 -30.02 50.73 30.70
N GLN K 65 -30.36 51.84 30.06
CA GLN K 65 -30.87 53.02 30.74
C GLN K 65 -32.03 53.63 29.97
N TYR K 66 -32.94 52.76 29.49
CA TYR K 66 -34.10 53.18 28.71
C TYR K 66 -33.76 54.30 27.74
N VAL K 67 -32.59 54.20 27.09
CA VAL K 67 -32.18 55.23 26.14
C VAL K 67 -32.85 55.01 24.79
N GLY K 68 -32.89 53.76 24.32
CA GLY K 68 -33.50 53.45 23.04
C GLY K 68 -33.89 51.99 22.92
N TRP K 69 -34.10 51.52 21.70
CA TRP K 69 -34.48 50.13 21.47
C TRP K 69 -33.56 49.48 20.44
N TYR K 70 -32.90 50.29 19.61
CA TYR K 70 -31.98 49.78 18.61
C TYR K 70 -30.82 49.05 19.28
N SER K 71 -29.88 49.80 19.84
CA SER K 71 -28.71 49.25 20.50
C SER K 71 -28.65 49.73 21.94
N SER K 72 -27.71 49.18 22.69
CA SER K 72 -27.53 49.54 24.09
C SER K 72 -26.09 49.26 24.54
N TRP K 73 -25.69 47.99 24.47
CA TRP K 73 -24.33 47.62 24.87
C TRP K 73 -23.34 47.89 23.74
N THR K 74 -23.75 47.68 22.49
CA THR K 74 -22.90 47.87 21.32
C THR K 74 -21.48 47.37 21.57
N ALA K 75 -20.50 47.95 20.86
CA ALA K 75 -19.10 47.58 21.00
C ALA K 75 -18.37 48.42 22.05
N ASN K 76 -19.08 48.89 23.07
CA ASN K 76 -18.45 49.70 24.11
C ASN K 76 -17.73 48.83 25.13
N LYS K 77 -18.34 47.72 25.54
CA LYS K 77 -17.76 46.80 26.52
C LYS K 77 -17.84 45.37 26.01
N ALA K 78 -17.59 45.18 24.70
CA ALA K 78 -17.63 43.85 24.09
C ALA K 78 -16.79 43.90 22.81
N ARG K 79 -15.48 43.69 22.98
CA ARG K 79 -14.54 43.71 21.86
C ARG K 79 -13.52 42.61 22.08
N LEU K 80 -12.63 42.45 21.10
CA LEU K 80 -11.58 41.43 21.17
C LEU K 80 -10.53 41.88 22.18
N ASN K 81 -10.63 41.38 23.40
CA ASN K 81 -9.67 41.73 24.46
C ASN K 81 -9.65 43.23 24.68
N SER K 82 -10.52 43.72 25.56
CA SER K 82 -10.60 45.15 25.88
C SER K 82 -10.63 45.31 27.38
N GLN K 83 -9.56 45.85 27.95
CA GLN K 83 -9.47 46.04 29.39
C GLN K 83 -10.45 47.11 29.84
N GLY K 84 -11.14 46.85 30.95
CA GLY K 84 -12.11 47.79 31.48
C GLY K 84 -13.08 47.10 32.40
N PHE K 85 -14.20 47.78 32.66
CA PHE K 85 -15.24 47.24 33.53
C PHE K 85 -15.86 45.99 32.91
N GLY K 86 -16.57 46.16 31.80
CA GLY K 86 -17.21 45.05 31.13
C GLY K 86 -16.28 44.35 30.16
N CYS K 87 -15.78 43.17 30.54
CA CYS K 87 -14.86 42.43 29.68
C CYS K 87 -15.57 41.80 28.49
N ALA K 88 -16.88 41.57 28.59
CA ALA K 88 -17.64 40.97 27.51
C ALA K 88 -19.07 41.50 27.57
N TRP K 89 -19.94 40.96 26.72
CA TRP K 89 -21.34 41.36 26.67
C TRP K 89 -22.14 40.50 27.64
N LEU K 90 -22.72 41.13 28.65
CA LEU K 90 -23.51 40.44 29.65
C LEU K 90 -24.97 40.38 29.23
N SER K 91 -25.76 39.61 29.98
CA SER K 91 -27.18 39.45 29.70
C SER K 91 -27.94 39.42 31.02
N LYS K 92 -28.97 40.26 31.13
CA LYS K 92 -29.76 40.31 32.35
C LYS K 92 -30.86 39.24 32.34
N PHE K 93 -31.87 39.41 31.50
CA PHE K 93 -32.95 38.45 31.43
C PHE K 93 -32.47 37.16 30.79
N GLN K 94 -32.99 36.03 31.29
CA GLN K 94 -32.62 34.71 30.78
C GLN K 94 -33.43 34.42 29.51
N ASP K 95 -33.05 35.11 28.44
CA ASP K 95 -33.71 34.95 27.15
C ASP K 95 -33.15 33.74 26.43
N SER K 96 -34.02 32.77 26.12
CA SER K 96 -33.59 31.56 25.43
C SER K 96 -33.32 31.83 23.96
N SER K 97 -34.28 32.45 23.27
CA SER K 97 -34.14 32.76 21.85
C SER K 97 -33.41 34.09 21.69
N GLN K 98 -32.15 34.08 22.09
CA GLN K 98 -31.31 35.27 22.00
C GLN K 98 -30.78 35.44 20.59
N TRP K 99 -30.66 36.71 20.17
CA TRP K 99 -30.17 37.03 18.85
C TRP K 99 -29.30 38.29 18.94
N LEU K 100 -28.45 38.47 17.91
CA LEU K 100 -27.56 39.62 17.87
C LEU K 100 -27.22 39.88 16.40
N GLN K 101 -27.81 40.94 15.83
CA GLN K 101 -27.56 41.27 14.44
C GLN K 101 -26.11 41.67 14.24
N ILE K 102 -25.53 41.23 13.13
CA ILE K 102 -24.14 41.53 12.78
C ILE K 102 -24.14 41.92 11.30
N ASP K 103 -24.29 43.21 11.03
CA ASP K 103 -24.33 43.72 9.66
C ASP K 103 -22.90 43.96 9.18
N LEU K 104 -22.49 43.21 8.16
CA LEU K 104 -21.16 43.34 7.59
C LEU K 104 -21.15 44.44 6.52
N LYS K 105 -19.97 44.65 5.92
CA LYS K 105 -19.85 45.67 4.89
C LYS K 105 -20.56 45.25 3.61
N GLU K 106 -20.44 43.99 3.23
CA GLU K 106 -21.08 43.47 2.02
C GLU K 106 -21.12 41.95 2.13
N ILE K 107 -21.68 41.31 1.10
CA ILE K 107 -21.79 39.86 1.09
C ILE K 107 -20.40 39.27 0.89
N LYS K 108 -20.02 38.36 1.79
CA LYS K 108 -18.72 37.70 1.73
C LYS K 108 -18.89 36.25 2.14
N VAL K 109 -17.85 35.46 1.88
CA VAL K 109 -17.84 34.03 2.20
C VAL K 109 -17.25 33.90 3.60
N ILE K 110 -18.10 33.63 4.59
CA ILE K 110 -17.67 33.47 5.96
C ILE K 110 -17.38 32.00 6.22
N SER K 111 -16.28 31.73 6.92
CA SER K 111 -15.88 30.35 7.23
C SER K 111 -15.04 30.38 8.49
N GLY K 112 -15.54 29.70 9.53
CA GLY K 112 -14.83 29.64 10.80
C GLY K 112 -15.26 30.75 11.75
N ILE K 113 -14.95 30.52 13.03
CA ILE K 113 -15.28 31.49 14.08
C ILE K 113 -14.50 31.12 15.33
N LEU K 114 -13.94 32.12 15.98
CA LEU K 114 -13.17 31.91 17.20
C LEU K 114 -14.10 31.71 18.39
N THR K 115 -13.51 31.26 19.50
CA THR K 115 -14.26 31.02 20.73
C THR K 115 -13.42 31.45 21.92
N GLN K 116 -14.02 32.22 22.81
CA GLN K 116 -13.34 32.71 24.01
C GLN K 116 -14.30 32.61 25.18
N GLY K 117 -13.89 33.15 26.32
CA GLY K 117 -14.68 33.13 27.53
C GLY K 117 -14.76 34.52 28.15
N HIS K 118 -14.86 34.54 29.48
CA HIS K 118 -14.97 35.78 30.23
C HIS K 118 -14.06 35.70 31.45
N CYS K 119 -13.32 36.77 31.71
CA CYS K 119 -12.39 36.81 32.84
C CYS K 119 -13.17 36.99 34.14
N ASP K 120 -12.44 37.02 35.25
CA ASP K 120 -13.03 37.18 36.57
C ASP K 120 -14.08 36.11 36.83
N ILE K 121 -15.29 36.29 36.29
CA ILE K 121 -16.37 35.35 36.46
C ILE K 121 -16.41 34.48 35.19
N ASP K 122 -15.99 33.23 35.32
CA ASP K 122 -15.95 32.32 34.19
C ASP K 122 -17.36 32.05 33.67
N GLU K 123 -17.56 32.26 32.37
CA GLU K 123 -18.85 32.02 31.74
C GLU K 123 -18.62 31.43 30.35
N TRP K 124 -19.48 30.50 29.97
CA TRP K 124 -19.35 29.83 28.67
C TRP K 124 -20.69 29.24 28.28
N MET K 125 -20.86 29.01 26.99
CA MET K 125 -22.08 28.42 26.46
C MET K 125 -21.96 26.90 26.40
N THR K 126 -23.00 26.25 25.90
CA THR K 126 -23.01 24.79 25.79
C THR K 126 -23.60 24.36 24.46
N LYS K 127 -24.67 25.02 24.02
CA LYS K 127 -25.34 24.70 22.77
C LYS K 127 -25.75 25.98 22.07
N TYR K 128 -25.64 25.98 20.75
CA TYR K 128 -26.01 27.13 19.94
C TYR K 128 -26.18 26.66 18.49
N SER K 129 -26.52 27.61 17.62
CA SER K 129 -26.72 27.30 16.21
C SER K 129 -26.47 28.57 15.40
N VAL K 130 -25.69 28.44 14.33
CA VAL K 130 -25.38 29.56 13.46
C VAL K 130 -26.52 29.76 12.46
N GLN K 131 -26.75 31.02 12.08
CA GLN K 131 -27.80 31.38 11.15
C GLN K 131 -27.23 32.27 10.06
N TYR K 132 -27.96 32.37 8.95
CA TYR K 132 -27.55 33.20 7.82
C TYR K 132 -28.77 33.50 6.97
N ARG K 133 -28.81 34.73 6.45
CA ARG K 133 -29.93 35.19 5.63
C ARG K 133 -29.38 36.09 4.53
N THR K 134 -30.29 36.58 3.68
CA THR K 134 -29.91 37.44 2.57
C THR K 134 -30.90 38.60 2.42
N ASP K 135 -32.17 38.28 2.17
CA ASP K 135 -33.19 39.31 1.98
C ASP K 135 -33.59 40.01 3.27
N GLU K 136 -33.03 39.60 4.42
CA GLU K 136 -33.34 40.24 5.70
C GLU K 136 -34.81 40.09 6.06
N ARG K 137 -35.45 39.01 5.61
CA ARG K 137 -36.86 38.76 5.86
C ARG K 137 -37.10 37.29 6.15
N LEU K 138 -36.18 36.66 6.87
CA LEU K 138 -36.30 35.25 7.21
C LEU K 138 -35.17 34.90 8.17
N ASN K 139 -35.17 33.65 8.63
CA ASN K 139 -34.13 33.16 9.53
C ASN K 139 -33.90 31.68 9.25
N TRP K 140 -32.68 31.34 8.84
CA TRP K 140 -32.32 29.96 8.51
C TRP K 140 -31.30 29.44 9.51
N ILE K 141 -31.31 28.12 9.70
CA ILE K 141 -30.39 27.45 10.61
C ILE K 141 -29.26 26.83 9.81
N TYR K 142 -28.08 26.77 10.42
CA TYR K 142 -26.90 26.23 9.77
C TYR K 142 -26.87 24.72 9.93
N TYR K 143 -26.88 24.00 8.81
CA TYR K 143 -26.83 22.55 8.80
C TYR K 143 -25.69 22.10 7.90
N LYS K 144 -24.90 21.15 8.37
CA LYS K 144 -23.78 20.62 7.61
C LYS K 144 -24.19 19.34 6.88
N ASP K 145 -23.28 18.85 6.02
CA ASP K 145 -23.54 17.64 5.25
C ASP K 145 -23.18 16.37 6.02
N GLN K 146 -22.18 16.43 6.89
CA GLN K 146 -21.76 15.26 7.67
C GLN K 146 -22.42 15.21 9.05
N THR K 147 -23.71 15.53 9.12
CA THR K 147 -24.46 15.51 10.38
C THR K 147 -25.78 14.80 10.11
N GLY K 148 -25.78 13.48 10.26
CA GLY K 148 -26.98 12.69 10.03
C GLY K 148 -27.75 12.43 11.32
N ASN K 149 -27.76 13.40 12.22
CA ASN K 149 -28.45 13.27 13.50
C ASN K 149 -28.72 14.67 14.02
N ASN K 150 -29.16 14.76 15.27
CA ASN K 150 -29.47 16.05 15.91
C ASN K 150 -28.23 16.62 16.61
N ARG K 151 -27.12 16.65 15.89
CA ARG K 151 -25.89 17.19 16.44
C ARG K 151 -25.96 18.71 16.57
N VAL K 152 -25.29 19.23 17.59
CA VAL K 152 -25.27 20.66 17.86
C VAL K 152 -23.83 21.07 18.19
N PHE K 153 -23.47 22.28 17.77
CA PHE K 153 -22.13 22.78 18.02
C PHE K 153 -21.87 22.89 19.51
N TYR K 154 -20.59 22.78 19.89
CA TYR K 154 -20.18 22.83 21.28
C TYR K 154 -19.82 24.26 21.68
N GLY K 155 -18.63 24.71 21.31
CA GLY K 155 -18.17 26.04 21.65
C GLY K 155 -16.86 26.03 22.40
N ASN K 156 -16.92 26.10 23.72
CA ASN K 156 -15.73 26.10 24.57
C ASN K 156 -16.19 25.93 26.02
N SER K 157 -15.22 25.98 26.93
CA SER K 157 -15.50 25.86 28.36
C SER K 157 -14.36 26.41 29.19
N ASP K 158 -13.66 27.42 28.65
CA ASP K 158 -12.54 28.03 29.35
C ASP K 158 -12.13 29.29 28.61
N ARG K 159 -11.79 30.34 29.36
CA ARG K 159 -11.39 31.59 28.73
C ARG K 159 -10.08 31.45 27.98
N THR K 160 -9.21 30.54 28.42
CA THR K 160 -7.93 30.34 27.75
C THR K 160 -8.04 29.43 26.54
N SER K 161 -9.02 28.54 26.53
CA SER K 161 -9.19 27.62 25.41
C SER K 161 -9.59 28.39 24.15
N THR K 162 -9.24 27.83 22.99
CA THR K 162 -9.55 28.42 21.70
C THR K 162 -10.04 27.33 20.75
N VAL K 163 -11.10 26.62 21.16
CA VAL K 163 -11.66 25.55 20.35
C VAL K 163 -12.37 26.16 19.15
N GLN K 164 -11.73 26.11 17.99
CA GLN K 164 -12.28 26.67 16.77
C GLN K 164 -13.18 25.65 16.07
N ASN K 165 -13.94 26.12 15.09
CA ASN K 165 -14.85 25.29 14.30
C ASN K 165 -14.63 25.62 12.82
N LEU K 166 -13.70 24.90 12.19
CA LEU K 166 -13.38 25.13 10.79
C LEU K 166 -14.57 24.74 9.93
N LEU K 167 -15.24 25.74 9.34
CA LEU K 167 -16.40 25.49 8.48
C LEU K 167 -15.90 25.49 7.03
N ARG K 168 -15.52 24.31 6.55
CA ARG K 168 -15.02 24.16 5.19
C ARG K 168 -16.09 24.52 4.16
N PRO K 169 -17.33 24.08 4.33
CA PRO K 169 -18.37 24.41 3.35
C PRO K 169 -18.53 25.92 3.21
N PRO K 170 -18.24 26.47 2.03
CA PRO K 170 -18.42 27.92 1.86
C PRO K 170 -19.86 28.34 2.11
N ILE K 171 -20.01 29.49 2.76
CA ILE K 171 -21.32 30.04 3.08
C ILE K 171 -21.38 31.45 2.51
N ILE K 172 -22.13 31.61 1.41
CA ILE K 172 -22.28 32.91 0.76
C ILE K 172 -23.45 33.61 1.44
N SER K 173 -23.13 34.49 2.40
CA SER K 173 -24.15 35.23 3.14
C SER K 173 -23.51 36.52 3.65
N ARG K 174 -24.23 37.21 4.53
CA ARG K 174 -23.74 38.47 5.09
C ARG K 174 -24.07 38.55 6.58
N PHE K 175 -25.36 38.54 6.91
CA PHE K 175 -25.78 38.62 8.31
C PHE K 175 -25.69 37.24 8.95
N ILE K 176 -25.16 37.21 10.18
CA ILE K 176 -25.00 35.97 10.93
C ILE K 176 -25.46 36.23 12.37
N ARG K 177 -26.15 35.24 12.94
CA ARG K 177 -26.64 35.34 14.31
C ARG K 177 -26.43 33.99 15.00
N LEU K 178 -26.57 34.00 16.32
CA LEU K 178 -26.41 32.81 17.14
C LEU K 178 -27.63 32.64 18.04
N ILE K 179 -28.07 31.39 18.20
CA ILE K 179 -29.22 31.07 19.03
C ILE K 179 -28.76 30.19 20.18
N PRO K 180 -28.11 30.77 21.20
CA PRO K 180 -27.64 29.95 22.34
C PRO K 180 -28.81 29.42 23.15
N LEU K 181 -28.91 28.10 23.24
CA LEU K 181 -29.99 27.46 24.00
C LEU K 181 -29.65 27.27 25.46
N GLY K 182 -28.37 27.35 25.84
CA GLY K 182 -27.97 27.18 27.22
C GLY K 182 -26.73 28.00 27.53
N TRP K 183 -26.41 28.05 28.81
CA TRP K 183 -25.24 28.79 29.29
C TRP K 183 -24.97 28.39 30.73
N HIS K 184 -23.87 28.90 31.27
CA HIS K 184 -23.47 28.56 32.64
C HIS K 184 -24.21 29.45 33.64
N VAL K 185 -24.10 30.77 33.49
CA VAL K 185 -24.78 31.71 34.36
C VAL K 185 -25.35 32.84 33.52
N ARG K 186 -24.54 33.41 32.64
CA ARG K 186 -24.99 34.47 31.76
C ARG K 186 -24.24 34.36 30.44
N ILE K 187 -24.91 34.77 29.36
CA ILE K 187 -24.31 34.71 28.03
C ILE K 187 -23.21 35.76 27.94
N ALA K 188 -21.98 35.32 27.69
CA ALA K 188 -20.85 36.23 27.58
C ALA K 188 -19.75 35.52 26.81
N ILE K 189 -19.47 36.00 25.60
CA ILE K 189 -18.44 35.42 24.74
C ILE K 189 -17.97 36.48 23.75
N ARG K 190 -16.66 36.60 23.59
CA ARG K 190 -16.06 37.56 22.67
C ARG K 190 -15.98 36.91 21.30
N MET K 191 -17.07 36.95 20.56
CA MET K 191 -17.11 36.36 19.24
C MET K 191 -16.15 37.06 18.29
N GLU K 192 -15.88 36.42 17.16
CA GLU K 192 -14.98 36.98 16.15
C GLU K 192 -15.14 36.23 14.84
N LEU K 193 -16.04 36.71 13.98
CA LEU K 193 -16.28 36.06 12.70
C LEU K 193 -15.02 36.14 11.82
N LEU K 194 -14.99 35.29 10.80
CA LEU K 194 -13.89 35.21 9.86
C LEU K 194 -14.42 35.37 8.45
N GLU K 195 -13.93 36.38 7.73
CA GLU K 195 -14.34 36.66 6.37
C GLU K 195 -13.26 36.21 5.40
N CYS K 196 -13.66 36.01 4.15
CA CYS K 196 -12.72 35.60 3.10
C CYS K 196 -12.01 36.80 2.50
N CYS L 40 -26.50 22.15 -6.37
CA CYS L 40 -25.17 21.55 -6.27
C CYS L 40 -24.72 21.54 -4.82
N PRO L 41 -23.70 20.71 -4.51
CA PRO L 41 -23.21 20.63 -3.13
C PRO L 41 -22.83 21.99 -2.55
N TYR L 42 -23.83 22.79 -2.20
CA TYR L 42 -23.61 24.11 -1.62
C TYR L 42 -24.75 24.41 -0.65
N HIS L 43 -24.65 25.54 0.03
CA HIS L 43 -25.65 25.99 0.99
C HIS L 43 -26.40 27.17 0.38
N LYS L 44 -27.37 26.86 -0.49
CA LYS L 44 -28.18 27.87 -1.16
C LYS L 44 -29.61 27.34 -1.28
N PRO L 45 -30.30 27.18 -0.15
CA PRO L 45 -31.67 26.66 -0.20
C PRO L 45 -32.64 27.71 -0.74
N LEU L 46 -33.89 27.28 -0.92
CA LEU L 46 -34.93 28.17 -1.41
C LEU L 46 -35.34 29.14 -0.30
N GLY L 47 -36.36 29.95 -0.59
CA GLY L 47 -36.84 30.93 0.35
C GLY L 47 -38.32 30.79 0.66
N PHE L 48 -38.66 29.80 1.50
CA PHE L 48 -40.06 29.61 1.90
C PHE L 48 -40.43 30.52 3.07
N GLU L 49 -39.49 30.79 3.98
CA GLU L 49 -39.77 31.65 5.12
C GLU L 49 -40.05 33.09 4.70
N SER L 50 -39.56 33.52 3.54
CA SER L 50 -39.79 34.89 3.10
C SER L 50 -41.28 35.16 2.92
N GLY L 51 -42.01 34.22 2.31
CA GLY L 51 -43.43 34.39 2.09
C GLY L 51 -43.80 35.26 0.91
N GLU L 52 -42.82 35.87 0.24
CA GLU L 52 -43.13 36.72 -0.91
C GLU L 52 -43.70 35.92 -2.08
N VAL L 53 -43.42 34.62 -2.16
CA VAL L 53 -43.95 33.81 -3.25
C VAL L 53 -45.48 33.79 -3.17
N THR L 54 -46.11 33.87 -4.34
CA THR L 54 -47.56 33.86 -4.38
C THR L 54 -48.09 32.46 -4.12
N PRO L 55 -49.33 32.35 -3.63
CA PRO L 55 -49.89 31.02 -3.36
C PRO L 55 -50.24 30.22 -4.60
N ASP L 56 -50.17 30.83 -5.78
CA ASP L 56 -50.50 30.11 -7.01
C ASP L 56 -49.53 28.97 -7.27
N GLN L 57 -48.27 29.12 -6.85
CA GLN L 57 -47.28 28.08 -7.07
C GLN L 57 -47.55 26.87 -6.18
N ILE L 58 -47.80 27.11 -4.88
CA ILE L 58 -48.07 26.03 -3.95
C ILE L 58 -49.50 25.54 -4.15
N THR L 59 -49.68 24.62 -5.10
CA THR L 59 -51.00 24.08 -5.40
C THR L 59 -51.26 22.83 -4.55
N CYS L 60 -52.49 22.68 -4.09
CA CYS L 60 -52.88 21.55 -3.28
C CYS L 60 -54.34 21.22 -3.56
N SER L 61 -54.88 20.28 -2.80
CA SER L 61 -56.27 19.85 -2.94
C SER L 61 -56.84 19.52 -1.56
N ASN L 62 -56.88 20.53 -0.69
CA ASN L 62 -57.39 20.39 0.67
C ASN L 62 -58.15 21.67 1.05
N PRO L 63 -59.35 21.85 0.52
CA PRO L 63 -60.13 23.05 0.86
C PRO L 63 -60.38 23.14 2.35
N GLU L 64 -59.86 24.21 2.95
CA GLU L 64 -60.04 24.42 4.39
C GLU L 64 -61.39 25.04 4.70
N GLN L 65 -61.83 26.00 3.89
CA GLN L 65 -63.11 26.67 4.08
C GLN L 65 -63.81 26.85 2.74
N TYR L 66 -63.80 25.81 1.91
CA TYR L 66 -64.41 25.82 0.58
C TYR L 66 -64.19 27.15 -0.13
N VAL L 67 -62.99 27.72 0.00
CA VAL L 67 -62.68 28.99 -0.65
C VAL L 67 -62.34 28.77 -2.12
N GLY L 68 -61.53 27.77 -2.42
CA GLY L 68 -61.15 27.48 -3.79
C GLY L 68 -60.66 26.06 -3.98
N TRP L 69 -59.97 25.80 -5.09
CA TRP L 69 -59.45 24.48 -5.37
C TRP L 69 -57.95 24.52 -5.67
N TYR L 70 -57.44 25.69 -6.04
CA TYR L 70 -56.02 25.85 -6.32
C TYR L 70 -55.20 25.57 -5.06
N SER L 71 -55.18 26.53 -4.14
CA SER L 71 -54.43 26.43 -2.90
C SER L 71 -55.37 26.57 -1.72
N SER L 72 -54.83 26.35 -0.52
CA SER L 72 -55.59 26.45 0.71
C SER L 72 -54.68 26.72 1.90
N TRP L 73 -53.75 25.80 2.16
CA TRP L 73 -52.82 25.98 3.27
C TRP L 73 -51.65 26.86 2.88
N THR L 74 -51.17 26.74 1.63
CA THR L 74 -50.04 27.51 1.12
C THR L 74 -48.94 27.65 2.16
N ALA L 75 -48.15 28.71 2.07
CA ALA L 75 -47.06 28.97 3.00
C ALA L 75 -47.50 29.82 4.20
N ASN L 76 -48.76 29.73 4.60
CA ASN L 76 -49.25 30.52 5.72
C ASN L 76 -48.86 29.87 7.06
N LYS L 77 -48.96 28.54 7.14
CA LYS L 77 -48.62 27.81 8.36
C LYS L 77 -47.70 26.64 8.05
N ALA L 78 -46.80 26.80 7.08
CA ALA L 78 -45.87 25.73 6.70
C ALA L 78 -44.64 26.40 6.10
N ARG L 79 -43.70 26.80 6.97
CA ARG L 79 -42.47 27.45 6.55
C ARG L 79 -41.33 26.90 7.40
N LEU L 80 -40.10 27.32 7.06
CA LEU L 80 -38.91 26.88 7.78
C LEU L 80 -38.90 27.54 9.15
N ASN L 81 -39.36 26.80 10.17
CA ASN L 81 -39.41 27.31 11.53
C ASN L 81 -40.21 28.59 11.60
N SER L 82 -41.53 28.47 11.82
CA SER L 82 -42.43 29.62 11.91
C SER L 82 -43.31 29.42 13.14
N GLN L 83 -43.10 30.26 14.16
CA GLN L 83 -43.90 30.16 15.37
C GLN L 83 -45.33 30.58 15.10
N GLY L 84 -46.28 29.83 15.67
CA GLY L 84 -47.69 30.13 15.50
C GLY L 84 -48.52 28.89 15.79
N PHE L 85 -49.77 28.96 15.32
CA PHE L 85 -50.70 27.86 15.51
C PHE L 85 -50.24 26.61 14.76
N GLY L 86 -50.24 26.67 13.44
CA GLY L 86 -49.80 25.56 12.62
C GLY L 86 -48.31 25.55 12.39
N CYS L 87 -47.60 24.66 13.07
CA CYS L 87 -46.16 24.57 12.93
C CYS L 87 -45.73 23.96 11.60
N ALA L 88 -46.60 23.18 10.98
CA ALA L 88 -46.29 22.54 9.70
C ALA L 88 -47.60 22.37 8.92
N TRP L 89 -47.50 21.69 7.78
CA TRP L 89 -48.66 21.44 6.93
C TRP L 89 -49.33 20.14 7.35
N LEU L 90 -50.57 20.24 7.82
CA LEU L 90 -51.32 19.09 8.27
C LEU L 90 -52.12 18.48 7.11
N SER L 91 -52.70 17.32 7.36
CA SER L 91 -53.49 16.61 6.36
C SER L 91 -54.70 15.98 7.04
N LYS L 92 -55.89 16.24 6.48
CA LYS L 92 -57.11 15.69 7.05
C LYS L 92 -57.37 14.27 6.53
N PHE L 93 -57.74 14.16 5.26
CA PHE L 93 -58.01 12.85 4.67
C PHE L 93 -56.72 12.07 4.52
N GLN L 94 -56.81 10.75 4.73
CA GLN L 94 -55.66 9.86 4.62
C GLN L 94 -55.44 9.51 3.15
N ASP L 95 -54.94 10.50 2.41
CA ASP L 95 -54.66 10.34 0.99
C ASP L 95 -53.31 9.66 0.81
N SER L 96 -53.31 8.50 0.15
CA SER L 96 -52.06 7.77 -0.08
C SER L 96 -51.24 8.43 -1.18
N SER L 97 -51.86 8.69 -2.33
CA SER L 97 -51.16 9.31 -3.45
C SER L 97 -51.20 10.84 -3.29
N GLN L 98 -50.50 11.30 -2.26
CA GLN L 98 -50.44 12.72 -1.97
C GLN L 98 -49.40 13.41 -2.86
N TRP L 99 -49.69 14.64 -3.24
CA TRP L 99 -48.80 15.42 -4.09
C TRP L 99 -48.83 16.88 -3.64
N LEU L 100 -47.80 17.61 -4.04
CA LEU L 100 -47.67 19.02 -3.68
C LEU L 100 -46.80 19.70 -4.72
N GLN L 101 -47.43 20.48 -5.60
CA GLN L 101 -46.68 21.17 -6.64
C GLN L 101 -45.73 22.20 -6.04
N ILE L 102 -44.54 22.29 -6.61
CA ILE L 102 -43.51 23.24 -6.15
C ILE L 102 -42.93 23.88 -7.41
N ASP L 103 -43.52 25.00 -7.82
CA ASP L 103 -43.06 25.71 -9.01
C ASP L 103 -41.91 26.64 -8.64
N LEU L 104 -40.73 26.38 -9.20
CA LEU L 104 -39.55 27.19 -8.95
C LEU L 104 -39.51 28.37 -9.92
N LYS L 105 -38.47 29.19 -9.78
CA LYS L 105 -38.33 30.35 -10.65
C LYS L 105 -37.97 29.93 -12.08
N GLU L 106 -37.08 28.97 -12.22
CA GLU L 106 -36.66 28.48 -13.53
C GLU L 106 -36.03 27.11 -13.34
N ILE L 107 -35.59 26.51 -14.45
CA ILE L 107 -34.97 25.19 -14.41
C ILE L 107 -33.60 25.31 -13.76
N LYS L 108 -33.36 24.51 -12.72
CA LYS L 108 -32.10 24.51 -12.00
C LYS L 108 -31.73 23.08 -11.62
N VAL L 109 -30.49 22.90 -11.21
CA VAL L 109 -29.98 21.59 -10.82
C VAL L 109 -30.21 21.44 -9.32
N ILE L 110 -31.20 20.63 -8.96
CA ILE L 110 -31.54 20.39 -7.56
C ILE L 110 -30.77 19.17 -7.07
N SER L 111 -30.22 19.28 -5.86
CA SER L 111 -29.45 18.19 -5.28
C SER L 111 -29.53 18.31 -3.76
N GLY L 112 -30.10 17.29 -3.11
CA GLY L 112 -30.23 17.28 -1.67
C GLY L 112 -31.55 17.87 -1.20
N ILE L 113 -31.89 17.55 0.05
CA ILE L 113 -33.13 18.04 0.65
C ILE L 113 -33.05 17.79 2.14
N LEU L 114 -33.48 18.78 2.92
CA LEU L 114 -33.45 18.68 4.37
C LEU L 114 -34.65 17.86 4.87
N THR L 115 -34.59 17.48 6.13
CA THR L 115 -35.65 16.68 6.76
C THR L 115 -35.87 17.20 8.17
N GLN L 116 -37.13 17.42 8.52
CA GLN L 116 -37.50 17.90 9.85
C GLN L 116 -38.75 17.17 10.30
N GLY L 117 -39.31 17.58 11.43
CA GLY L 117 -40.50 16.97 11.99
C GLY L 117 -41.53 18.02 12.35
N HIS L 118 -42.31 17.72 13.39
CA HIS L 118 -43.35 18.60 13.86
C HIS L 118 -43.30 18.67 15.38
N CYS L 119 -43.42 19.89 15.92
CA CYS L 119 -43.37 20.09 17.36
C CYS L 119 -44.69 19.65 17.99
N ASP L 120 -44.76 19.76 19.32
CA ASP L 120 -45.96 19.38 20.07
C ASP L 120 -46.32 17.93 19.78
N ILE L 121 -46.98 17.68 18.66
CA ILE L 121 -47.39 16.33 18.27
C ILE L 121 -46.35 15.82 17.28
N ASP L 122 -45.52 14.88 17.72
CA ASP L 122 -44.47 14.34 16.87
C ASP L 122 -45.07 13.59 15.69
N GLU L 123 -44.64 13.95 14.48
CA GLU L 123 -45.10 13.31 13.26
C GLU L 123 -43.94 13.19 12.29
N TRP L 124 -43.90 12.06 11.57
CA TRP L 124 -42.82 11.81 10.62
C TRP L 124 -43.30 10.78 9.61
N MET L 125 -42.63 10.77 8.46
CA MET L 125 -42.94 9.83 7.40
C MET L 125 -42.09 8.57 7.54
N THR L 126 -42.27 7.64 6.60
CA THR L 126 -41.53 6.39 6.62
C THR L 126 -41.05 6.02 5.22
N LYS L 127 -41.90 6.23 4.21
CA LYS L 127 -41.55 5.91 2.84
C LYS L 127 -42.09 7.00 1.92
N TYR L 128 -41.33 7.31 0.88
CA TYR L 128 -41.72 8.33 -0.09
C TYR L 128 -40.87 8.14 -1.33
N SER L 129 -41.10 9.00 -2.33
CA SER L 129 -40.36 8.94 -3.58
C SER L 129 -40.36 10.32 -4.22
N VAL L 130 -39.19 10.76 -4.67
CA VAL L 130 -39.06 12.07 -5.30
C VAL L 130 -39.45 11.94 -6.78
N GLN L 131 -40.00 13.02 -7.32
CA GLN L 131 -40.43 13.07 -8.71
C GLN L 131 -39.89 14.33 -9.36
N TYR L 132 -39.87 14.32 -10.70
CA TYR L 132 -39.39 15.46 -11.47
C TYR L 132 -39.96 15.38 -12.87
N ARG L 133 -40.30 16.53 -13.43
CA ARG L 133 -40.88 16.62 -14.77
C ARG L 133 -40.34 17.87 -15.45
N THR L 134 -40.79 18.08 -16.69
CA THR L 134 -40.35 19.23 -17.48
C THR L 134 -41.51 19.84 -18.25
N ASP L 135 -42.15 19.06 -19.13
CA ASP L 135 -43.25 19.57 -19.93
C ASP L 135 -44.54 19.73 -19.14
N GLU L 136 -44.55 19.38 -17.84
CA GLU L 136 -45.73 19.54 -17.00
C GLU L 136 -46.90 18.69 -17.51
N ARG L 137 -46.60 17.56 -18.16
CA ARG L 137 -47.62 16.68 -18.70
C ARG L 137 -47.24 15.22 -18.49
N LEU L 138 -46.66 14.92 -17.32
CA LEU L 138 -46.26 13.56 -16.99
C LEU L 138 -45.77 13.56 -15.54
N ASN L 139 -45.43 12.37 -15.05
CA ASN L 139 -44.93 12.21 -13.70
C ASN L 139 -43.92 11.07 -13.68
N TRP L 140 -42.67 11.38 -13.31
CA TRP L 140 -41.60 10.41 -13.28
C TRP L 140 -41.14 10.18 -11.85
N ILE L 141 -40.62 8.99 -11.59
CA ILE L 141 -40.13 8.61 -10.27
C ILE L 141 -38.61 8.73 -10.25
N TYR L 142 -38.06 9.06 -9.09
CA TYR L 142 -36.63 9.25 -8.93
C TYR L 142 -35.98 7.90 -8.65
N TYR L 143 -35.06 7.49 -9.53
CA TYR L 143 -34.33 6.24 -9.40
C TYR L 143 -32.83 6.53 -9.48
N LYS L 144 -32.07 5.95 -8.57
CA LYS L 144 -30.63 6.12 -8.53
C LYS L 144 -29.93 4.98 -9.26
N ASP L 145 -28.62 5.12 -9.43
CA ASP L 145 -27.81 4.11 -10.11
C ASP L 145 -27.36 2.99 -9.18
N GLN L 146 -27.14 3.30 -7.91
CA GLN L 146 -26.68 2.31 -6.93
C GLN L 146 -27.84 1.69 -6.16
N THR L 147 -28.94 1.39 -6.83
CA THR L 147 -30.13 0.79 -6.21
C THR L 147 -30.59 -0.36 -7.10
N GLY L 148 -30.03 -1.54 -6.87
CA GLY L 148 -30.39 -2.71 -7.65
C GLY L 148 -31.47 -3.54 -7.00
N ASN L 149 -32.41 -2.87 -6.33
CA ASN L 149 -33.51 -3.55 -5.65
C ASN L 149 -34.65 -2.55 -5.48
N ASN L 150 -35.65 -2.93 -4.69
CA ASN L 150 -36.81 -2.07 -4.43
C ASN L 150 -36.57 -1.17 -3.23
N ARG L 151 -35.41 -0.50 -3.20
CA ARG L 151 -35.08 0.39 -2.10
C ARG L 151 -35.93 1.66 -2.17
N VAL L 152 -36.23 2.20 -0.98
CA VAL L 152 -37.03 3.41 -0.86
C VAL L 152 -36.38 4.32 0.16
N PHE L 153 -36.48 5.63 -0.08
CA PHE L 153 -35.90 6.61 0.83
C PHE L 153 -36.55 6.51 2.21
N TYR L 154 -35.77 6.88 3.22
CA TYR L 154 -36.24 6.83 4.60
C TYR L 154 -36.88 8.15 5.02
N GLY L 155 -36.04 9.14 5.33
CA GLY L 155 -36.53 10.44 5.76
C GLY L 155 -35.99 10.86 7.11
N ASN L 156 -36.76 10.61 8.16
CA ASN L 156 -36.36 10.96 9.52
C ASN L 156 -37.35 10.32 10.49
N SER L 157 -37.16 10.59 11.78
CA SER L 157 -38.05 10.07 12.81
C SER L 157 -37.93 10.89 14.08
N ASP L 158 -37.63 12.18 13.95
CA ASP L 158 -37.49 13.05 15.10
C ASP L 158 -37.42 14.49 14.60
N ARG L 159 -38.07 15.40 15.33
CA ARG L 159 -38.05 16.81 14.94
C ARG L 159 -36.66 17.41 15.05
N THR L 160 -35.84 16.90 15.97
CA THR L 160 -34.48 17.43 16.14
C THR L 160 -33.50 16.83 15.14
N SER L 161 -33.77 15.62 14.67
CA SER L 161 -32.87 14.97 13.72
C SER L 161 -32.86 15.73 12.39
N THR L 162 -31.75 15.62 11.68
CA THR L 162 -31.58 16.27 10.38
C THR L 162 -30.91 15.30 9.41
N VAL L 163 -31.53 14.14 9.23
CA VAL L 163 -31.01 13.12 8.32
C VAL L 163 -31.18 13.59 6.89
N GLN L 164 -30.09 14.07 6.29
CA GLN L 164 -30.12 14.56 4.92
C GLN L 164 -29.91 13.41 3.93
N ASN L 165 -30.15 13.70 2.66
CA ASN L 165 -29.99 12.74 1.57
C ASN L 165 -29.23 13.43 0.44
N LEU L 166 -27.90 13.34 0.50
CA LEU L 166 -27.06 13.97 -0.51
C LEU L 166 -27.26 13.28 -1.85
N LEU L 167 -27.90 13.98 -2.80
CA LEU L 167 -28.16 13.44 -4.13
C LEU L 167 -27.06 13.96 -5.05
N ARG L 168 -25.97 13.19 -5.14
CA ARG L 168 -24.84 13.56 -5.98
C ARG L 168 -25.23 13.61 -7.46
N PRO L 169 -25.99 12.65 -7.97
CA PRO L 169 -26.38 12.68 -9.38
C PRO L 169 -27.13 13.96 -9.71
N PRO L 170 -26.58 14.82 -10.57
CA PRO L 170 -27.30 16.04 -10.93
C PRO L 170 -28.65 15.73 -11.56
N ILE L 171 -29.65 16.54 -11.20
CA ILE L 171 -31.01 16.39 -11.70
C ILE L 171 -31.41 17.71 -12.32
N ILE L 172 -31.46 17.75 -13.65
CA ILE L 172 -31.84 18.95 -14.39
C ILE L 172 -33.36 18.93 -14.53
N SER L 173 -34.05 19.63 -13.63
CA SER L 173 -35.50 19.68 -13.63
C SER L 173 -35.93 20.99 -12.97
N ARG L 174 -37.23 21.11 -12.68
CA ARG L 174 -37.77 22.30 -12.05
C ARG L 174 -38.82 21.92 -11.01
N PHE L 175 -39.90 21.28 -11.44
CA PHE L 175 -40.96 20.88 -10.54
C PHE L 175 -40.58 19.58 -9.83
N ILE L 176 -40.83 19.53 -8.52
CA ILE L 176 -40.53 18.36 -7.70
C ILE L 176 -41.71 18.09 -6.80
N ARG L 177 -42.04 16.81 -6.61
CA ARG L 177 -43.14 16.40 -5.77
C ARG L 177 -42.71 15.17 -4.97
N LEU L 178 -43.51 14.85 -3.95
CA LEU L 178 -43.25 13.70 -3.09
C LEU L 178 -44.51 12.83 -3.01
N ILE L 179 -44.30 11.52 -3.01
CA ILE L 179 -45.40 10.56 -2.94
C ILE L 179 -45.26 9.77 -1.65
N PRO L 180 -45.60 10.33 -0.49
CA PRO L 180 -45.46 9.59 0.77
C PRO L 180 -46.47 8.45 0.84
N LEU L 181 -45.96 7.23 0.96
CA LEU L 181 -46.81 6.05 1.05
C LEU L 181 -47.24 5.73 2.47
N GLY L 182 -46.57 6.28 3.48
CA GLY L 182 -46.92 6.02 4.87
C GLY L 182 -46.59 7.22 5.74
N TRP L 183 -47.06 7.14 6.98
CA TRP L 183 -46.84 8.20 7.95
C TRP L 183 -47.20 7.67 9.33
N HIS L 184 -46.94 8.47 10.35
CA HIS L 184 -47.21 8.08 11.73
C HIS L 184 -48.68 8.32 12.09
N VAL L 185 -49.14 9.56 11.90
CA VAL L 185 -50.53 9.91 12.18
C VAL L 185 -51.05 10.82 11.07
N ARG L 186 -50.28 11.86 10.75
CA ARG L 186 -50.64 12.78 9.68
C ARG L 186 -49.36 13.27 9.00
N ILE L 187 -49.48 13.56 7.71
CA ILE L 187 -48.33 14.04 6.94
C ILE L 187 -48.01 15.46 7.39
N ALA L 188 -46.79 15.66 7.90
CA ALA L 188 -46.36 16.97 8.36
C ALA L 188 -44.83 16.99 8.38
N ILE L 189 -44.24 17.80 7.51
CA ILE L 189 -42.79 17.90 7.42
C ILE L 189 -42.44 19.23 6.77
N ARG L 190 -41.49 19.95 7.36
CA ARG L 190 -41.05 21.24 6.85
C ARG L 190 -39.96 20.99 5.80
N MET L 191 -40.38 20.71 4.58
CA MET L 191 -39.43 20.43 3.51
C MET L 191 -38.58 21.67 3.21
N GLU L 192 -37.50 21.45 2.46
CA GLU L 192 -36.61 22.54 2.09
C GLU L 192 -35.68 22.09 0.96
N LEU L 193 -36.10 22.30 -0.28
CA LEU L 193 -35.29 21.89 -1.42
C LEU L 193 -33.98 22.68 -1.46
N LEU L 194 -33.03 22.16 -2.22
CA LEU L 194 -31.71 22.77 -2.38
C LEU L 194 -31.44 22.96 -3.86
N GLU L 195 -31.19 24.21 -4.26
CA GLU L 195 -30.91 24.54 -5.65
C GLU L 195 -29.42 24.83 -5.81
N CYS L 196 -28.96 24.75 -7.06
CA CYS L 196 -27.56 25.00 -7.37
C CYS L 196 -27.32 26.49 -7.58
N CYS M 40 -26.01 9.15 -21.75
CA CYS M 40 -24.84 9.19 -20.89
C CYS M 40 -25.25 9.07 -19.42
N PRO M 41 -24.30 8.73 -18.54
CA PRO M 41 -24.65 8.60 -17.11
C PRO M 41 -25.32 9.83 -16.55
N TYR M 42 -26.59 10.02 -16.88
CA TYR M 42 -27.36 11.16 -16.38
C TYR M 42 -28.81 10.72 -16.23
N HIS M 43 -29.64 11.62 -15.70
CA HIS M 43 -31.07 11.38 -15.49
C HIS M 43 -31.84 12.21 -16.52
N LYS M 44 -31.92 11.70 -17.74
CA LYS M 44 -32.64 12.36 -18.84
C LYS M 44 -33.33 11.30 -19.68
N PRO M 45 -34.33 10.62 -19.11
CA PRO M 45 -35.03 9.59 -19.87
C PRO M 45 -35.93 10.19 -20.94
N LEU M 46 -36.52 9.31 -21.74
CA LEU M 46 -37.43 9.74 -22.79
C LEU M 46 -38.76 10.17 -22.19
N GLY M 47 -39.71 10.50 -23.06
CA GLY M 47 -41.02 10.96 -22.62
C GLY M 47 -42.16 10.12 -23.17
N PHE M 48 -42.37 8.93 -22.59
CA PHE M 48 -43.47 8.09 -23.00
C PHE M 48 -44.78 8.47 -22.32
N GLU M 49 -44.71 8.94 -21.07
CA GLU M 49 -45.92 9.33 -20.35
C GLU M 49 -46.58 10.56 -20.97
N SER M 50 -45.83 11.38 -21.70
CA SER M 50 -46.42 12.57 -22.31
C SER M 50 -47.51 12.20 -23.30
N GLY M 51 -47.27 11.19 -24.12
CA GLY M 51 -48.24 10.76 -25.12
C GLY M 51 -48.30 11.60 -26.37
N GLU M 52 -47.54 12.70 -26.43
CA GLU M 52 -47.57 13.54 -27.62
C GLU M 52 -47.00 12.83 -28.84
N VAL M 53 -46.14 11.83 -28.65
CA VAL M 53 -45.56 11.12 -29.77
C VAL M 53 -46.67 10.42 -30.56
N THR M 54 -46.55 10.45 -31.88
CA THR M 54 -47.54 9.82 -32.72
C THR M 54 -47.40 8.30 -32.68
N PRO M 55 -48.49 7.57 -32.96
CA PRO M 55 -48.38 6.10 -32.93
C PRO M 55 -47.61 5.51 -34.09
N ASP M 56 -47.23 6.31 -35.09
CA ASP M 56 -46.48 5.79 -36.23
C ASP M 56 -45.12 5.28 -35.80
N GLN M 57 -44.52 5.87 -34.77
CA GLN M 57 -43.20 5.43 -34.32
C GLN M 57 -43.28 4.07 -33.63
N ILE M 58 -44.24 3.89 -32.72
CA ILE M 58 -44.41 2.64 -32.01
C ILE M 58 -45.09 1.64 -32.93
N THR M 59 -44.29 0.95 -33.74
CA THR M 59 -44.80 -0.05 -34.67
C THR M 59 -44.83 -1.42 -34.01
N CYS M 60 -45.88 -2.18 -34.29
CA CYS M 60 -46.04 -3.52 -33.74
C CYS M 60 -46.78 -4.38 -34.76
N SER M 61 -47.11 -5.61 -34.35
CA SER M 61 -47.82 -6.55 -35.20
C SER M 61 -48.78 -7.37 -34.35
N ASN M 62 -49.74 -6.68 -33.73
CA ASN M 62 -50.75 -7.31 -32.88
C ASN M 62 -52.09 -6.59 -33.08
N PRO M 63 -52.75 -6.86 -34.21
CA PRO M 63 -54.05 -6.22 -34.46
C PRO M 63 -55.06 -6.55 -33.36
N GLU M 64 -55.51 -5.50 -32.66
CA GLU M 64 -56.48 -5.69 -31.59
C GLU M 64 -57.90 -5.80 -32.13
N GLN M 65 -58.24 -4.99 -33.13
CA GLN M 65 -59.56 -4.99 -33.73
C GLN M 65 -59.46 -4.87 -35.24
N TYR M 66 -58.52 -5.61 -35.84
CA TYR M 66 -58.27 -5.59 -37.28
C TYR M 66 -58.37 -4.19 -37.86
N VAL M 67 -57.85 -3.19 -37.13
CA VAL M 67 -57.90 -1.81 -37.61
C VAL M 67 -56.80 -1.55 -38.62
N GLY M 68 -55.58 -2.01 -38.33
CA GLY M 68 -54.46 -1.82 -39.23
C GLY M 68 -53.35 -2.81 -39.00
N TRP M 69 -52.15 -2.50 -39.52
CA TRP M 69 -51.00 -3.39 -39.36
C TRP M 69 -49.81 -2.63 -38.77
N TYR M 70 -49.80 -1.30 -38.90
CA TYR M 70 -48.73 -0.49 -38.36
C TYR M 70 -48.67 -0.63 -36.83
N SER M 71 -49.59 0.03 -36.14
CA SER M 71 -49.66 0.00 -34.69
C SER M 71 -51.01 -0.52 -34.24
N SER M 72 -51.14 -0.73 -32.93
CA SER M 72 -52.38 -1.22 -32.34
C SER M 72 -52.48 -0.83 -30.88
N TRP M 73 -51.52 -1.29 -30.07
CA TRP M 73 -51.52 -0.95 -28.65
C TRP M 73 -50.90 0.42 -28.39
N THR M 74 -49.87 0.77 -29.15
CA THR M 74 -49.15 2.04 -29.02
C THR M 74 -48.98 2.43 -27.55
N ALA M 75 -48.88 3.73 -27.27
CA ALA M 75 -48.71 4.24 -25.92
C ALA M 75 -50.05 4.55 -25.24
N ASN M 76 -51.11 3.83 -25.61
CA ASN M 76 -52.41 4.08 -25.01
C ASN M 76 -52.53 3.41 -23.64
N LYS M 77 -52.01 2.18 -23.50
CA LYS M 77 -52.06 1.44 -22.25
C LYS M 77 -50.69 0.88 -21.90
N ALA M 78 -49.62 1.62 -22.22
CA ALA M 78 -48.25 1.16 -21.93
C ALA M 78 -47.38 2.41 -21.80
N ARG M 79 -47.36 2.99 -20.60
CA ARG M 79 -46.58 4.18 -20.31
C ARG M 79 -45.94 4.02 -18.94
N LEU M 80 -45.11 4.99 -18.57
CA LEU M 80 -44.42 4.98 -17.28
C LEU M 80 -45.44 5.28 -16.19
N ASN M 81 -45.95 4.22 -15.55
CA ASN M 81 -46.93 4.37 -14.49
C ASN M 81 -48.15 5.12 -14.98
N SER M 82 -49.14 4.40 -15.51
CA SER M 82 -50.37 4.99 -16.03
C SER M 82 -51.54 4.19 -15.48
N GLN M 83 -52.33 4.79 -14.60
CA GLN M 83 -53.47 4.12 -14.01
C GLN M 83 -54.55 3.91 -15.07
N GLY M 84 -55.16 2.74 -15.06
CA GLY M 84 -56.21 2.41 -16.01
C GLY M 84 -56.37 0.91 -16.13
N PHE M 85 -57.04 0.51 -17.22
CA PHE M 85 -57.28 -0.90 -17.49
C PHE M 85 -55.96 -1.63 -17.75
N GLY M 86 -55.31 -1.30 -18.85
CA GLY M 86 -54.04 -1.93 -19.20
C GLY M 86 -52.86 -1.23 -18.56
N CYS M 87 -52.28 -1.84 -17.52
CA CYS M 87 -51.15 -1.26 -16.84
C CYS M 87 -49.86 -1.35 -17.65
N ALA M 88 -49.79 -2.28 -18.59
CA ALA M 88 -48.60 -2.44 -19.43
C ALA M 88 -49.03 -3.00 -20.78
N TRP M 89 -48.05 -3.32 -21.62
CA TRP M 89 -48.32 -3.86 -22.94
C TRP M 89 -48.39 -5.38 -22.86
N LEU M 90 -49.57 -5.93 -23.16
CA LEU M 90 -49.78 -7.37 -23.12
C LEU M 90 -49.45 -8.00 -24.47
N SER M 91 -49.44 -9.33 -24.48
CA SER M 91 -49.14 -10.09 -25.70
C SER M 91 -50.06 -11.30 -25.76
N LYS M 92 -50.73 -11.48 -26.89
CA LYS M 92 -51.64 -12.62 -27.05
C LYS M 92 -50.88 -13.85 -27.51
N PHE M 93 -50.42 -13.86 -28.76
CA PHE M 93 -49.69 -15.00 -29.29
C PHE M 93 -48.32 -15.11 -28.64
N GLN M 94 -47.87 -16.33 -28.41
CA GLN M 94 -46.57 -16.59 -27.78
C GLN M 94 -45.48 -16.49 -28.86
N ASP M 95 -45.21 -15.26 -29.27
CA ASP M 95 -44.20 -14.99 -30.28
C ASP M 95 -42.83 -14.95 -29.63
N SER M 96 -41.93 -15.83 -30.08
CA SER M 96 -40.58 -15.88 -29.53
C SER M 96 -39.73 -14.72 -30.03
N SER M 97 -39.70 -14.52 -31.35
CA SER M 97 -38.92 -13.44 -31.95
C SER M 97 -39.75 -12.16 -31.96
N GLN M 98 -40.01 -11.67 -30.76
CA GLN M 98 -40.79 -10.44 -30.59
C GLN M 98 -39.92 -9.23 -30.81
N TRP M 99 -40.52 -8.19 -31.39
CA TRP M 99 -39.82 -6.94 -31.67
C TRP M 99 -40.77 -5.77 -31.43
N LEU M 100 -40.18 -4.59 -31.24
CA LEU M 100 -40.95 -3.38 -30.99
C LEU M 100 -40.10 -2.19 -31.43
N GLN M 101 -40.46 -1.59 -32.57
CA GLN M 101 -39.71 -0.45 -33.08
C GLN M 101 -39.85 0.74 -32.14
N ILE M 102 -38.75 1.46 -31.95
CA ILE M 102 -38.70 2.64 -31.08
C ILE M 102 -37.95 3.71 -31.85
N ASP M 103 -38.68 4.53 -32.61
CA ASP M 103 -38.07 5.59 -33.40
C ASP M 103 -37.89 6.83 -32.53
N LEU M 104 -36.64 7.23 -32.33
CA LEU M 104 -36.32 8.40 -31.53
C LEU M 104 -36.35 9.66 -32.41
N LYS M 105 -36.07 10.80 -31.78
CA LYS M 105 -36.06 12.06 -32.52
C LYS M 105 -34.88 12.14 -33.47
N GLU M 106 -33.71 11.71 -33.02
CA GLU M 106 -32.50 11.74 -33.83
C GLU M 106 -31.50 10.77 -33.21
N ILE M 107 -30.33 10.67 -33.84
CA ILE M 107 -29.28 9.78 -33.35
C ILE M 107 -28.71 10.35 -32.06
N LYS M 108 -28.69 9.53 -31.01
CA LYS M 108 -28.17 9.94 -29.71
C LYS M 108 -27.43 8.76 -29.09
N VAL M 109 -26.67 9.06 -28.04
CA VAL M 109 -25.88 8.06 -27.32
C VAL M 109 -26.77 7.51 -26.20
N ILE M 110 -27.28 6.30 -26.38
CA ILE M 110 -28.13 5.66 -25.39
C ILE M 110 -27.26 4.83 -24.46
N SER M 111 -27.55 4.91 -23.16
CA SER M 111 -26.79 4.16 -22.16
C SER M 111 -27.69 3.93 -20.96
N GLY M 112 -27.94 2.66 -20.65
CA GLY M 112 -28.78 2.29 -19.53
C GLY M 112 -30.25 2.14 -19.93
N ILE M 113 -30.98 1.45 -19.05
CA ILE M 113 -32.41 1.21 -19.28
C ILE M 113 -33.01 0.73 -17.97
N LEU M 114 -34.19 1.25 -17.64
CA LEU M 114 -34.88 0.87 -16.42
C LEU M 114 -35.59 -0.47 -16.61
N THR M 115 -36.04 -1.03 -15.49
CA THR M 115 -36.73 -2.32 -15.48
C THR M 115 -37.87 -2.26 -14.48
N GLN M 116 -39.06 -2.68 -14.91
CA GLN M 116 -40.23 -2.69 -14.05
C GLN M 116 -41.00 -3.98 -14.32
N GLY M 117 -42.19 -4.09 -13.72
CA GLY M 117 -43.03 -5.26 -13.86
C GLY M 117 -44.45 -4.87 -14.22
N HIS M 118 -45.40 -5.68 -13.76
CA HIS M 118 -46.82 -5.45 -14.04
C HIS M 118 -47.60 -5.69 -12.75
N CYS M 119 -48.54 -4.78 -12.46
CA CYS M 119 -49.35 -4.88 -11.26
C CYS M 119 -50.40 -5.97 -11.43
N ASP M 120 -51.20 -6.17 -10.38
CA ASP M 120 -52.25 -7.19 -10.39
C ASP M 120 -51.68 -8.56 -10.71
N ILE M 121 -51.44 -8.84 -11.99
CA ILE M 121 -50.89 -10.11 -12.42
C ILE M 121 -49.39 -9.90 -12.63
N ASP M 122 -48.59 -10.45 -11.73
CA ASP M 122 -47.14 -10.30 -11.81
C ASP M 122 -46.60 -10.98 -13.06
N GLU M 123 -45.84 -10.22 -13.84
CA GLU M 123 -45.23 -10.74 -15.07
C GLU M 123 -43.83 -10.14 -15.22
N TRP M 124 -42.89 -10.96 -15.70
CA TRP M 124 -41.52 -10.52 -15.87
C TRP M 124 -40.84 -11.42 -16.90
N MET M 125 -39.76 -10.90 -17.47
CA MET M 125 -38.99 -11.64 -18.45
C MET M 125 -37.86 -12.41 -17.76
N THR M 126 -37.05 -13.10 -18.56
CA THR M 126 -35.94 -13.88 -18.03
C THR M 126 -34.70 -13.70 -18.89
N LYS M 127 -34.88 -13.69 -20.21
CA LYS M 127 -33.77 -13.54 -21.14
C LYS M 127 -34.19 -12.63 -22.29
N TYR M 128 -33.25 -11.80 -22.75
CA TYR M 128 -33.51 -10.89 -23.85
C TYR M 128 -32.16 -10.42 -24.40
N SER M 129 -32.22 -9.57 -25.42
CA SER M 129 -31.02 -9.04 -26.05
C SER M 129 -31.35 -7.70 -26.69
N VAL M 130 -30.49 -6.71 -26.44
CA VAL M 130 -30.68 -5.38 -27.00
C VAL M 130 -30.13 -5.35 -28.43
N GLN M 131 -30.76 -4.54 -29.27
CA GLN M 131 -30.36 -4.40 -30.67
C GLN M 131 -30.23 -2.92 -31.01
N TYR M 132 -29.52 -2.65 -32.11
CA TYR M 132 -29.32 -1.29 -32.57
C TYR M 132 -28.95 -1.32 -34.05
N ARG M 133 -29.45 -0.34 -34.79
CA ARG M 133 -29.21 -0.24 -36.22
C ARG M 133 -29.07 1.23 -36.60
N THR M 134 -28.84 1.47 -37.89
CA THR M 134 -28.66 2.83 -38.40
C THR M 134 -29.38 3.02 -39.72
N ASP M 135 -29.01 2.24 -40.73
CA ASP M 135 -29.60 2.36 -42.05
C ASP M 135 -31.01 1.78 -42.13
N GLU M 136 -31.53 1.21 -41.03
CA GLU M 136 -32.88 0.66 -41.00
C GLU M 136 -33.05 -0.48 -42.00
N ARG M 137 -31.96 -1.22 -42.27
CA ARG M 137 -31.98 -2.32 -43.23
C ARG M 137 -31.13 -3.48 -42.70
N LEU M 138 -31.19 -3.73 -41.41
CA LEU M 138 -30.43 -4.82 -40.79
C LEU M 138 -30.83 -4.91 -39.32
N ASN M 139 -30.27 -5.90 -38.63
CA ASN M 139 -30.55 -6.10 -37.22
C ASN M 139 -29.30 -6.66 -36.55
N TRP M 140 -28.76 -5.93 -35.59
CA TRP M 140 -27.55 -6.32 -34.88
C TRP M 140 -27.88 -6.62 -33.42
N ILE M 141 -27.06 -7.47 -32.82
CA ILE M 141 -27.22 -7.86 -31.42
C ILE M 141 -26.21 -7.10 -30.59
N TYR M 142 -26.58 -6.81 -29.34
CA TYR M 142 -25.73 -6.05 -28.43
C TYR M 142 -24.77 -7.01 -27.73
N TYR M 143 -23.47 -6.77 -27.92
CA TYR M 143 -22.43 -7.58 -27.30
C TYR M 143 -21.47 -6.66 -26.57
N LYS M 144 -21.11 -7.03 -25.33
CA LYS M 144 -20.20 -6.24 -24.53
C LYS M 144 -18.77 -6.79 -24.66
N ASP M 145 -17.82 -6.05 -24.07
CA ASP M 145 -16.42 -6.45 -24.12
C ASP M 145 -16.04 -7.42 -22.99
N GLN M 146 -16.70 -7.32 -21.84
CA GLN M 146 -16.41 -8.19 -20.70
C GLN M 146 -17.34 -9.40 -20.65
N THR M 147 -17.64 -10.01 -21.81
CA THR M 147 -18.51 -11.18 -21.89
C THR M 147 -17.83 -12.19 -22.79
N GLY M 148 -16.99 -13.04 -22.20
CA GLY M 148 -16.28 -14.06 -22.95
C GLY M 148 -17.01 -15.40 -22.94
N ASN M 149 -18.34 -15.36 -22.96
CA ASN M 149 -19.15 -16.57 -22.95
C ASN M 149 -20.51 -16.22 -23.51
N ASN M 150 -21.46 -17.15 -23.39
CA ASN M 150 -22.81 -16.95 -23.89
C ASN M 150 -23.71 -16.31 -22.82
N ARG M 151 -23.22 -15.23 -22.22
CA ARG M 151 -23.98 -14.53 -21.20
C ARG M 151 -25.15 -13.77 -21.82
N VAL M 152 -26.24 -13.68 -21.06
CA VAL M 152 -27.44 -12.99 -21.50
C VAL M 152 -27.94 -12.11 -20.36
N PHE M 153 -28.52 -10.97 -20.72
CA PHE M 153 -29.03 -10.05 -19.73
C PHE M 153 -30.17 -10.69 -18.94
N TYR M 154 -30.32 -10.23 -17.69
CA TYR M 154 -31.35 -10.77 -16.80
C TYR M 154 -32.64 -9.98 -16.92
N GLY M 155 -32.68 -8.80 -16.28
CA GLY M 155 -33.87 -7.97 -16.30
C GLY M 155 -34.39 -7.65 -14.92
N ASN M 156 -35.36 -8.41 -14.44
CA ASN M 156 -35.95 -8.21 -13.13
C ASN M 156 -36.86 -9.40 -12.83
N SER M 157 -37.52 -9.35 -11.67
CA SER M 157 -38.44 -10.41 -11.27
C SER M 157 -39.42 -9.90 -10.22
N ASP M 158 -39.75 -8.61 -10.26
CA ASP M 158 -40.66 -8.02 -9.30
C ASP M 158 -41.03 -6.63 -9.80
N ARG M 159 -42.30 -6.26 -9.62
CA ARG M 159 -42.76 -4.94 -10.06
C ARG M 159 -42.12 -3.83 -9.24
N THR M 160 -41.77 -4.11 -7.98
CA THR M 160 -41.15 -3.09 -7.14
C THR M 160 -39.65 -2.98 -7.37
N SER M 161 -39.01 -4.06 -7.81
CA SER M 161 -37.57 -4.04 -8.05
C SER M 161 -37.24 -3.10 -9.20
N THR M 162 -36.02 -2.57 -9.17
CA THR M 162 -35.53 -1.65 -10.20
C THR M 162 -34.09 -2.01 -10.56
N VAL M 163 -33.89 -3.27 -10.97
CA VAL M 163 -32.57 -3.74 -11.34
C VAL M 163 -32.16 -3.11 -12.66
N GLN M 164 -31.31 -2.09 -12.59
CA GLN M 164 -30.85 -1.39 -13.78
C GLN M 164 -29.64 -2.11 -14.38
N ASN M 165 -29.28 -1.69 -15.60
CA ASN M 165 -28.15 -2.24 -16.35
C ASN M 165 -27.35 -1.07 -16.90
N LEU M 166 -26.39 -0.59 -16.12
CA LEU M 166 -25.56 0.54 -16.54
C LEU M 166 -24.68 0.12 -17.71
N LEU M 167 -24.98 0.65 -18.90
CA LEU M 167 -24.21 0.34 -20.10
C LEU M 167 -23.19 1.46 -20.30
N ARG M 168 -22.01 1.28 -19.72
CA ARG M 168 -20.94 2.27 -19.81
C ARG M 168 -20.49 2.45 -21.26
N PRO M 169 -20.29 1.38 -22.02
CA PRO M 169 -19.85 1.53 -23.41
C PRO M 169 -20.83 2.38 -24.21
N PRO M 170 -20.39 3.55 -24.69
CA PRO M 170 -21.30 4.39 -25.47
C PRO M 170 -21.78 3.66 -26.72
N ILE M 171 -23.06 3.85 -27.05
CA ILE M 171 -23.69 3.22 -28.20
C ILE M 171 -24.29 4.34 -29.05
N ILE M 172 -23.64 4.63 -30.18
CA ILE M 172 -24.10 5.67 -31.09
C ILE M 172 -25.10 5.02 -32.05
N SER M 173 -26.39 5.15 -31.74
CA SER M 173 -27.44 4.56 -32.55
C SER M 173 -28.71 5.38 -32.35
N ARG M 174 -29.83 4.85 -32.84
CA ARG M 174 -31.12 5.54 -32.72
C ARG M 174 -32.22 4.53 -32.40
N PHE M 175 -32.46 3.59 -33.31
CA PHE M 175 -33.50 2.59 -33.11
C PHE M 175 -32.97 1.47 -32.21
N ILE M 176 -33.81 1.05 -31.26
CA ILE M 176 -33.47 -0.01 -30.32
C ILE M 176 -34.65 -0.95 -30.20
N ARG M 177 -34.36 -2.25 -30.12
CA ARG M 177 -35.40 -3.27 -30.00
C ARG M 177 -34.92 -4.32 -29.00
N LEU M 178 -35.86 -5.16 -28.57
CA LEU M 178 -35.59 -6.23 -27.62
C LEU M 178 -36.10 -7.55 -28.17
N ILE M 179 -35.33 -8.61 -27.96
CA ILE M 179 -35.69 -9.94 -28.43
C ILE M 179 -35.88 -10.85 -27.22
N PRO M 180 -37.00 -10.74 -26.49
CA PRO M 180 -37.22 -11.59 -25.32
C PRO M 180 -37.42 -13.04 -25.72
N LEU M 181 -36.54 -13.91 -25.23
CA LEU M 181 -36.62 -15.34 -25.54
C LEU M 181 -37.52 -16.10 -24.57
N GLY M 182 -37.83 -15.53 -23.41
CA GLY M 182 -38.68 -16.19 -22.44
C GLY M 182 -39.47 -15.18 -21.63
N TRP M 183 -40.40 -15.71 -20.85
CA TRP M 183 -41.26 -14.88 -20.00
C TRP M 183 -41.98 -15.79 -19.02
N HIS M 184 -42.72 -15.18 -18.09
CA HIS M 184 -43.44 -15.92 -17.08
C HIS M 184 -44.78 -16.43 -17.61
N VAL M 185 -45.61 -15.50 -18.12
CA VAL M 185 -46.90 -15.86 -18.69
C VAL M 185 -47.11 -15.06 -19.97
N ARG M 186 -46.89 -13.75 -19.89
CA ARG M 186 -47.03 -12.88 -21.05
C ARG M 186 -46.02 -11.75 -20.95
N ILE M 187 -45.55 -11.28 -22.10
CA ILE M 187 -44.58 -10.20 -22.14
C ILE M 187 -45.25 -8.91 -21.71
N ALA M 188 -44.74 -8.31 -20.64
CA ALA M 188 -45.30 -7.07 -20.12
C ALA M 188 -44.25 -6.39 -19.26
N ILE M 189 -43.75 -5.25 -19.72
CA ILE M 189 -42.72 -4.51 -19.00
C ILE M 189 -42.78 -3.06 -19.46
N ARG M 190 -42.74 -2.14 -18.50
CA ARG M 190 -42.77 -0.70 -18.78
C ARG M 190 -41.35 -0.23 -19.01
N MET M 191 -40.86 -0.41 -20.24
CA MET M 191 -39.50 -0.02 -20.59
C MET M 191 -39.34 1.49 -20.47
N GLU M 192 -38.08 1.93 -20.47
CA GLU M 192 -37.76 3.35 -20.38
C GLU M 192 -36.31 3.60 -20.75
N LEU M 193 -36.06 3.84 -22.03
CA LEU M 193 -34.70 4.07 -22.50
C LEU M 193 -34.12 5.35 -21.87
N LEU M 194 -32.80 5.46 -21.93
CA LEU M 194 -32.08 6.60 -21.39
C LEU M 194 -31.20 7.20 -22.48
N GLU M 195 -31.41 8.48 -22.77
CA GLU M 195 -30.64 9.18 -23.78
C GLU M 195 -29.64 10.12 -23.13
N CYS M 196 -28.63 10.49 -23.89
CA CYS M 196 -27.59 11.39 -23.41
C CYS M 196 -28.02 12.85 -23.56
N CYS N 40 -11.48 1.13 -33.16
CA CYS N 40 -11.11 1.50 -31.80
C CYS N 40 -12.12 0.92 -30.81
N PRO N 41 -11.74 0.86 -29.53
CA PRO N 41 -12.66 0.30 -28.52
C PRO N 41 -14.02 0.97 -28.52
N TYR N 42 -14.85 0.65 -29.51
CA TYR N 42 -16.18 1.21 -29.62
C TYR N 42 -17.08 0.17 -30.28
N HIS N 43 -18.37 0.49 -30.37
CA HIS N 43 -19.38 -0.39 -30.98
C HIS N 43 -19.79 0.22 -32.31
N LYS N 44 -18.96 -0.01 -33.34
CA LYS N 44 -19.20 0.49 -34.68
C LYS N 44 -18.75 -0.56 -35.69
N PRO N 45 -19.42 -1.71 -35.73
CA PRO N 45 -19.02 -2.76 -36.67
C PRO N 45 -19.35 -2.40 -38.12
N LEU N 46 -18.98 -3.28 -39.05
CA LEU N 46 -19.27 -3.06 -40.46
C LEU N 46 -20.75 -3.33 -40.73
N GLY N 47 -21.12 -3.46 -41.99
CA GLY N 47 -22.50 -3.68 -42.37
C GLY N 47 -22.66 -4.80 -43.39
N PHE N 48 -22.53 -6.05 -42.94
CA PHE N 48 -22.71 -7.17 -43.84
C PHE N 48 -24.18 -7.54 -44.00
N GLU N 49 -24.99 -7.35 -42.96
CA GLU N 49 -26.41 -7.68 -43.05
C GLU N 49 -27.15 -6.77 -44.03
N SER N 50 -26.63 -5.57 -44.29
CA SER N 50 -27.30 -4.66 -45.22
C SER N 50 -27.38 -5.26 -46.61
N GLY N 51 -26.30 -5.87 -47.09
CA GLY N 51 -26.26 -6.46 -48.41
C GLY N 51 -26.05 -5.49 -49.54
N GLU N 52 -26.01 -4.18 -49.27
CA GLU N 52 -25.80 -3.20 -50.33
C GLU N 52 -24.42 -3.33 -50.97
N VAL N 53 -23.45 -3.87 -50.25
CA VAL N 53 -22.11 -4.02 -50.80
C VAL N 53 -22.15 -4.95 -52.01
N THR N 54 -21.39 -4.60 -53.04
CA THR N 54 -21.36 -5.41 -54.25
C THR N 54 -20.56 -6.69 -54.01
N PRO N 55 -20.83 -7.75 -54.78
CA PRO N 55 -20.08 -9.00 -54.58
C PRO N 55 -18.64 -8.94 -55.06
N ASP N 56 -18.23 -7.86 -55.74
CA ASP N 56 -16.87 -7.76 -56.23
C ASP N 56 -15.87 -7.71 -55.08
N GLN N 57 -16.26 -7.14 -53.94
CA GLN N 57 -15.36 -7.04 -52.80
C GLN N 57 -15.13 -8.41 -52.17
N ILE N 58 -16.21 -9.16 -51.93
CA ILE N 58 -16.10 -10.48 -51.33
C ILE N 58 -15.62 -11.47 -52.39
N THR N 59 -14.30 -11.56 -52.56
CA THR N 59 -13.72 -12.46 -53.54
C THR N 59 -13.43 -13.82 -52.89
N CYS N 60 -13.66 -14.88 -53.65
CA CYS N 60 -13.43 -16.23 -53.18
C CYS N 60 -13.01 -17.10 -54.35
N SER N 61 -12.88 -18.40 -54.10
CA SER N 61 -12.48 -19.36 -55.12
C SER N 61 -13.23 -20.68 -54.88
N ASN N 62 -14.55 -20.62 -54.96
CA ASN N 62 -15.42 -21.79 -54.75
C ASN N 62 -16.59 -21.71 -55.72
N PRO N 63 -16.36 -21.99 -57.00
CA PRO N 63 -17.46 -21.94 -57.98
C PRO N 63 -18.58 -22.90 -57.60
N GLU N 64 -19.75 -22.32 -57.35
CA GLU N 64 -20.91 -23.13 -56.99
C GLU N 64 -21.59 -23.74 -58.21
N GLN N 65 -21.70 -22.97 -59.29
CA GLN N 65 -22.32 -23.43 -60.53
C GLN N 65 -21.51 -22.96 -61.74
N TYR N 66 -20.19 -23.08 -61.64
CA TYR N 66 -19.28 -22.66 -62.70
C TYR N 66 -19.71 -21.35 -63.35
N VAL N 67 -20.19 -20.41 -62.54
CA VAL N 67 -20.64 -19.12 -63.08
C VAL N 67 -19.45 -18.20 -63.32
N GLY N 68 -18.52 -18.13 -62.38
CA GLY N 68 -17.35 -17.28 -62.52
C GLY N 68 -16.21 -17.72 -61.63
N TRP N 69 -15.23 -16.83 -61.42
CA TRP N 69 -14.08 -17.13 -60.59
C TRP N 69 -13.90 -16.07 -59.50
N TYR N 70 -14.46 -14.88 -59.71
CA TYR N 70 -14.37 -13.81 -58.73
C TYR N 70 -15.05 -14.22 -57.43
N SER N 71 -16.38 -14.19 -57.41
CA SER N 71 -17.17 -14.53 -56.24
C SER N 71 -18.12 -15.67 -56.58
N SER N 72 -18.79 -16.18 -55.55
CA SER N 72 -19.74 -17.27 -55.70
C SER N 72 -20.76 -17.28 -54.58
N TRP N 73 -20.27 -17.42 -53.34
CA TRP N 73 -21.18 -17.42 -52.19
C TRP N 73 -21.53 -16.01 -51.75
N THR N 74 -20.56 -15.08 -51.83
CA THR N 74 -20.74 -13.70 -51.43
C THR N 74 -21.55 -13.58 -50.15
N ALA N 75 -22.25 -12.44 -49.98
CA ALA N 75 -23.08 -12.21 -48.80
C ALA N 75 -24.52 -12.66 -49.01
N ASN N 76 -24.75 -13.68 -49.83
CA ASN N 76 -26.10 -14.16 -50.07
C ASN N 76 -26.58 -15.07 -48.95
N LYS N 77 -25.70 -15.94 -48.45
CA LYS N 77 -26.03 -16.87 -47.37
C LYS N 77 -24.98 -16.84 -46.29
N ALA N 78 -24.41 -15.67 -46.02
CA ALA N 78 -23.37 -15.52 -44.98
C ALA N 78 -23.41 -14.07 -44.50
N ARG N 79 -24.30 -13.81 -43.53
CA ARG N 79 -24.46 -12.49 -42.97
C ARG N 79 -24.65 -12.62 -41.45
N LEU N 80 -24.70 -11.49 -40.77
CA LEU N 80 -24.89 -11.45 -39.33
C LEU N 80 -26.31 -11.87 -39.01
N ASN N 81 -26.51 -13.15 -38.67
CA ASN N 81 -27.83 -13.67 -38.35
C ASN N 81 -28.80 -13.44 -39.49
N SER N 82 -28.87 -14.39 -40.42
CA SER N 82 -29.76 -14.30 -41.58
C SER N 82 -30.49 -15.64 -41.71
N GLN N 83 -31.80 -15.62 -41.45
CA GLN N 83 -32.59 -16.84 -41.56
C GLN N 83 -32.71 -17.27 -43.01
N GLY N 84 -32.59 -18.57 -43.24
CA GLY N 84 -32.68 -19.12 -44.59
C GLY N 84 -32.02 -20.48 -44.65
N PHE N 85 -31.75 -20.89 -45.89
CA PHE N 85 -31.11 -22.18 -46.13
C PHE N 85 -29.69 -22.19 -45.56
N GLY N 86 -28.80 -21.39 -46.15
CA GLY N 86 -27.43 -21.31 -45.67
C GLY N 86 -27.26 -20.33 -44.54
N CYS N 87 -27.09 -20.82 -43.32
CA CYS N 87 -26.92 -19.96 -42.17
C CYS N 87 -25.55 -19.30 -42.13
N ALA N 88 -24.55 -19.89 -42.79
CA ALA N 88 -23.20 -19.34 -42.80
C ALA N 88 -22.54 -19.74 -44.13
N TRP N 89 -21.26 -19.42 -44.25
CA TRP N 89 -20.49 -19.75 -45.45
C TRP N 89 -19.87 -21.13 -45.30
N LEU N 90 -20.28 -22.06 -46.16
CA LEU N 90 -19.78 -23.42 -46.12
C LEU N 90 -18.54 -23.55 -47.01
N SER N 91 -17.89 -24.71 -46.91
CA SER N 91 -16.69 -25.00 -47.69
C SER N 91 -16.73 -26.44 -48.14
N LYS N 92 -16.53 -26.67 -49.44
CA LYS N 92 -16.55 -28.03 -49.99
C LYS N 92 -15.18 -28.68 -49.85
N PHE N 93 -14.21 -28.23 -50.62
CA PHE N 93 -12.87 -28.80 -50.57
C PHE N 93 -12.19 -28.42 -49.26
N GLN N 94 -11.41 -29.36 -48.72
CA GLN N 94 -10.69 -29.14 -47.46
C GLN N 94 -9.40 -28.36 -47.76
N ASP N 95 -9.58 -27.08 -48.05
CA ASP N 95 -8.47 -26.19 -48.35
C ASP N 95 -7.85 -25.69 -47.06
N SER N 96 -6.56 -25.98 -46.86
CA SER N 96 -5.87 -25.55 -45.65
C SER N 96 -5.56 -24.06 -45.69
N SER N 97 -4.94 -23.60 -46.79
CA SER N 97 -4.59 -22.19 -46.94
C SER N 97 -5.78 -21.43 -47.51
N GLN N 98 -6.83 -21.36 -46.70
CA GLN N 98 -8.05 -20.67 -47.09
C GLN N 98 -7.90 -19.16 -46.88
N TRP N 99 -8.52 -18.40 -47.79
CA TRP N 99 -8.47 -16.94 -47.72
C TRP N 99 -9.82 -16.38 -48.15
N LEU N 100 -10.05 -15.13 -47.76
CA LEU N 100 -11.31 -14.46 -48.08
C LEU N 100 -11.04 -12.96 -48.07
N GLN N 101 -10.99 -12.35 -49.26
CA GLN N 101 -10.73 -10.92 -49.37
C GLN N 101 -11.89 -10.14 -48.76
N ILE N 102 -11.55 -9.06 -48.05
CA ILE N 102 -12.53 -8.19 -47.40
C ILE N 102 -12.10 -6.76 -47.72
N ASP N 103 -12.61 -6.21 -48.81
CA ASP N 103 -12.28 -4.85 -49.21
C ASP N 103 -13.18 -3.86 -48.50
N LEU N 104 -12.60 -3.01 -47.66
CA LEU N 104 -13.35 -2.00 -46.92
C LEU N 104 -13.51 -0.74 -47.77
N LYS N 105 -14.18 0.26 -47.19
CA LYS N 105 -14.38 1.51 -47.90
C LYS N 105 -13.08 2.30 -48.03
N GLU N 106 -12.29 2.34 -46.97
CA GLU N 106 -11.02 3.06 -46.98
C GLU N 106 -10.17 2.51 -45.83
N ILE N 107 -8.96 3.07 -45.70
CA ILE N 107 -8.05 2.64 -44.64
C ILE N 107 -8.58 3.12 -43.30
N LYS N 108 -8.74 2.20 -42.36
CA LYS N 108 -9.24 2.51 -41.03
C LYS N 108 -8.49 1.69 -40.01
N VAL N 109 -8.63 2.06 -38.74
CA VAL N 109 -7.97 1.38 -37.64
C VAL N 109 -8.93 0.29 -37.14
N ILE N 110 -8.61 -0.96 -37.47
CA ILE N 110 -9.42 -2.10 -37.08
C ILE N 110 -8.90 -2.64 -35.75
N SER N 111 -9.82 -2.96 -34.84
CA SER N 111 -9.45 -3.49 -33.54
C SER N 111 -10.60 -4.34 -33.01
N GLY N 112 -10.34 -5.62 -32.81
CA GLY N 112 -11.34 -6.53 -32.31
C GLY N 112 -12.11 -7.22 -33.43
N ILE N 113 -12.76 -8.33 -33.06
CA ILE N 113 -13.53 -9.12 -34.02
C ILE N 113 -14.41 -10.08 -33.23
N LEU N 114 -15.67 -10.20 -33.65
CA LEU N 114 -16.61 -11.09 -33.00
C LEU N 114 -16.39 -12.53 -33.44
N THR N 115 -17.01 -13.46 -32.71
CA THR N 115 -16.89 -14.88 -32.98
C THR N 115 -18.25 -15.53 -32.78
N GLN N 116 -18.67 -16.33 -33.76
CA GLN N 116 -19.95 -17.02 -33.70
C GLN N 116 -19.74 -18.44 -34.24
N GLY N 117 -20.84 -19.17 -34.40
CA GLY N 117 -20.81 -20.54 -34.89
C GLY N 117 -21.81 -20.73 -36.00
N HIS N 118 -22.34 -21.95 -36.08
CA HIS N 118 -23.32 -22.33 -37.11
C HIS N 118 -24.43 -23.13 -36.45
N CYS N 119 -25.67 -22.80 -36.81
CA CYS N 119 -26.82 -23.49 -36.26
C CYS N 119 -26.97 -24.88 -36.90
N ASP N 120 -27.99 -25.61 -36.44
CA ASP N 120 -28.24 -26.96 -36.96
C ASP N 120 -27.02 -27.85 -36.79
N ILE N 121 -26.05 -27.72 -37.69
CA ILE N 121 -24.83 -28.51 -37.65
C ILE N 121 -23.75 -27.63 -37.01
N ASP N 122 -23.39 -27.95 -35.78
CA ASP N 122 -22.40 -27.16 -35.05
C ASP N 122 -21.04 -27.26 -35.74
N GLU N 123 -20.45 -26.11 -36.02
CA GLU N 123 -19.14 -26.04 -36.65
C GLU N 123 -18.36 -24.88 -36.05
N TRP N 124 -17.05 -25.09 -35.87
CA TRP N 124 -16.20 -24.07 -35.29
C TRP N 124 -14.75 -24.34 -35.68
N MET N 125 -13.93 -23.30 -35.60
CA MET N 125 -12.52 -23.42 -35.93
C MET N 125 -11.71 -23.74 -34.67
N THR N 126 -10.39 -23.83 -34.83
CA THR N 126 -9.51 -24.13 -33.71
C THR N 126 -8.27 -23.26 -33.75
N LYS N 127 -7.71 -23.05 -34.95
CA LYS N 127 -6.52 -22.24 -35.12
C LYS N 127 -6.65 -21.40 -36.37
N TYR N 128 -6.13 -20.17 -36.30
CA TYR N 128 -6.18 -19.26 -37.43
C TYR N 128 -5.16 -18.15 -37.18
N SER N 129 -5.07 -17.22 -38.13
CA SER N 129 -4.15 -16.10 -38.03
C SER N 129 -4.68 -14.94 -38.85
N VAL N 130 -4.67 -13.75 -38.25
CA VAL N 130 -5.15 -12.55 -38.93
C VAL N 130 -4.03 -11.99 -39.81
N GLN N 131 -4.42 -11.38 -40.92
CA GLN N 131 -3.49 -10.80 -41.87
C GLN N 131 -3.92 -9.38 -42.20
N TYR N 132 -2.97 -8.60 -42.74
CA TYR N 132 -3.23 -7.23 -43.12
C TYR N 132 -2.19 -6.79 -44.13
N ARG N 133 -2.62 -6.00 -45.12
CA ARG N 133 -1.75 -5.52 -46.17
C ARG N 133 -2.15 -4.09 -46.53
N THR N 134 -1.43 -3.50 -47.49
CA THR N 134 -1.68 -2.14 -47.91
C THR N 134 -1.60 -2.01 -49.43
N ASP N 135 -0.43 -2.32 -49.99
CA ASP N 135 -0.22 -2.21 -51.43
C ASP N 135 -0.92 -3.31 -52.22
N GLU N 136 -1.57 -4.26 -51.56
CA GLU N 136 -2.29 -5.35 -52.24
C GLU N 136 -1.34 -6.22 -53.06
N ARG N 137 -0.08 -6.33 -52.63
CA ARG N 137 0.93 -7.11 -53.34
C ARG N 137 1.80 -7.86 -52.34
N LEU N 138 1.20 -8.36 -51.28
CA LEU N 138 1.94 -9.11 -50.26
C LEU N 138 0.94 -9.67 -49.26
N ASN N 139 1.44 -10.44 -48.30
CA ASN N 139 0.60 -11.03 -47.26
C ASN N 139 1.41 -11.11 -45.98
N TRP N 140 0.93 -10.43 -44.94
CA TRP N 140 1.61 -10.39 -43.65
C TRP N 140 0.77 -11.09 -42.59
N ILE N 141 1.44 -11.62 -41.57
CA ILE N 141 0.79 -12.31 -40.48
C ILE N 141 0.70 -11.37 -39.28
N TYR N 142 -0.35 -11.54 -38.48
CA TYR N 142 -0.58 -10.69 -37.32
C TYR N 142 0.19 -11.25 -36.13
N TYR N 143 1.11 -10.45 -35.58
CA TYR N 143 1.91 -10.82 -34.42
C TYR N 143 1.77 -9.75 -33.36
N LYS N 144 1.55 -10.16 -32.11
CA LYS N 144 1.41 -9.24 -31.00
C LYS N 144 2.75 -9.08 -30.27
N ASP N 145 2.77 -8.15 -29.33
CA ASP N 145 3.98 -7.87 -28.56
C ASP N 145 4.11 -8.78 -27.34
N GLN N 146 3.00 -9.21 -26.75
CA GLN N 146 3.02 -10.09 -25.58
C GLN N 146 2.91 -11.56 -25.95
N THR N 147 3.60 -11.99 -27.02
CA THR N 147 3.57 -13.37 -27.48
C THR N 147 5.01 -13.78 -27.77
N GLY N 148 5.70 -14.28 -26.75
CA GLY N 148 7.08 -14.71 -26.90
C GLY N 148 7.20 -16.20 -27.17
N ASN N 149 6.24 -16.73 -27.93
CA ASN N 149 6.24 -18.16 -28.27
C ASN N 149 5.40 -18.33 -29.53
N ASN N 150 5.11 -19.58 -29.87
CA ASN N 150 4.31 -19.90 -31.05
C ASN N 150 2.82 -19.94 -30.72
N ARG N 151 2.33 -18.91 -30.04
CA ARG N 151 0.93 -18.84 -29.67
C ARG N 151 0.07 -18.56 -30.89
N VAL N 152 -1.14 -19.10 -30.88
CA VAL N 152 -2.10 -18.94 -31.96
C VAL N 152 -3.47 -18.62 -31.36
N PHE N 153 -4.23 -17.79 -32.08
CA PHE N 153 -5.56 -17.42 -31.61
C PHE N 153 -6.46 -18.64 -31.54
N TYR N 154 -7.45 -18.57 -30.63
CA TYR N 154 -8.37 -19.67 -30.42
C TYR N 154 -9.61 -19.51 -31.29
N GLY N 155 -10.53 -18.64 -30.88
CA GLY N 155 -11.75 -18.42 -31.62
C GLY N 155 -12.99 -18.65 -30.78
N ASN N 156 -13.56 -19.84 -30.86
CA ASN N 156 -14.77 -20.19 -30.12
C ASN N 156 -15.00 -21.69 -30.28
N SER N 157 -16.10 -22.16 -29.69
CA SER N 157 -16.46 -23.58 -29.78
C SER N 157 -17.94 -23.78 -29.47
N ASP N 158 -18.76 -22.77 -29.81
CA ASP N 158 -20.19 -22.85 -29.57
C ASP N 158 -20.86 -21.69 -30.30
N ARG N 159 -22.02 -21.96 -30.89
CA ARG N 159 -22.75 -20.91 -31.60
C ARG N 159 -23.25 -19.83 -30.67
N THR N 160 -23.53 -20.18 -29.41
CA THR N 160 -24.00 -19.19 -28.44
C THR N 160 -22.87 -18.39 -27.82
N SER N 161 -21.68 -18.97 -27.74
CA SER N 161 -20.54 -18.28 -27.14
C SER N 161 -20.15 -17.08 -28.00
N THR N 162 -19.56 -16.07 -27.35
CA THR N 162 -19.11 -14.85 -28.00
C THR N 162 -17.74 -14.47 -27.47
N VAL N 163 -16.78 -15.39 -27.58
CA VAL N 163 -15.42 -15.16 -27.12
C VAL N 163 -14.75 -14.15 -28.05
N GLN N 164 -14.65 -12.90 -27.59
CA GLN N 164 -14.05 -11.84 -28.39
C GLN N 164 -12.53 -11.81 -28.17
N ASN N 165 -11.85 -11.05 -29.01
CA ASN N 165 -10.39 -10.88 -28.95
C ASN N 165 -10.09 -9.40 -29.07
N LEU N 166 -10.05 -8.71 -27.92
CA LEU N 166 -9.79 -7.28 -27.91
C LEU N 166 -8.35 -7.02 -28.35
N LEU N 167 -8.19 -6.44 -29.55
CA LEU N 167 -6.88 -6.13 -30.09
C LEU N 167 -6.57 -4.67 -29.79
N ARG N 168 -5.96 -4.43 -28.63
CA ARG N 168 -5.63 -3.08 -28.20
C ARG N 168 -4.63 -2.43 -29.16
N PRO N 169 -3.58 -3.13 -29.59
CA PRO N 169 -2.62 -2.51 -30.52
C PRO N 169 -3.31 -2.02 -31.78
N PRO N 170 -3.30 -0.71 -32.04
CA PRO N 170 -3.93 -0.21 -33.26
C PRO N 170 -3.28 -0.81 -34.50
N ILE N 171 -4.12 -1.14 -35.49
CA ILE N 171 -3.67 -1.72 -36.75
C ILE N 171 -4.18 -0.83 -37.88
N ILE N 172 -3.27 -0.06 -38.48
CA ILE N 172 -3.60 0.84 -39.57
C ILE N 172 -3.50 0.02 -40.87
N SER N 173 -4.64 -0.48 -41.33
CA SER N 173 -4.69 -1.29 -42.54
C SER N 173 -6.08 -1.17 -43.14
N ARG N 174 -6.37 -2.01 -44.13
CA ARG N 174 -7.68 -2.00 -44.79
C ARG N 174 -8.15 -3.43 -45.06
N PHE N 175 -7.40 -4.17 -45.87
CA PHE N 175 -7.75 -5.54 -46.19
C PHE N 175 -7.32 -6.48 -45.07
N ILE N 176 -8.21 -7.40 -44.71
CA ILE N 176 -7.95 -8.38 -43.65
C ILE N 176 -8.41 -9.74 -44.13
N ARG N 177 -7.63 -10.77 -43.81
CA ARG N 177 -7.94 -12.13 -44.19
C ARG N 177 -7.62 -13.06 -43.02
N LEU N 178 -8.12 -14.30 -43.12
CA LEU N 178 -7.90 -15.31 -42.08
C LEU N 178 -7.36 -16.58 -42.73
N ILE N 179 -6.42 -17.21 -42.04
CA ILE N 179 -5.80 -18.45 -42.52
C ILE N 179 -6.13 -19.57 -41.54
N PRO N 180 -7.35 -20.11 -41.57
CA PRO N 180 -7.71 -21.19 -40.65
C PRO N 180 -6.96 -22.47 -40.97
N LEU N 181 -6.17 -22.94 -40.01
CA LEU N 181 -5.40 -24.17 -40.19
C LEU N 181 -6.18 -25.42 -39.83
N GLY N 182 -7.27 -25.30 -39.08
CA GLY N 182 -8.07 -26.44 -38.69
C GLY N 182 -9.52 -26.07 -38.54
N TRP N 183 -10.34 -27.11 -38.37
CA TRP N 183 -11.79 -26.93 -38.22
C TRP N 183 -12.38 -28.24 -37.73
N HIS N 184 -13.67 -28.20 -37.42
CA HIS N 184 -14.35 -29.39 -36.91
C HIS N 184 -14.80 -30.30 -38.06
N VAL N 185 -15.55 -29.76 -39.01
CA VAL N 185 -16.00 -30.52 -40.17
C VAL N 185 -15.87 -29.65 -41.41
N ARG N 186 -16.37 -28.42 -41.33
CA ARG N 186 -16.28 -27.48 -42.44
C ARG N 186 -16.16 -26.07 -41.89
N ILE N 187 -15.45 -25.22 -42.63
CA ILE N 187 -15.24 -23.84 -42.20
C ILE N 187 -16.57 -23.09 -42.32
N ALA N 188 -17.05 -22.56 -41.20
CA ALA N 188 -18.30 -21.83 -41.19
C ALA N 188 -18.33 -20.94 -39.94
N ILE N 189 -18.27 -19.63 -40.14
CA ILE N 189 -18.28 -18.68 -39.03
C ILE N 189 -18.77 -17.34 -39.56
N ARG N 190 -19.68 -16.71 -38.82
CA ARG N 190 -20.23 -15.41 -39.20
C ARG N 190 -19.32 -14.33 -38.63
N MET N 191 -18.26 -14.03 -39.37
CA MET N 191 -17.31 -13.02 -38.93
C MET N 191 -17.97 -11.64 -38.87
N GLU N 192 -17.28 -10.71 -38.20
CA GLU N 192 -17.78 -9.36 -38.07
C GLU N 192 -16.66 -8.43 -37.60
N LEU N 193 -15.94 -7.84 -38.53
CA LEU N 193 -14.84 -6.94 -38.19
C LEU N 193 -15.37 -5.71 -37.45
N LEU N 194 -14.44 -5.02 -36.78
CA LEU N 194 -14.76 -3.82 -36.01
C LEU N 194 -13.85 -2.69 -36.48
N GLU N 195 -14.46 -1.61 -36.95
CA GLU N 195 -13.73 -0.44 -37.42
C GLU N 195 -13.80 0.68 -36.40
N CYS N 196 -12.86 1.61 -36.51
CA CYS N 196 -12.81 2.75 -35.59
C CYS N 196 -13.72 3.87 -36.07
N CYS O 40 8.57 2.80 -33.93
CA CYS O 40 7.96 3.00 -32.63
C CYS O 40 7.00 1.85 -32.32
N PRO O 41 6.64 1.69 -31.04
CA PRO O 41 5.73 0.59 -30.67
C PRO O 41 4.44 0.59 -31.47
N TYR O 42 4.52 0.16 -32.74
CA TYR O 42 3.37 0.08 -33.61
C TYR O 42 3.57 -1.10 -34.56
N HIS O 43 2.54 -1.34 -35.38
CA HIS O 43 2.56 -2.43 -36.36
C HIS O 43 2.68 -1.81 -37.75
N LYS O 44 3.91 -1.44 -38.12
CA LYS O 44 4.20 -0.82 -39.41
C LYS O 44 5.55 -1.33 -39.91
N PRO O 45 5.64 -2.63 -40.23
CA PRO O 45 6.91 -3.19 -40.69
C PRO O 45 7.26 -2.72 -42.10
N LEU O 46 8.42 -3.13 -42.60
CA LEU O 46 8.85 -2.78 -43.95
C LEU O 46 8.06 -3.61 -44.96
N GLY O 47 8.52 -3.61 -46.21
CA GLY O 47 7.85 -4.35 -47.26
C GLY O 47 8.79 -5.17 -48.11
N PHE O 48 9.25 -6.30 -47.57
CA PHE O 48 10.12 -7.19 -48.33
C PHE O 48 9.35 -8.12 -49.25
N GLU O 49 8.14 -8.51 -48.85
CA GLU O 49 7.32 -9.40 -49.68
C GLU O 49 6.87 -8.73 -50.97
N SER O 50 6.82 -7.40 -51.00
CA SER O 50 6.39 -6.70 -52.21
C SER O 50 7.34 -6.98 -53.37
N GLY O 51 8.65 -6.94 -53.11
CA GLY O 51 9.64 -7.18 -54.13
C GLY O 51 9.93 -6.00 -55.03
N GLU O 52 9.18 -4.89 -54.89
CA GLU O 52 9.42 -3.72 -55.74
C GLU O 52 10.79 -3.10 -55.50
N VAL O 53 11.37 -3.30 -54.31
CA VAL O 53 12.68 -2.73 -54.02
C VAL O 53 13.71 -3.32 -54.96
N THR O 54 14.62 -2.47 -55.43
CA THR O 54 15.66 -2.91 -56.34
C THR O 54 16.71 -3.73 -55.59
N PRO O 55 17.42 -4.62 -56.29
CA PRO O 55 18.45 -5.43 -55.61
C PRO O 55 19.68 -4.64 -55.23
N ASP O 56 19.81 -3.38 -55.65
CA ASP O 56 21.00 -2.61 -55.30
C ASP O 56 21.07 -2.35 -53.80
N GLN O 57 19.93 -2.27 -53.13
CA GLN O 57 19.94 -2.02 -51.69
C GLN O 57 20.42 -3.25 -50.93
N ILE O 58 19.90 -4.42 -51.27
CA ILE O 58 20.28 -5.66 -50.60
C ILE O 58 21.64 -6.10 -51.13
N THR O 59 22.70 -5.57 -50.54
CA THR O 59 24.06 -5.90 -50.95
C THR O 59 24.58 -7.09 -50.15
N CYS O 60 25.32 -7.97 -50.82
CA CYS O 60 25.88 -9.15 -50.18
C CYS O 60 27.19 -9.49 -50.87
N SER O 61 27.78 -10.62 -50.47
CA SER O 61 29.05 -11.08 -51.01
C SER O 61 29.02 -12.61 -51.12
N ASN O 62 28.08 -13.12 -51.93
CA ASN O 62 27.93 -14.56 -52.14
C ASN O 62 27.56 -14.80 -53.61
N PRO O 63 28.52 -14.68 -54.51
CA PRO O 63 28.23 -14.92 -55.93
C PRO O 63 27.70 -16.32 -56.16
N GLU O 64 26.46 -16.38 -56.66
CA GLU O 64 25.84 -17.68 -56.92
C GLU O 64 26.27 -18.24 -58.27
N GLN O 65 26.39 -17.39 -59.28
CA GLN O 65 26.82 -17.82 -60.62
C GLN O 65 27.78 -16.81 -61.20
N TYR O 66 28.74 -16.35 -60.39
CA TYR O 66 29.74 -15.36 -60.79
C TYR O 66 29.14 -14.28 -61.69
N VAL O 67 27.94 -13.82 -61.35
CA VAL O 67 27.29 -12.79 -62.15
C VAL O 67 27.82 -11.41 -61.77
N GLY O 68 27.95 -11.14 -60.47
CA GLY O 68 28.45 -9.87 -60.02
C GLY O 68 29.02 -9.92 -58.61
N TRP O 69 29.16 -8.76 -57.97
CA TRP O 69 29.69 -8.69 -56.61
C TRP O 69 28.75 -7.92 -55.69
N TYR O 70 27.90 -7.07 -56.28
CA TYR O 70 26.94 -6.30 -55.49
C TYR O 70 25.98 -7.22 -54.77
N SER O 71 25.00 -7.77 -55.50
CA SER O 71 24.00 -8.66 -54.93
C SER O 71 24.05 -10.01 -55.65
N SER O 72 23.27 -10.95 -55.12
CA SER O 72 23.20 -12.29 -55.69
C SER O 72 21.89 -12.97 -55.31
N TRP O 73 21.66 -13.15 -54.01
CA TRP O 73 20.42 -13.78 -53.56
C TRP O 73 19.28 -12.77 -53.51
N THR O 74 19.57 -11.53 -53.12
CA THR O 74 18.57 -10.48 -52.98
C THR O 74 17.27 -11.00 -52.39
N ALA O 75 16.15 -10.34 -52.72
CA ALA O 75 14.83 -10.74 -52.23
C ALA O 75 14.14 -11.72 -53.16
N ASN O 76 14.89 -12.54 -53.89
CA ASN O 76 14.28 -13.51 -54.81
C ASN O 76 13.79 -14.74 -54.06
N LYS O 77 14.57 -15.23 -53.09
CA LYS O 77 14.22 -16.41 -52.31
C LYS O 77 14.39 -16.14 -50.82
N ALA O 78 14.09 -14.92 -50.38
CA ALA O 78 14.22 -14.55 -48.96
C ALA O 78 13.25 -13.40 -48.69
N ARG O 79 11.99 -13.75 -48.41
CA ARG O 79 10.95 -12.78 -48.13
C ARG O 79 10.10 -13.29 -46.99
N LEU O 80 9.16 -12.46 -46.54
CA LEU O 80 8.27 -12.82 -45.45
C LEU O 80 7.27 -13.87 -45.93
N ASN O 81 7.58 -15.14 -45.65
CA ASN O 81 6.72 -16.24 -46.08
C ASN O 81 6.52 -16.23 -47.58
N SER O 82 7.40 -16.90 -48.31
CA SER O 82 7.33 -16.98 -49.77
C SER O 82 7.51 -18.44 -50.18
N GLN O 83 6.45 -19.04 -50.69
CA GLN O 83 6.52 -20.44 -51.12
C GLN O 83 7.40 -20.57 -52.36
N GLY O 84 8.23 -21.61 -52.38
CA GLY O 84 9.11 -21.85 -53.49
C GLY O 84 10.27 -22.73 -53.07
N PHE O 85 11.31 -22.73 -53.91
CA PHE O 85 12.50 -23.53 -53.65
C PHE O 85 13.21 -23.04 -52.40
N GLY O 86 13.76 -21.82 -52.45
CA GLY O 86 14.45 -21.26 -51.32
C GLY O 86 13.52 -20.54 -50.36
N CYS O 87 13.24 -21.16 -49.21
CA CYS O 87 12.34 -20.56 -48.24
C CYS O 87 12.98 -19.39 -47.49
N ALA O 88 14.32 -19.35 -47.44
CA ALA O 88 15.02 -18.27 -46.76
C ALA O 88 16.36 -18.06 -47.44
N TRP O 89 17.20 -17.20 -46.86
CA TRP O 89 18.51 -16.90 -47.41
C TRP O 89 19.53 -17.88 -46.83
N LEU O 90 20.12 -18.69 -47.69
CA LEU O 90 21.12 -19.67 -47.27
C LEU O 90 22.52 -19.06 -47.31
N SER O 91 23.48 -19.81 -46.78
CA SER O 91 24.87 -19.37 -46.73
C SER O 91 25.76 -20.57 -47.01
N LYS O 92 26.68 -20.41 -47.96
CA LYS O 92 27.60 -21.50 -48.32
C LYS O 92 28.81 -21.51 -47.39
N PHE O 93 29.70 -20.52 -47.53
CA PHE O 93 30.89 -20.45 -46.70
C PHE O 93 30.50 -20.10 -45.27
N GLN O 94 31.23 -20.69 -44.31
CA GLN O 94 30.98 -20.44 -42.89
C GLN O 94 31.67 -19.14 -42.47
N ASP O 95 31.08 -18.03 -42.93
CA ASP O 95 31.62 -16.71 -42.63
C ASP O 95 31.14 -16.26 -41.25
N SER O 96 32.09 -16.00 -40.35
CA SER O 96 31.74 -15.57 -39.00
C SER O 96 31.29 -14.11 -38.98
N SER O 97 32.07 -13.22 -39.59
CA SER O 97 31.73 -11.80 -39.63
C SER O 97 30.82 -11.53 -40.83
N GLN O 98 29.61 -12.09 -40.75
CA GLN O 98 28.63 -11.94 -41.80
C GLN O 98 27.91 -10.60 -41.67
N TRP O 99 27.58 -10.02 -42.82
CA TRP O 99 26.90 -8.73 -42.87
C TRP O 99 25.89 -8.73 -44.00
N LEU O 100 24.92 -7.83 -43.91
CA LEU O 100 23.87 -7.71 -44.93
C LEU O 100 23.34 -6.29 -44.90
N GLN O 101 23.71 -5.50 -45.90
CA GLN O 101 23.27 -4.11 -45.97
C GLN O 101 21.76 -4.04 -46.16
N ILE O 102 21.13 -3.10 -45.48
CA ILE O 102 19.68 -2.90 -45.55
C ILE O 102 19.46 -1.39 -45.69
N ASP O 103 19.41 -0.91 -46.92
CA ASP O 103 19.21 0.51 -47.19
C ASP O 103 17.72 0.83 -47.18
N LEU O 104 17.29 1.66 -46.23
CA LEU O 104 15.90 2.06 -46.11
C LEU O 104 15.63 3.27 -47.00
N LYS O 105 14.38 3.73 -46.98
CA LYS O 105 14.00 4.89 -47.78
C LYS O 105 14.63 6.17 -47.24
N GLU O 106 14.62 6.34 -45.92
CA GLU O 106 15.19 7.52 -45.29
C GLU O 106 15.45 7.18 -43.82
N ILE O 107 15.97 8.17 -43.08
CA ILE O 107 16.26 7.97 -41.67
C ILE O 107 14.96 7.89 -40.89
N LYS O 108 14.80 6.82 -40.13
CA LYS O 108 13.60 6.60 -39.32
C LYS O 108 14.00 6.00 -37.99
N VAL O 109 13.05 6.00 -37.05
CA VAL O 109 13.27 5.45 -35.70
C VAL O 109 12.86 3.99 -35.75
N ILE O 110 13.85 3.10 -35.75
CA ILE O 110 13.61 1.66 -35.77
C ILE O 110 13.55 1.15 -34.35
N SER O 111 12.58 0.28 -34.08
CA SER O 111 12.40 -0.29 -32.74
C SER O 111 11.73 -1.64 -32.87
N GLY O 112 12.42 -2.70 -32.46
CA GLY O 112 11.88 -4.04 -32.52
C GLY O 112 12.25 -4.74 -33.82
N ILE O 113 12.12 -6.08 -33.79
CA ILE O 113 12.44 -6.90 -34.94
C ILE O 113 11.86 -8.28 -34.70
N LEU O 114 11.25 -8.85 -35.74
CA LEU O 114 10.67 -10.18 -35.64
C LEU O 114 11.74 -11.26 -35.76
N THR O 115 11.36 -12.49 -35.42
CA THR O 115 12.26 -13.63 -35.48
C THR O 115 11.51 -14.84 -36.01
N GLN O 116 12.09 -15.51 -37.00
CA GLN O 116 11.49 -16.70 -37.59
C GLN O 116 12.59 -17.73 -37.80
N GLY O 117 12.24 -18.83 -38.49
CA GLY O 117 13.17 -19.91 -38.77
C GLY O 117 13.13 -20.29 -40.23
N HIS O 118 13.38 -21.57 -40.49
CA HIS O 118 13.39 -22.10 -41.85
C HIS O 118 12.65 -23.43 -41.87
N CYS O 119 11.80 -23.61 -42.87
CA CYS O 119 11.02 -24.83 -43.00
C CYS O 119 11.90 -25.98 -43.49
N ASP O 120 11.30 -27.16 -43.62
CA ASP O 120 12.02 -28.35 -44.08
C ASP O 120 13.23 -28.63 -43.19
N ILE O 121 14.33 -27.91 -43.41
CA ILE O 121 15.54 -28.06 -42.63
C ILE O 121 15.55 -26.97 -41.58
N ASP O 122 15.31 -27.34 -40.32
CA ASP O 122 15.27 -26.36 -39.25
C ASP O 122 16.63 -25.72 -39.05
N GLU O 123 16.66 -24.38 -39.06
CA GLU O 123 17.88 -23.63 -38.86
C GLU O 123 17.57 -22.40 -38.02
N TRP O 124 18.51 -22.04 -37.14
CA TRP O 124 18.33 -20.90 -36.25
C TRP O 124 19.68 -20.43 -35.76
N MET O 125 19.73 -19.18 -35.33
CA MET O 125 20.95 -18.58 -34.81
C MET O 125 21.02 -18.78 -33.29
N THR O 126 22.08 -18.26 -32.68
CA THR O 126 22.27 -18.37 -31.24
C THR O 126 22.76 -17.05 -30.66
N LYS O 127 23.67 -16.38 -31.36
CA LYS O 127 24.23 -15.12 -30.90
C LYS O 127 24.39 -14.18 -32.08
N TYR O 128 24.13 -12.89 -31.85
CA TYR O 128 24.26 -11.87 -32.88
C TYR O 128 24.31 -10.51 -32.20
N SER O 129 24.43 -9.46 -33.02
CA SER O 129 24.50 -8.10 -32.50
C SER O 129 24.00 -7.15 -33.57
N VAL O 130 23.13 -6.23 -33.17
CA VAL O 130 22.57 -5.24 -34.09
C VAL O 130 23.56 -4.09 -34.25
N GLN O 131 23.57 -3.49 -35.44
CA GLN O 131 24.45 -2.37 -35.74
C GLN O 131 23.65 -1.25 -36.37
N TYR O 132 24.23 -0.05 -36.36
CA TYR O 132 23.58 1.13 -36.93
C TYR O 132 24.65 2.16 -37.24
N ARG O 133 24.47 2.87 -38.35
CA ARG O 133 25.41 3.90 -38.79
C ARG O 133 24.63 5.04 -39.41
N THR O 134 25.36 6.07 -39.86
CA THR O 134 24.75 7.24 -40.47
C THR O 134 25.55 7.70 -41.68
N ASP O 135 26.82 8.05 -41.48
CA ASP O 135 27.65 8.54 -42.57
C ASP O 135 28.10 7.43 -43.52
N GLU O 136 27.74 6.18 -43.25
CA GLU O 136 28.11 5.06 -44.12
C GLU O 136 29.62 4.88 -44.20
N ARG O 137 30.34 5.24 -43.15
CA ARG O 137 31.79 5.15 -43.10
C ARG O 137 32.25 4.67 -41.74
N LEU O 138 31.52 3.74 -41.14
CA LEU O 138 31.86 3.21 -39.83
C LEU O 138 30.89 2.07 -39.51
N ASN O 139 31.12 1.42 -38.37
CA ASN O 139 30.26 0.33 -37.93
C ASN O 139 30.20 0.35 -36.41
N TRP O 140 29.00 0.53 -35.86
CA TRP O 140 28.79 0.60 -34.43
C TRP O 140 27.98 -0.61 -33.97
N ILE O 141 28.17 -0.99 -32.71
CA ILE O 141 27.47 -2.11 -32.11
C ILE O 141 26.34 -1.57 -31.24
N TYR O 142 25.26 -2.34 -31.15
CA TYR O 142 24.09 -1.94 -30.38
C TYR O 142 24.29 -2.34 -28.92
N TYR O 143 24.27 -1.35 -28.03
CA TYR O 143 24.41 -1.58 -26.59
C TYR O 143 23.25 -0.91 -25.88
N LYS O 144 22.64 -1.63 -24.93
CA LYS O 144 21.53 -1.11 -24.16
C LYS O 144 22.02 -0.53 -22.83
N ASP O 145 21.09 0.09 -22.11
CA ASP O 145 21.42 0.71 -20.82
C ASP O 145 21.32 -0.29 -19.67
N GLN O 146 20.43 -1.27 -19.76
CA GLN O 146 20.25 -2.26 -18.70
C GLN O 146 21.07 -3.52 -18.95
N THR O 147 22.30 -3.39 -19.42
CA THR O 147 23.19 -4.51 -19.71
C THR O 147 24.56 -4.18 -19.12
N GLY O 148 24.75 -4.52 -17.84
CA GLY O 148 26.01 -4.28 -17.17
C GLY O 148 26.94 -5.46 -17.21
N ASN O 149 26.91 -6.20 -18.32
CA ASN O 149 27.77 -7.37 -18.49
C ASN O 149 27.91 -7.63 -19.99
N ASN O 150 28.48 -8.79 -20.34
CA ASN O 150 28.67 -9.18 -21.73
C ASN O 150 27.47 -9.93 -22.28
N ARG O 151 26.28 -9.37 -22.07
CA ARG O 151 25.06 -10.00 -22.54
C ARG O 151 24.95 -9.88 -24.05
N VAL O 152 24.34 -10.89 -24.67
CA VAL O 152 24.15 -10.93 -26.11
C VAL O 152 22.73 -11.38 -26.40
N PHE O 153 22.16 -10.84 -27.48
CA PHE O 153 20.80 -11.19 -27.87
C PHE O 153 20.71 -12.67 -28.21
N TYR O 154 19.52 -13.23 -28.01
CA TYR O 154 19.27 -14.65 -28.26
C TYR O 154 18.77 -14.87 -29.68
N GLY O 155 17.48 -14.60 -29.91
CA GLY O 155 16.88 -14.78 -31.22
C GLY O 155 15.67 -15.70 -31.17
N ASN O 156 15.88 -16.98 -31.48
CA ASN O 156 14.79 -17.96 -31.49
C ASN O 156 15.43 -19.35 -31.63
N SER O 157 14.57 -20.36 -31.72
CA SER O 157 15.03 -21.73 -31.88
C SER O 157 13.91 -22.61 -32.43
N ASP O 158 13.04 -22.03 -33.24
CA ASP O 158 11.92 -22.76 -33.83
C ASP O 158 11.27 -21.88 -34.90
N ARG O 159 10.89 -22.51 -36.01
CA ARG O 159 10.26 -21.76 -37.09
C ARG O 159 8.90 -21.22 -36.68
N THR O 160 8.21 -21.90 -35.75
CA THR O 160 6.90 -21.45 -35.31
C THR O 160 7.00 -20.38 -34.23
N SER O 161 8.08 -20.38 -33.45
CA SER O 161 8.24 -19.41 -32.39
C SER O 161 8.39 -18.00 -32.97
N THR O 162 8.00 -17.01 -32.18
CA THR O 162 8.07 -15.60 -32.58
C THR O 162 8.59 -14.77 -31.41
N VAL O 163 9.77 -15.14 -30.90
CA VAL O 163 10.38 -14.44 -29.79
C VAL O 163 10.86 -13.07 -30.26
N GLN O 164 10.10 -12.03 -29.94
CA GLN O 164 10.44 -10.67 -30.34
C GLN O 164 11.38 -10.04 -29.32
N ASN O 165 11.95 -8.89 -29.70
CA ASN O 165 12.87 -8.13 -28.85
C ASN O 165 12.44 -6.66 -28.91
N LEU O 166 11.55 -6.29 -28.00
CA LEU O 166 11.04 -4.91 -27.95
C LEU O 166 12.17 -3.97 -27.55
N LEU O 167 12.62 -3.16 -28.50
CA LEU O 167 13.70 -2.19 -28.25
C LEU O 167 13.05 -0.84 -27.95
N ARG O 168 12.78 -0.60 -26.67
CA ARG O 168 12.15 0.64 -26.23
C ARG O 168 13.05 1.84 -26.53
N PRO O 169 14.34 1.77 -26.26
CA PRO O 169 15.22 2.92 -26.54
C PRO O 169 15.16 3.30 -28.00
N PRO O 170 14.66 4.50 -28.33
CA PRO O 170 14.62 4.93 -29.73
C PRO O 170 16.01 4.95 -30.35
N ILE O 171 16.09 4.50 -31.60
CA ILE O 171 17.34 4.44 -32.35
C ILE O 171 17.14 5.24 -33.63
N ILE O 172 17.74 6.43 -33.69
CA ILE O 172 17.64 7.29 -34.86
C ILE O 172 18.76 6.88 -35.81
N SER O 173 18.45 6.04 -36.79
CA SER O 173 19.43 5.56 -37.75
C SER O 173 18.69 5.19 -39.02
N ARG O 174 19.40 4.52 -39.94
CA ARG O 174 18.83 4.10 -41.20
C ARG O 174 19.30 2.70 -41.57
N PHE O 175 20.61 2.55 -41.77
CA PHE O 175 21.18 1.25 -42.12
C PHE O 175 21.34 0.39 -40.88
N ILE O 176 20.97 -0.88 -40.99
CA ILE O 176 21.06 -1.84 -39.89
C ILE O 176 21.64 -3.13 -40.43
N ARG O 177 22.51 -3.77 -39.65
CA ARG O 177 23.14 -5.01 -40.03
C ARG O 177 23.19 -5.93 -38.82
N LEU O 178 23.49 -7.20 -39.06
CA LEU O 178 23.58 -8.21 -38.02
C LEU O 178 24.90 -8.95 -38.14
N ILE O 179 25.51 -9.25 -36.99
CA ILE O 179 26.78 -9.95 -36.94
C ILE O 179 26.57 -11.28 -36.23
N PRO O 180 25.98 -12.28 -36.89
CA PRO O 180 25.75 -13.57 -36.22
C PRO O 180 27.07 -14.29 -35.98
N LEU O 181 27.35 -14.58 -34.71
CA LEU O 181 28.58 -15.27 -34.33
C LEU O 181 28.44 -16.78 -34.36
N GLY O 182 27.21 -17.30 -34.37
CA GLY O 182 26.99 -18.74 -34.38
C GLY O 182 25.71 -19.08 -35.09
N TRP O 183 25.52 -20.38 -35.32
CA TRP O 183 24.34 -20.88 -36.00
C TRP O 183 24.29 -22.39 -35.82
N HIS O 184 23.19 -22.99 -36.28
CA HIS O 184 23.01 -24.43 -36.14
C HIS O 184 23.73 -25.18 -37.26
N VAL O 185 23.42 -24.84 -38.52
CA VAL O 185 24.07 -25.47 -39.67
C VAL O 185 24.40 -24.39 -40.69
N ARG O 186 23.41 -23.55 -41.02
CA ARG O 186 23.61 -22.46 -41.95
C ARG O 186 22.74 -21.28 -41.54
N ILE O 187 23.22 -20.08 -41.83
CA ILE O 187 22.49 -18.86 -41.48
C ILE O 187 21.26 -18.76 -42.37
N ALA O 188 20.08 -18.74 -41.74
CA ALA O 188 18.82 -18.64 -42.50
C ALA O 188 17.76 -18.14 -41.54
N ILE O 189 17.27 -16.92 -41.78
CA ILE O 189 16.23 -16.32 -40.95
C ILE O 189 15.52 -15.24 -41.77
N ARG O 190 14.20 -15.25 -41.71
CA ARG O 190 13.38 -14.28 -42.44
C ARG O 190 13.22 -13.04 -41.55
N MET O 191 14.21 -12.16 -41.59
CA MET O 191 14.18 -10.96 -40.79
C MET O 191 13.03 -10.05 -41.21
N GLU O 192 12.73 -9.07 -40.36
CA GLU O 192 11.65 -8.13 -40.63
C GLU O 192 11.75 -6.93 -39.70
N LEU O 193 12.48 -5.90 -40.12
CA LEU O 193 12.64 -4.71 -39.30
C LEU O 193 11.31 -4.01 -39.08
N LEU O 194 11.28 -3.15 -38.06
CA LEU O 194 10.09 -2.39 -37.71
C LEU O 194 10.44 -0.91 -37.69
N GLU O 195 9.74 -0.12 -38.49
CA GLU O 195 9.96 1.32 -38.58
C GLU O 195 8.84 2.05 -37.85
N CYS O 196 9.11 3.31 -37.50
CA CYS O 196 8.13 4.13 -36.81
C CYS O 196 7.20 4.81 -37.81
N CYS P 40 22.42 13.16 -23.61
CA CYS P 40 21.21 12.81 -22.89
C CYS P 40 20.91 11.31 -23.06
N PRO P 41 20.06 10.75 -22.20
CA PRO P 41 19.75 9.32 -22.30
C PRO P 41 19.25 8.92 -23.68
N TYR P 42 20.18 8.83 -24.64
CA TYR P 42 19.85 8.43 -26.00
C TYR P 42 21.04 7.69 -26.58
N HIS P 43 20.87 7.19 -27.81
CA HIS P 43 21.91 6.44 -28.52
C HIS P 43 22.42 7.32 -29.66
N LYS P 44 23.31 8.25 -29.32
CA LYS P 44 23.91 9.17 -30.28
C LYS P 44 25.37 9.40 -29.91
N PRO P 45 26.19 8.37 -30.01
CA PRO P 45 27.62 8.52 -29.65
C PRO P 45 28.36 9.34 -30.70
N LEU P 46 29.63 9.61 -30.39
CA LEU P 46 30.48 10.36 -31.30
C LEU P 46 30.88 9.49 -32.48
N GLY P 47 31.74 10.03 -33.33
CA GLY P 47 32.20 9.32 -34.52
C GLY P 47 33.70 9.19 -34.59
N PHE P 48 34.27 8.28 -33.81
CA PHE P 48 35.71 8.04 -33.85
C PHE P 48 36.09 7.09 -34.98
N GLU P 49 35.23 6.12 -35.29
CA GLU P 49 35.53 5.17 -36.36
C GLU P 49 35.57 5.83 -37.72
N SER P 50 34.90 6.97 -37.90
CA SER P 50 34.90 7.64 -39.19
C SER P 50 36.31 8.06 -39.60
N GLY P 51 37.07 8.61 -38.65
CA GLY P 51 38.43 9.05 -38.93
C GLY P 51 38.53 10.39 -39.63
N GLU P 52 37.42 11.01 -40.00
CA GLU P 52 37.47 12.30 -40.67
C GLU P 52 38.01 13.40 -39.76
N VAL P 53 37.89 13.23 -38.43
CA VAL P 53 38.40 14.25 -37.51
C VAL P 53 39.91 14.38 -37.68
N THR P 54 40.40 15.61 -37.63
CA THR P 54 41.82 15.86 -37.78
C THR P 54 42.57 15.46 -36.51
N PRO P 55 43.85 15.13 -36.63
CA PRO P 55 44.62 14.72 -35.44
C PRO P 55 44.92 15.87 -34.49
N ASP P 56 44.64 17.12 -34.87
CA ASP P 56 44.92 18.25 -33.99
C ASP P 56 44.08 18.20 -32.73
N GLN P 57 42.87 17.63 -32.81
CA GLN P 57 42.01 17.56 -31.64
C GLN P 57 42.54 16.53 -30.63
N ILE P 58 42.90 15.34 -31.11
CA ILE P 58 43.42 14.29 -30.25
C ILE P 58 44.86 14.61 -29.89
N THR P 59 45.06 15.42 -28.86
CA THR P 59 46.40 15.81 -28.41
C THR P 59 46.90 14.82 -27.36
N CYS P 60 48.19 14.51 -27.44
CA CYS P 60 48.82 13.59 -26.51
C CYS P 60 50.27 14.00 -26.32
N SER P 61 51.02 13.19 -25.58
CA SER P 61 52.42 13.45 -25.29
C SER P 61 53.18 12.12 -25.27
N ASN P 62 53.19 11.44 -26.41
CA ASN P 62 53.88 10.15 -26.56
C ASN P 62 54.48 10.08 -27.96
N PRO P 63 55.59 10.79 -28.19
CA PRO P 63 56.24 10.76 -29.50
C PRO P 63 56.64 9.34 -29.87
N GLU P 64 56.05 8.84 -30.97
CA GLU P 64 56.36 7.49 -31.44
C GLU P 64 57.64 7.46 -32.25
N GLN P 65 57.86 8.47 -33.10
CA GLN P 65 59.05 8.55 -33.94
C GLN P 65 59.57 9.98 -33.97
N TYR P 66 59.60 10.63 -32.80
CA TYR P 66 60.05 12.02 -32.66
C TYR P 66 59.58 12.89 -33.82
N VAL P 67 58.32 12.70 -34.25
CA VAL P 67 57.79 13.49 -35.35
C VAL P 67 57.31 14.84 -34.85
N GLY P 68 56.60 14.87 -33.73
CA GLY P 68 56.11 16.12 -33.17
C GLY P 68 55.80 16.02 -31.69
N TRP P 69 55.02 16.97 -31.18
CA TRP P 69 54.66 16.98 -29.77
C TRP P 69 53.14 17.06 -29.59
N TYR P 70 52.45 17.55 -30.62
CA TYR P 70 51.00 17.65 -30.56
C TYR P 70 50.37 16.27 -30.41
N SER P 71 50.32 15.52 -31.51
CA SER P 71 49.74 14.18 -31.53
C SER P 71 50.78 13.17 -31.98
N SER P 72 50.41 11.89 -31.90
CA SER P 72 51.30 10.81 -32.30
C SER P 72 50.49 9.57 -32.66
N TRP P 73 49.73 9.03 -31.70
CA TRP P 73 48.92 7.86 -31.95
C TRP P 73 47.60 8.22 -32.62
N THR P 74 47.01 9.36 -32.24
CA THR P 74 45.73 9.82 -32.77
C THR P 74 44.76 8.68 -32.96
N ALA P 75 43.82 8.83 -33.91
CA ALA P 75 42.82 7.81 -34.19
C ALA P 75 43.27 6.83 -35.28
N ASN P 76 44.58 6.59 -35.39
CA ASN P 76 45.08 5.67 -36.41
C ASN P 76 44.94 4.22 -35.97
N LYS P 77 45.22 3.94 -34.69
CA LYS P 77 45.12 2.59 -34.15
C LYS P 77 44.34 2.59 -32.84
N ALA P 78 43.32 3.44 -32.73
CA ALA P 78 42.50 3.52 -31.51
C ALA P 78 41.13 4.05 -31.93
N ARG P 79 40.26 3.14 -32.36
CA ARG P 79 38.91 3.48 -32.79
C ARG P 79 37.95 2.41 -32.26
N LEU P 80 36.65 2.64 -32.49
CA LEU P 80 35.62 1.71 -32.04
C LEU P 80 35.67 0.47 -32.91
N ASN P 81 36.34 -0.57 -32.42
CA ASN P 81 36.48 -1.82 -33.15
C ASN P 81 37.12 -1.59 -34.51
N SER P 82 38.45 -1.65 -34.57
CA SER P 82 39.19 -1.44 -35.81
C SER P 82 40.23 -2.55 -35.94
N GLN P 83 40.02 -3.44 -36.90
CA GLN P 83 40.96 -4.54 -37.10
C GLN P 83 42.29 -4.02 -37.63
N GLY P 84 43.38 -4.57 -37.10
CA GLY P 84 44.71 -4.16 -37.52
C GLY P 84 45.73 -4.52 -36.45
N PHE P 85 46.90 -3.89 -36.57
CA PHE P 85 47.99 -4.12 -35.64
C PHE P 85 47.60 -3.63 -34.24
N GLY P 86 47.45 -2.33 -34.08
CA GLY P 86 47.07 -1.76 -32.80
C GLY P 86 45.58 -1.74 -32.58
N CYS P 87 45.07 -2.64 -31.73
CA CYS P 87 43.64 -2.71 -31.48
C CYS P 87 43.16 -1.56 -30.60
N ALA P 88 44.05 -0.95 -29.82
CA ALA P 88 43.69 0.16 -28.95
C ALA P 88 44.90 1.07 -28.79
N TRP P 89 44.77 2.07 -27.92
CA TRP P 89 45.85 3.02 -27.67
C TRP P 89 46.73 2.49 -26.54
N LEU P 90 47.99 2.21 -26.86
CA LEU P 90 48.93 1.70 -25.88
C LEU P 90 49.66 2.85 -25.19
N SER P 91 50.42 2.51 -24.15
CA SER P 91 51.18 3.48 -23.39
C SER P 91 52.53 2.88 -23.02
N LYS P 92 53.60 3.62 -23.31
CA LYS P 92 54.94 3.14 -23.01
C LYS P 92 55.32 3.47 -21.57
N PHE P 93 55.56 4.75 -21.28
CA PHE P 93 55.93 5.15 -19.94
C PHE P 93 54.75 5.01 -18.98
N GLN P 94 55.04 4.61 -17.74
CA GLN P 94 54.01 4.44 -16.72
C GLN P 94 53.67 5.79 -16.11
N ASP P 95 52.96 6.59 -16.90
CA ASP P 95 52.55 7.92 -16.47
C ASP P 95 51.29 7.82 -15.62
N SER P 96 51.36 8.28 -14.37
CA SER P 96 50.22 8.22 -13.48
C SER P 96 49.19 9.30 -13.84
N SER P 97 49.63 10.55 -13.98
CA SER P 97 48.73 11.65 -14.32
C SER P 97 48.58 11.73 -15.84
N GLN P 98 47.96 10.70 -16.39
CA GLN P 98 47.74 10.62 -17.82
C GLN P 98 46.53 11.45 -18.22
N TRP P 99 46.60 12.07 -19.40
CA TRP P 99 45.53 12.90 -19.92
C TRP P 99 45.41 12.69 -21.42
N LEU P 100 44.26 13.04 -21.96
CA LEU P 100 43.98 12.89 -23.39
C LEU P 100 42.91 13.91 -23.77
N GLN P 101 43.32 14.96 -24.46
CA GLN P 101 42.38 16.00 -24.87
C GLN P 101 41.39 15.44 -25.88
N ILE P 102 40.12 15.84 -25.73
CA ILE P 102 39.05 15.41 -26.63
C ILE P 102 38.25 16.65 -26.98
N ASP P 103 38.62 17.31 -28.06
CA ASP P 103 37.94 18.53 -28.50
C ASP P 103 36.73 18.16 -29.35
N LEU P 104 35.54 18.51 -28.87
CA LEU P 104 34.30 18.22 -29.57
C LEU P 104 33.99 19.35 -30.56
N LYS P 105 32.87 19.20 -31.27
CA LYS P 105 32.49 20.22 -32.25
C LYS P 105 32.03 21.49 -31.55
N GLU P 106 31.26 21.37 -30.47
CA GLU P 106 30.76 22.52 -29.73
C GLU P 106 30.35 22.03 -28.34
N ILE P 107 29.87 22.97 -27.53
CA ILE P 107 29.44 22.63 -26.17
C ILE P 107 28.14 21.83 -26.24
N LYS P 108 28.14 20.67 -25.62
CA LYS P 108 26.98 19.79 -25.59
C LYS P 108 26.86 19.15 -24.21
N VAL P 109 25.69 18.55 -23.96
CA VAL P 109 25.41 17.90 -22.69
C VAL P 109 25.83 16.45 -22.83
N ILE P 110 26.96 16.10 -22.21
CA ILE P 110 27.49 14.73 -22.25
C ILE P 110 26.94 13.97 -21.05
N SER P 111 26.53 12.73 -21.30
CA SER P 111 25.98 11.88 -20.24
C SER P 111 26.21 10.43 -20.62
N GLY P 112 26.98 9.72 -19.80
CA GLY P 112 27.28 8.32 -20.05
C GLY P 112 28.55 8.13 -20.86
N ILE P 113 29.07 6.91 -20.80
CA ILE P 113 30.30 6.56 -21.51
C ILE P 113 30.42 5.04 -21.52
N LEU P 114 30.79 4.49 -22.67
CA LEU P 114 30.95 3.06 -22.81
C LEU P 114 32.29 2.61 -22.23
N THR P 115 32.44 1.30 -22.06
CA THR P 115 33.65 0.70 -21.51
C THR P 115 33.96 -0.58 -22.27
N GLN P 116 35.21 -0.71 -22.70
CA GLN P 116 35.66 -1.88 -23.44
C GLN P 116 37.04 -2.28 -22.93
N GLY P 117 37.66 -3.24 -23.60
CA GLY P 117 38.98 -3.73 -23.22
C GLY P 117 39.90 -3.77 -24.43
N HIS P 118 40.82 -4.74 -24.41
CA HIS P 118 41.79 -4.92 -25.47
C HIS P 118 41.91 -6.40 -25.79
N CYS P 119 41.92 -6.73 -27.09
CA CYS P 119 42.01 -8.11 -27.52
C CYS P 119 43.44 -8.63 -27.34
N ASP P 120 43.65 -9.89 -27.69
CA ASP P 120 44.95 -10.52 -27.58
C ASP P 120 45.48 -10.43 -26.14
N ILE P 121 46.03 -9.28 -25.78
CA ILE P 121 46.57 -9.03 -24.45
C ILE P 121 45.49 -8.29 -23.66
N ASP P 122 44.87 -8.98 -22.72
CA ASP P 122 43.80 -8.37 -21.93
C ASP P 122 44.36 -7.25 -21.07
N GLU P 123 43.74 -6.08 -21.17
CA GLU P 123 44.15 -4.92 -20.38
C GLU P 123 42.91 -4.14 -19.96
N TRP P 124 42.94 -3.61 -18.74
CA TRP P 124 41.81 -2.87 -18.21
C TRP P 124 42.29 -1.96 -17.09
N MET P 125 41.50 -0.93 -16.80
CA MET P 125 41.82 0.00 -15.74
C MET P 125 41.17 -0.45 -14.43
N THR P 126 41.35 0.36 -13.38
CA THR P 126 40.79 0.05 -12.08
C THR P 126 40.20 1.29 -11.43
N LYS P 127 40.90 2.42 -11.55
CA LYS P 127 40.46 3.67 -10.97
C LYS P 127 40.74 4.81 -11.93
N TYR P 128 39.82 5.77 -11.99
CA TYR P 128 39.96 6.93 -12.86
C TYR P 128 39.00 8.02 -12.37
N SER P 129 39.01 9.15 -13.06
CA SER P 129 38.14 10.27 -12.72
C SER P 129 37.89 11.10 -13.95
N VAL P 130 36.63 11.45 -14.18
CA VAL P 130 36.25 12.25 -15.33
C VAL P 130 36.47 13.73 -15.01
N GLN P 131 36.82 14.50 -16.03
CA GLN P 131 37.07 15.93 -15.89
C GLN P 131 36.30 16.69 -16.95
N TYR P 132 36.13 17.99 -16.72
CA TYR P 132 35.41 18.86 -17.65
C TYR P 132 35.83 20.30 -17.39
N ARG P 133 35.94 21.07 -18.47
CA ARG P 133 36.35 22.46 -18.39
C ARG P 133 35.58 23.26 -19.43
N THR P 134 35.85 24.56 -19.48
CA THR P 134 35.18 25.45 -20.42
C THR P 134 36.16 26.45 -21.03
N ASP P 135 36.77 27.27 -20.19
CA ASP P 135 37.71 28.28 -20.66
C ASP P 135 39.04 27.71 -21.10
N GLU P 136 39.25 26.40 -20.98
CA GLU P 136 40.49 25.75 -21.41
C GLU P 136 41.69 26.28 -20.63
N ARG P 137 41.47 26.69 -19.38
CA ARG P 137 42.53 27.23 -18.54
C ARG P 137 42.37 26.74 -17.11
N LEU P 138 41.98 25.48 -16.94
CA LEU P 138 41.80 24.89 -15.63
C LEU P 138 41.49 23.41 -15.81
N ASN P 139 41.36 22.70 -14.68
CA ASN P 139 41.05 21.27 -14.70
C ASN P 139 40.20 20.96 -13.48
N TRP P 140 38.98 20.48 -13.71
CA TRP P 140 38.05 20.15 -12.64
C TRP P 140 37.81 18.64 -12.61
N ILE P 141 37.47 18.13 -11.42
CA ILE P 141 37.20 16.72 -11.23
C ILE P 141 35.69 16.53 -11.18
N TYR P 142 35.23 15.35 -11.63
CA TYR P 142 33.82 15.04 -11.67
C TYR P 142 33.38 14.47 -10.33
N TYR P 143 32.43 15.14 -9.69
CA TYR P 143 31.90 14.72 -8.40
C TYR P 143 30.38 14.65 -8.50
N LYS P 144 29.81 13.57 -7.99
CA LYS P 144 28.37 13.37 -8.01
C LYS P 144 27.75 13.81 -6.69
N ASP P 145 26.42 13.82 -6.65
CA ASP P 145 25.69 14.23 -5.45
C ASP P 145 25.48 13.09 -4.47
N GLN P 146 25.38 11.85 -4.96
CA GLN P 146 25.17 10.68 -4.11
C GLN P 146 26.48 9.99 -3.76
N THR P 147 27.53 10.75 -3.47
CA THR P 147 28.85 10.20 -3.13
C THR P 147 29.35 10.96 -1.91
N GLY P 148 28.98 10.48 -0.71
CA GLY P 148 29.41 11.11 0.51
C GLY P 148 30.66 10.48 1.09
N ASN P 149 31.57 10.06 0.22
CA ASN P 149 32.82 9.44 0.64
C ASN P 149 33.82 9.58 -0.50
N ASN P 150 34.95 8.89 -0.38
CA ASN P 150 36.01 8.92 -1.39
C ASN P 150 35.79 7.85 -2.46
N ARG P 151 34.57 7.77 -2.97
CA ARG P 151 34.25 6.79 -3.99
C ARG P 151 34.91 7.16 -5.32
N VAL P 152 35.27 6.14 -6.10
CA VAL P 152 35.91 6.32 -7.38
C VAL P 152 35.27 5.36 -8.38
N PHE P 153 35.17 5.81 -9.63
CA PHE P 153 34.58 4.99 -10.68
C PHE P 153 35.41 3.73 -10.90
N TYR P 154 34.73 2.67 -11.34
CA TYR P 154 35.37 1.38 -11.56
C TYR P 154 35.84 1.26 -13.01
N GLY P 155 34.92 0.97 -13.92
CA GLY P 155 35.25 0.81 -15.32
C GLY P 155 34.81 -0.52 -15.88
N ASN P 156 35.73 -1.49 -15.92
CA ASN P 156 35.43 -2.82 -16.44
C ASN P 156 36.61 -3.73 -16.11
N SER P 157 36.53 -4.97 -16.57
CA SER P 157 37.59 -5.94 -16.35
C SER P 157 37.50 -7.08 -17.35
N ASP P 158 37.02 -6.78 -18.56
CA ASP P 158 36.89 -7.79 -19.60
C ASP P 158 36.56 -7.09 -20.90
N ARG P 159 37.18 -7.57 -22.00
CA ARG P 159 36.93 -6.96 -23.30
C ARG P 159 35.48 -7.17 -23.75
N THR P 160 34.84 -8.26 -23.32
CA THR P 160 33.47 -8.53 -23.71
C THR P 160 32.47 -7.78 -22.85
N SER P 161 32.83 -7.47 -21.60
CA SER P 161 31.93 -6.75 -20.71
C SER P 161 31.67 -5.35 -21.23
N THR P 162 30.51 -4.80 -20.88
CA THR P 162 30.10 -3.47 -21.28
C THR P 162 29.46 -2.75 -20.08
N VAL P 163 30.22 -2.66 -18.98
CA VAL P 163 29.73 -2.01 -17.77
C VAL P 163 29.67 -0.51 -18.01
N GLN P 164 28.46 0.01 -18.25
CA GLN P 164 28.27 1.43 -18.50
C GLN P 164 28.11 2.19 -17.18
N ASN P 165 28.16 3.52 -17.28
CA ASN P 165 28.01 4.41 -16.14
C ASN P 165 27.04 5.51 -16.53
N LEU P 166 25.76 5.28 -16.31
CA LEU P 166 24.72 6.24 -16.66
C LEU P 166 24.86 7.48 -15.78
N LEU P 167 25.29 8.59 -16.37
CA LEU P 167 25.46 9.85 -15.65
C LEU P 167 24.20 10.69 -15.86
N ARG P 168 23.23 10.51 -14.98
CA ARG P 168 21.97 11.24 -15.07
C ARG P 168 22.19 12.74 -14.92
N PRO P 169 23.01 13.20 -13.97
CA PRO P 169 23.21 14.64 -13.81
C PRO P 169 23.75 15.25 -15.09
N PRO P 170 23.00 16.16 -15.72
CA PRO P 170 23.51 16.80 -16.95
C PRO P 170 24.80 17.55 -16.69
N ILE P 171 25.72 17.45 -17.64
CA ILE P 171 27.02 18.09 -17.56
C ILE P 171 27.18 18.97 -18.80
N ILE P 172 27.06 20.28 -18.62
CA ILE P 172 27.19 21.23 -19.72
C ILE P 172 28.67 21.57 -19.84
N SER P 173 29.36 20.89 -20.76
CA SER P 173 30.78 21.10 -20.98
C SER P 173 31.10 20.71 -22.41
N ARG P 174 32.40 20.63 -22.72
CA ARG P 174 32.85 20.27 -24.06
C ARG P 174 34.05 19.33 -23.98
N PHE P 175 35.15 19.80 -23.42
CA PHE P 175 36.35 18.98 -23.29
C PHE P 175 36.23 18.05 -22.09
N ILE P 176 36.62 16.79 -22.29
CA ILE P 176 36.58 15.77 -21.25
C ILE P 176 37.89 14.99 -21.28
N ARG P 177 38.39 14.68 -20.09
CA ARG P 177 39.63 13.92 -19.95
C ARG P 177 39.47 12.90 -18.84
N LEU P 178 40.41 11.96 -18.79
CA LEU P 178 40.41 10.90 -17.79
C LEU P 178 41.76 10.86 -17.09
N ILE P 179 41.74 10.64 -15.78
CA ILE P 179 42.95 10.56 -14.98
C ILE P 179 43.07 9.15 -14.40
N PRO P 180 43.47 8.15 -15.19
CA PRO P 180 43.58 6.78 -14.66
C PRO P 180 44.73 6.68 -13.67
N LEU P 181 44.40 6.29 -12.44
CA LEU P 181 45.40 6.15 -11.39
C LEU P 181 46.03 4.76 -11.36
N GLY P 182 45.41 3.77 -12.00
CA GLY P 182 45.95 2.43 -12.02
C GLY P 182 45.57 1.72 -13.30
N TRP P 183 46.17 0.54 -13.50
CA TRP P 183 45.93 -0.27 -14.67
C TRP P 183 46.52 -1.66 -14.42
N HIS P 184 46.26 -2.57 -15.36
CA HIS P 184 46.75 -3.94 -15.24
C HIS P 184 48.20 -4.06 -15.70
N VAL P 185 48.48 -3.63 -16.94
CA VAL P 185 49.83 -3.66 -17.49
C VAL P 185 50.08 -2.36 -18.24
N ARG P 186 49.16 -1.99 -19.12
CA ARG P 186 49.26 -0.75 -19.87
C ARG P 186 47.86 -0.19 -20.11
N ILE P 187 47.79 1.14 -20.18
CA ILE P 187 46.51 1.81 -20.39
C ILE P 187 46.05 1.55 -21.82
N ALA P 188 44.88 0.93 -21.96
CA ALA P 188 44.34 0.61 -23.28
C ALA P 188 42.84 0.39 -23.13
N ILE P 189 42.05 1.30 -23.70
CA ILE P 189 40.59 1.20 -23.63
C ILE P 189 40.00 2.00 -24.78
N ARG P 190 39.03 1.40 -25.47
CA ARG P 190 38.36 2.04 -26.60
C ARG P 190 37.21 2.87 -26.05
N MET P 191 37.51 4.08 -25.61
CA MET P 191 36.50 4.97 -25.06
C MET P 191 35.47 5.34 -26.13
N GLU P 192 34.35 5.90 -25.67
CA GLU P 192 33.28 6.31 -26.57
C GLU P 192 32.30 7.21 -25.83
N LEU P 193 32.54 8.52 -25.87
CA LEU P 193 31.67 9.47 -25.19
C LEU P 193 30.28 9.45 -25.80
N LEU P 194 29.31 9.99 -25.05
CA LEU P 194 27.92 10.06 -25.47
C LEU P 194 27.46 11.51 -25.38
N GLU P 195 27.01 12.06 -26.50
CA GLU P 195 26.52 13.42 -26.57
C GLU P 195 25.00 13.43 -26.66
N CYS P 196 24.41 14.57 -26.30
CA CYS P 196 22.96 14.73 -26.34
C CYS P 196 22.50 15.13 -27.74
#